data_9QE5
#
_entry.id   9QE5
#
_cell.length_a   94.215
_cell.length_b   94.215
_cell.length_c   366.025
_cell.angle_alpha   90.000
_cell.angle_beta   90.000
_cell.angle_gamma   90.000
#
_symmetry.space_group_name_H-M   'P 41 2 2'
#
loop_
_entity.id
_entity.type
_entity.pdbx_description
1 polymer Elongin-B
2 polymer Elongin-C
3 polymer 'von Hippel-Lindau disease tumor suppressor'
4 non-polymer (2~{S},4~{R})-1-[(2~{S})-1-(1-fluoranylcyclopropyl)carbonylpiperidin-2-yl]carbonyl-~{N}-[(1~{S})-1-[4-(4-methyl-1,3-thiazol-5-yl)phenyl]ethyl]-4-oxidanyl-pyrrolidine-2-carboxamide
5 water water
#
loop_
_entity_poly.entity_id
_entity_poly.type
_entity_poly.pdbx_seq_one_letter_code
_entity_poly.pdbx_strand_id
1 'polypeptide(L)'
;MKHHHHHHPMSDYDIPTTENLYFQGMDVFLMIRRHKTTIFTDAKESSTVFELKRIVEGILKRPPDEQRLYKDDQLLDDGK
TLGECGFTSQTARPQAPATVGLAFRADDTFEAL(CAS)IEPFSSPPELPDVMK
;
A,D,G,J
2 'polypeptide(L)'
;MMYVKLISSDGHEFIVKREHALTSGTIKAMLSGPGQFAENETNEVNFREIPSHVLSKVCMYFTYKVRYTNSSTEIPEFPI
APEIALELLMAANFLDC
;
B,E,H,K
3 'polypeptide(L)'
;MASAWSHPQFEKGGGSGGGSGGSAWSHPQFEKSGENLYFQGSHMEAGRPRPVLRSVNSREPSQVIF(CAS)NRSPRVVLP
VWLNFDGEPQPYPTLPPGTGRRIHSYRGHLWLFRDAGTHDGLLVNQTELFVPSLNVDGQPIFANITLPVYTLKERCLQVV
RSLVKPENYRRLDIVRSLYEDLEDHPNVQKDLERLTQERIAHQRMGD
;
C,F,I,L
#
# COMPACT_ATOMS: atom_id res chain seq x y z
N MET A 26 -4.45 -4.12 19.34
CA MET A 26 -4.43 -3.64 20.71
C MET A 26 -3.03 -3.63 21.29
N ASP A 27 -2.64 -2.45 21.79
CA ASP A 27 -1.45 -2.31 22.61
C ASP A 27 -1.60 -2.99 23.97
N VAL A 28 -0.56 -3.70 24.39
CA VAL A 28 -0.44 -4.20 25.75
C VAL A 28 0.79 -3.55 26.40
N PHE A 29 0.70 -3.23 27.69
CA PHE A 29 1.71 -2.46 28.41
C PHE A 29 2.38 -3.35 29.44
N LEU A 30 3.70 -3.44 29.33
CA LEU A 30 4.46 -4.44 30.06
C LEU A 30 5.55 -3.81 30.94
N MET A 31 5.87 -4.54 31.99
CA MET A 31 7.11 -4.45 32.74
C MET A 31 7.86 -5.77 32.55
N ILE A 32 9.03 -5.72 31.91
CA ILE A 32 9.89 -6.88 31.76
C ILE A 32 10.96 -6.83 32.86
N ARG A 33 10.98 -7.85 33.71
CA ARG A 33 11.67 -7.80 35.00
C ARG A 33 12.67 -8.94 35.12
N ARG A 34 13.90 -8.61 35.51
CA ARG A 34 14.93 -9.56 35.88
C ARG A 34 15.77 -8.97 37.00
N HIS A 35 15.92 -9.72 38.09
CA HIS A 35 16.76 -9.29 39.21
C HIS A 35 16.30 -7.89 39.64
N LYS A 36 17.16 -6.89 39.43
CA LYS A 36 16.84 -5.53 39.84
C LYS A 36 16.62 -4.63 38.62
N THR A 37 16.35 -5.23 37.46
CA THR A 37 16.07 -4.52 36.22
C THR A 37 14.59 -4.61 35.88
N THR A 38 13.98 -3.49 35.52
CA THR A 38 12.60 -3.45 35.04
C THR A 38 12.50 -2.56 33.81
N ILE A 39 12.11 -3.15 32.67
CA ILE A 39 11.86 -2.40 31.43
C ILE A 39 10.36 -2.14 31.29
N PHE A 40 9.98 -0.86 31.13
CA PHE A 40 8.64 -0.46 30.71
C PHE A 40 8.61 -0.34 29.20
N THR A 41 7.77 -1.15 28.56
CA THR A 41 7.55 -1.04 27.13
C THR A 41 6.13 -1.50 26.81
N ASP A 42 5.73 -1.26 25.57
CA ASP A 42 4.46 -1.73 25.04
C ASP A 42 4.71 -2.59 23.81
N ALA A 43 3.69 -3.38 23.46
CA ALA A 43 3.77 -4.24 22.29
C ALA A 43 2.34 -4.49 21.80
N LYS A 44 2.25 -5.03 20.59
CA LYS A 44 0.95 -5.41 20.08
C LYS A 44 0.49 -6.70 20.72
N GLU A 45 -0.81 -6.83 20.94
CA GLU A 45 -1.37 -8.11 21.38
C GLU A 45 -0.96 -9.25 20.46
N SER A 46 -0.86 -8.95 19.16
CA SER A 46 -0.58 -9.94 18.14
C SER A 46 0.91 -10.24 17.95
N SER A 47 1.80 -9.50 18.62
CA SER A 47 3.23 -9.73 18.48
C SER A 47 3.64 -10.95 19.30
N THR A 48 4.80 -11.51 18.96
CA THR A 48 5.23 -12.80 19.49
C THR A 48 6.24 -12.65 20.63
N VAL A 49 6.34 -13.72 21.43
CA VAL A 49 7.37 -13.80 22.46
C VAL A 49 8.75 -13.51 21.87
N PHE A 50 9.04 -14.07 20.69
CA PHE A 50 10.33 -13.83 20.07
C PHE A 50 10.51 -12.35 19.77
N GLU A 51 9.47 -11.70 19.27
CA GLU A 51 9.57 -10.29 18.94
C GLU A 51 9.80 -9.45 20.19
N LEU A 52 9.25 -9.88 21.32
CA LEU A 52 9.54 -9.22 22.59
C LEU A 52 10.99 -9.41 23.00
N LYS A 53 11.55 -10.57 22.70
CA LYS A 53 12.98 -10.80 22.95
C LYS A 53 13.83 -9.86 22.10
N ARG A 54 13.40 -9.59 20.88
CA ARG A 54 14.11 -8.61 20.05
C ARG A 54 14.09 -7.23 20.71
N ILE A 55 12.94 -6.84 21.27
CA ILE A 55 12.89 -5.59 22.05
C ILE A 55 13.95 -5.64 23.14
N VAL A 56 13.96 -6.72 23.92
CA VAL A 56 14.87 -6.80 25.04
C VAL A 56 16.32 -6.79 24.55
N GLU A 57 16.57 -7.40 23.39
CA GLU A 57 17.91 -7.42 22.82
C GLU A 57 18.40 -6.00 22.54
N GLY A 58 17.55 -5.19 21.89
CA GLY A 58 17.91 -3.81 21.62
C GLY A 58 18.33 -3.04 22.85
N ILE A 59 17.75 -3.38 24.00
CA ILE A 59 17.93 -2.63 25.24
C ILE A 59 19.05 -3.22 26.08
N LEU A 60 19.01 -4.52 26.31
CA LEU A 60 19.89 -5.17 27.27
C LEU A 60 21.05 -5.89 26.59
N LYS A 61 21.10 -5.88 25.25
CA LYS A 61 22.22 -6.40 24.46
C LYS A 61 22.46 -7.89 24.70
N ARG A 62 21.39 -8.67 24.77
CA ARG A 62 21.45 -10.12 24.87
C ARG A 62 20.53 -10.70 23.80
N PRO A 63 21.02 -11.62 22.95
CA PRO A 63 20.21 -12.07 21.81
C PRO A 63 19.00 -12.88 22.29
N PRO A 64 17.95 -12.97 21.46
CA PRO A 64 16.75 -13.75 21.83
C PRO A 64 17.05 -15.12 22.39
N ASP A 65 18.00 -15.78 21.76
CA ASP A 65 18.39 -17.14 22.04
C ASP A 65 19.14 -17.29 23.36
N GLU A 66 19.56 -16.19 23.99
CA GLU A 66 20.14 -16.18 25.32
C GLU A 66 19.14 -15.70 26.37
N GLN A 67 17.85 -15.67 26.00
CA GLN A 67 16.77 -15.14 26.81
C GLN A 67 15.67 -16.17 27.02
N ARG A 68 15.16 -16.27 28.25
CA ARG A 68 13.87 -16.88 28.51
C ARG A 68 12.90 -15.84 29.11
N LEU A 69 11.65 -15.88 28.64
CA LEU A 69 10.57 -15.03 29.13
C LEU A 69 9.49 -15.87 29.78
N TYR A 70 8.94 -15.34 30.88
CA TYR A 70 7.99 -16.05 31.72
C TYR A 70 6.71 -15.23 31.94
N LYS A 71 5.60 -15.95 32.03
CA LYS A 71 4.38 -15.52 32.71
C LYS A 71 4.29 -16.26 34.01
N ASP A 72 4.40 -15.52 35.12
CA ASP A 72 4.55 -16.17 36.41
C ASP A 72 5.70 -17.16 36.28
N ASP A 73 5.44 -18.42 36.59
CA ASP A 73 6.50 -19.41 36.61
C ASP A 73 6.62 -20.15 35.28
N GLN A 74 5.78 -19.79 34.30
CA GLN A 74 5.60 -20.58 33.10
C GLN A 74 6.44 -20.04 31.95
N LEU A 75 7.31 -20.88 31.40
CA LEU A 75 8.13 -20.50 30.25
C LEU A 75 7.26 -20.25 29.02
N LEU A 76 7.53 -19.15 28.31
CA LEU A 76 6.79 -18.80 27.12
C LEU A 76 7.54 -19.21 25.85
N ASP A 77 6.77 -19.70 24.86
CA ASP A 77 7.29 -20.14 23.58
C ASP A 77 7.44 -19.00 22.59
N ASP A 78 8.62 -18.93 21.95
CA ASP A 78 8.95 -17.88 20.99
C ASP A 78 7.82 -17.56 20.03
N GLY A 79 7.15 -18.57 19.49
CA GLY A 79 6.27 -18.31 18.37
C GLY A 79 4.86 -17.87 18.74
N LYS A 80 4.55 -17.91 20.02
CA LYS A 80 3.21 -17.57 20.47
C LYS A 80 3.05 -16.05 20.58
N THR A 81 1.83 -15.60 20.33
CA THR A 81 1.47 -14.21 20.54
C THR A 81 1.29 -13.89 22.02
N LEU A 82 1.45 -12.58 22.31
CA LEU A 82 1.30 -12.10 23.68
C LEU A 82 -0.12 -12.32 24.16
N GLY A 83 -1.09 -12.12 23.27
CA GLY A 83 -2.48 -12.40 23.59
C GLY A 83 -2.71 -13.83 24.06
N GLU A 84 -2.17 -14.80 23.29
CA GLU A 84 -2.32 -16.22 23.66
C GLU A 84 -1.65 -16.53 24.99
N CYS A 85 -0.61 -15.78 25.34
CA CYS A 85 0.08 -15.91 26.63
C CYS A 85 -0.61 -15.13 27.74
N GLY A 86 -1.72 -14.47 27.44
CA GLY A 86 -2.54 -13.85 28.46
C GLY A 86 -2.25 -12.40 28.75
N PHE A 87 -1.52 -11.73 27.87
CA PHE A 87 -1.33 -10.28 27.90
C PHE A 87 -2.37 -9.66 26.98
N THR A 88 -3.41 -9.07 27.56
CA THR A 88 -4.51 -8.45 26.85
C THR A 88 -4.67 -7.01 27.32
N SER A 89 -5.38 -6.20 26.52
CA SER A 89 -5.70 -4.84 26.93
C SER A 89 -6.36 -4.79 28.30
N GLN A 90 -7.16 -5.80 28.65
CA GLN A 90 -7.83 -5.78 29.95
C GLN A 90 -6.82 -5.92 31.08
N THR A 91 -5.76 -6.72 30.89
CA THR A 91 -4.89 -7.15 31.97
C THR A 91 -3.54 -6.46 31.96
N ALA A 92 -3.23 -5.68 30.93
CA ALA A 92 -1.89 -5.13 30.70
C ALA A 92 -2.09 -3.66 30.35
N ARG A 93 -2.46 -2.86 31.35
CA ARG A 93 -2.92 -1.50 31.20
C ARG A 93 -1.79 -0.51 31.45
N PRO A 94 -1.89 0.68 30.85
CA PRO A 94 -0.82 1.70 31.05
C PRO A 94 -0.51 1.94 32.51
N GLN A 95 -1.52 2.05 33.35
CA GLN A 95 -1.37 2.40 34.75
C GLN A 95 -1.18 1.17 35.62
N ALA A 96 -1.23 -0.02 35.02
CA ALA A 96 -1.06 -1.28 35.75
C ALA A 96 -0.52 -2.33 34.79
N PRO A 97 0.74 -2.18 34.36
CA PRO A 97 1.27 -3.05 33.30
C PRO A 97 1.48 -4.47 33.79
N ALA A 98 1.44 -5.41 32.85
CA ALA A 98 1.65 -6.80 33.20
C ALA A 98 3.14 -7.10 33.26
N THR A 99 3.52 -8.03 34.13
CA THR A 99 4.92 -8.40 34.34
C THR A 99 5.32 -9.59 33.49
N VAL A 100 6.38 -9.44 32.71
CA VAL A 100 7.08 -10.55 32.07
C VAL A 100 8.38 -10.82 32.81
N GLY A 101 8.56 -12.05 33.29
CA GLY A 101 9.84 -12.46 33.87
C GLY A 101 10.91 -12.73 32.80
N LEU A 102 12.15 -12.35 33.12
CA LEU A 102 13.26 -12.56 32.20
C LEU A 102 14.41 -13.27 32.92
N ALA A 103 14.92 -14.34 32.29
CA ALA A 103 16.12 -15.06 32.72
C ALA A 103 17.12 -15.14 31.57
N PHE A 104 18.40 -14.93 31.88
CA PHE A 104 19.48 -15.02 30.92
C PHE A 104 20.17 -16.39 30.99
N ARG A 105 20.61 -16.88 29.83
CA ARG A 105 21.54 -18.01 29.78
C ARG A 105 22.96 -17.51 30.04
N ALA A 106 23.46 -17.78 31.24
CA ALA A 106 24.84 -17.44 31.61
C ALA A 106 25.78 -18.44 30.94
N ASP A 107 26.43 -18.00 29.85
CA ASP A 107 27.43 -18.77 29.12
C ASP A 107 26.85 -20.05 28.52
N ASP A 108 26.76 -21.10 29.34
CA ASP A 108 26.23 -22.41 28.93
C ASP A 108 24.72 -22.49 29.16
N THR A 109 24.29 -22.29 30.41
CA THR A 109 23.00 -22.74 30.91
C THR A 109 22.25 -21.55 31.49
N PHE A 110 20.94 -21.70 31.66
CA PHE A 110 20.08 -20.60 32.11
C PHE A 110 20.08 -20.49 33.62
N GLU A 111 20.23 -19.26 34.13
CA GLU A 111 19.93 -18.99 35.53
C GLU A 111 18.45 -19.26 35.81
N ALA A 112 18.15 -19.57 37.08
CA ALA A 112 16.76 -19.60 37.52
C ALA A 112 16.18 -18.19 37.42
N LEU A 113 14.90 -18.11 37.04
CA LEU A 113 14.16 -16.85 37.10
C LEU A 113 14.22 -16.23 38.49
N ILE A 115 13.59 -12.35 40.54
CA ILE A 115 13.10 -10.97 40.45
C ILE A 115 13.05 -10.35 41.84
N GLU A 116 13.86 -9.32 42.08
CA GLU A 116 13.79 -8.62 43.36
C GLU A 116 12.50 -7.84 43.52
N PRO A 117 11.80 -8.02 44.64
CA PRO A 117 10.62 -7.19 44.92
C PRO A 117 11.03 -5.75 45.12
N PHE A 118 10.09 -4.85 44.85
CA PHE A 118 10.28 -3.47 45.23
C PHE A 118 10.32 -3.35 46.76
N SER A 119 10.90 -2.25 47.23
CA SER A 119 10.86 -1.88 48.63
C SER A 119 9.44 -1.85 49.20
N SER A 120 9.34 -1.98 50.52
CA SER A 120 8.11 -1.95 51.31
C SER A 120 7.77 -0.52 51.70
N PRO A 121 6.52 -0.09 51.53
CA PRO A 121 6.12 1.21 52.05
C PRO A 121 6.23 1.25 53.56
N PRO A 122 6.44 2.43 54.14
CA PRO A 122 6.31 2.55 55.60
C PRO A 122 4.88 2.36 56.05
N GLU A 123 4.76 2.19 57.36
CA GLU A 123 3.48 2.19 58.05
C GLU A 123 2.68 3.44 57.73
N LEU A 124 1.37 3.27 57.49
CA LEU A 124 0.50 4.44 57.46
C LEU A 124 0.70 5.27 58.72
N PRO A 125 0.90 6.58 58.59
CA PRO A 125 0.82 7.45 59.76
C PRO A 125 -0.55 7.37 60.42
N ASP A 126 -0.57 7.70 61.72
CA ASP A 126 -1.82 7.64 62.47
C ASP A 126 -2.90 8.47 61.78
N VAL A 127 -2.56 9.70 61.39
CA VAL A 127 -3.55 10.63 60.87
C VAL A 127 -4.08 10.22 59.50
N MET A 128 -3.50 9.17 58.91
CA MET A 128 -3.99 8.64 57.65
C MET A 128 -4.76 7.34 57.80
N LYS A 129 -4.53 6.59 58.88
CA LYS A 129 -5.28 5.37 59.12
C LYS A 129 -6.76 5.67 59.41
N MET B 1 13.15 2.76 19.79
CA MET B 1 13.17 3.85 20.77
C MET B 1 14.53 3.90 21.48
N MET B 2 15.09 5.11 21.55
CA MET B 2 16.10 5.43 22.56
C MET B 2 15.46 5.27 23.94
N TYR B 3 16.14 4.56 24.85
CA TYR B 3 15.80 4.43 26.27
C TYR B 3 16.75 5.16 27.20
N VAL B 4 16.27 5.45 28.43
CA VAL B 4 17.10 5.98 29.52
C VAL B 4 16.84 5.11 30.74
N LYS B 5 17.82 5.09 31.66
CA LYS B 5 17.73 4.34 32.91
C LYS B 5 17.52 5.25 34.12
N LEU B 6 16.48 4.97 34.90
CA LEU B 6 16.23 5.68 36.16
C LEU B 6 16.45 4.71 37.33
N ILE B 7 17.36 5.08 38.23
CA ILE B 7 17.76 4.20 39.34
C ILE B 7 17.26 4.76 40.66
N SER B 8 16.49 3.93 41.38
CA SER B 8 15.93 4.28 42.66
C SER B 8 17.01 4.28 43.75
N SER B 9 16.61 4.73 44.95
CA SER B 9 17.53 4.81 46.06
C SER B 9 18.04 3.42 46.49
N ASP B 10 17.21 2.39 46.34
CA ASP B 10 17.56 1.01 46.66
C ASP B 10 18.15 0.23 45.48
N GLY B 11 18.62 0.90 44.45
CA GLY B 11 19.33 0.25 43.36
C GLY B 11 18.48 -0.45 42.31
N HIS B 12 17.17 -0.31 42.32
CA HIS B 12 16.38 -0.87 41.23
C HIS B 12 16.56 -0.01 40.00
N GLU B 13 16.75 -0.64 38.85
CA GLU B 13 16.93 0.06 37.60
C GLU B 13 15.64 -0.04 36.77
N PHE B 14 15.04 1.11 36.50
CA PHE B 14 13.86 1.23 35.66
C PHE B 14 14.31 1.80 34.34
N ILE B 15 14.08 1.03 33.28
CA ILE B 15 14.42 1.42 31.93
C ILE B 15 13.16 1.83 31.18
N VAL B 16 13.08 3.10 30.75
CA VAL B 16 11.90 3.71 30.15
C VAL B 16 12.36 4.39 28.87
N LYS B 17 11.41 4.56 27.96
CA LYS B 17 11.64 5.39 26.78
C LYS B 17 12.12 6.79 27.14
N ARG B 18 13.12 7.24 26.39
CA ARG B 18 13.60 8.62 26.51
C ARG B 18 12.46 9.62 26.39
N GLU B 19 11.64 9.48 25.34
CA GLU B 19 10.50 10.37 25.16
C GLU B 19 9.64 10.44 26.41
N HIS B 20 9.45 9.31 27.10
CA HIS B 20 8.64 9.34 28.30
C HIS B 20 9.34 10.11 29.42
N ALA B 21 10.63 9.86 29.63
CA ALA B 21 11.31 10.50 30.75
C ALA B 21 11.38 12.03 30.60
N LEU B 22 11.49 12.56 29.38
CA LEU B 22 11.55 14.01 29.23
C LEU B 22 10.23 14.73 29.53
N THR B 23 9.12 14.00 29.71
CA THR B 23 7.94 14.62 30.33
C THR B 23 8.32 15.38 31.60
N SER B 24 9.32 14.91 32.34
CA SER B 24 9.79 15.57 33.55
C SER B 24 10.89 16.56 33.21
N GLY B 25 10.62 17.84 33.50
CA GLY B 25 11.66 18.85 33.32
C GLY B 25 12.85 18.63 34.21
N THR B 26 12.62 18.13 35.43
CA THR B 26 13.71 17.84 36.35
C THR B 26 14.63 16.75 35.78
N ILE B 27 14.05 15.65 35.27
CA ILE B 27 14.86 14.57 34.71
C ILE B 27 15.60 15.05 33.46
N LYS B 28 14.93 15.81 32.58
CA LYS B 28 15.61 16.33 31.39
C LYS B 28 16.86 17.10 31.78
N ALA B 29 16.75 17.94 32.82
CA ALA B 29 17.89 18.69 33.29
C ALA B 29 18.97 17.76 33.85
N MET B 30 18.55 16.71 34.57
CA MET B 30 19.52 15.79 35.17
C MET B 30 20.25 14.98 34.11
N LEU B 31 19.63 14.75 32.96
CA LEU B 31 20.27 13.95 31.92
C LEU B 31 21.18 14.79 31.04
N SER B 32 20.88 16.09 30.90
CA SER B 32 21.70 17.03 30.16
C SER B 32 22.59 17.89 31.07
N GLY B 33 22.77 17.49 32.32
CA GLY B 33 23.61 18.22 33.25
C GLY B 33 25.08 17.84 33.14
N THR B 42 24.32 12.18 29.21
CA THR B 42 24.19 10.88 29.86
C THR B 42 22.80 10.27 29.64
N ASN B 43 22.68 8.94 29.78
CA ASN B 43 21.38 8.28 29.69
C ASN B 43 21.02 7.46 30.94
N GLU B 44 21.62 7.71 32.08
CA GLU B 44 21.28 7.10 33.34
C GLU B 44 21.13 8.21 34.36
N VAL B 45 20.17 8.05 35.27
CA VAL B 45 19.95 8.93 36.42
C VAL B 45 19.73 8.15 37.72
N ASN B 46 20.42 8.59 38.78
CA ASN B 46 20.28 8.04 40.12
C ASN B 46 19.41 8.97 40.96
N PHE B 47 18.49 8.39 41.73
CA PHE B 47 17.63 9.13 42.65
C PHE B 47 17.92 8.64 44.06
N ARG B 48 18.79 9.38 44.77
CA ARG B 48 19.15 9.07 46.15
C ARG B 48 17.96 9.04 47.09
N GLU B 49 16.87 9.72 46.76
CA GLU B 49 15.75 9.93 47.66
C GLU B 49 14.46 9.20 47.30
N ILE B 50 14.42 8.47 46.18
CA ILE B 50 13.19 7.84 45.72
C ILE B 50 13.33 6.33 45.73
N PRO B 51 12.64 5.64 46.63
CA PRO B 51 12.70 4.16 46.63
C PRO B 51 11.92 3.55 45.47
N SER B 52 12.17 2.27 45.24
CA SER B 52 11.68 1.60 44.03
C SER B 52 10.16 1.53 44.00
N HIS B 53 9.53 1.33 45.16
CA HIS B 53 8.07 1.29 45.21
C HIS B 53 7.45 2.64 44.84
N VAL B 54 8.21 3.73 44.92
CA VAL B 54 7.72 5.02 44.47
C VAL B 54 8.08 5.26 43.01
N LEU B 55 9.34 4.97 42.65
CA LEU B 55 9.80 5.26 41.28
C LEU B 55 9.09 4.36 40.28
N SER B 56 8.78 3.12 40.67
CA SER B 56 8.01 2.23 39.81
C SER B 56 6.67 2.87 39.45
N LYS B 57 5.98 3.45 40.43
CA LYS B 57 4.71 4.12 40.17
C LYS B 57 4.89 5.33 39.26
N VAL B 58 5.96 6.11 39.48
CA VAL B 58 6.26 7.24 38.58
C VAL B 58 6.33 6.77 37.13
N CYS B 59 7.02 5.64 36.87
CA CYS B 59 7.17 5.16 35.48
C CYS B 59 5.82 4.75 34.91
N MET B 60 4.95 4.18 35.73
CA MET B 60 3.63 3.83 35.24
C MET B 60 2.87 5.08 34.84
N TYR B 61 3.08 6.17 35.59
CA TYR B 61 2.41 7.43 35.30
C TYR B 61 2.83 7.93 33.93
N PHE B 62 4.14 7.91 33.62
CA PHE B 62 4.58 8.31 32.28
C PHE B 62 3.79 7.55 31.22
N THR B 63 3.70 6.23 31.37
CA THR B 63 3.03 5.42 30.37
C THR B 63 1.56 5.85 30.28
N TYR B 64 0.92 5.98 31.46
CA TYR B 64 -0.47 6.40 31.55
C TYR B 64 -0.70 7.76 30.90
N LYS B 65 0.14 8.74 31.22
CA LYS B 65 -0.07 10.09 30.71
C LYS B 65 0.08 10.13 29.20
N VAL B 66 1.13 9.50 28.66
CA VAL B 66 1.35 9.54 27.21
C VAL B 66 0.20 8.83 26.49
N ARG B 67 -0.35 7.77 27.09
CA ARG B 67 -1.41 7.03 26.43
C ARG B 67 -2.69 7.87 26.32
N TYR B 68 -3.05 8.61 27.40
CA TYR B 68 -4.37 9.22 27.53
C TYR B 68 -4.45 10.73 27.27
N THR B 69 -3.34 11.45 27.11
CA THR B 69 -3.43 12.88 26.80
C THR B 69 -4.00 13.06 25.40
N ASN B 70 -4.99 13.95 25.27
CA ASN B 70 -5.66 14.21 24.00
C ASN B 70 -6.24 12.90 23.45
N SER B 71 -7.12 12.32 24.26
CA SER B 71 -7.79 11.07 23.94
C SER B 71 -9.28 11.27 24.20
N SER B 72 -10.10 10.93 23.20
CA SER B 72 -11.54 10.95 23.42
C SER B 72 -11.99 9.71 24.18
N THR B 73 -11.32 8.58 23.97
CA THR B 73 -11.55 7.36 24.73
C THR B 73 -11.50 7.66 26.22
N GLU B 74 -12.58 7.30 26.92
CA GLU B 74 -12.71 7.59 28.35
C GLU B 74 -11.47 7.18 29.13
N ILE B 75 -11.04 8.07 30.03
CA ILE B 75 -9.82 7.95 30.82
C ILE B 75 -10.13 7.29 32.16
N PRO B 76 -9.41 6.24 32.53
CA PRO B 76 -9.55 5.66 33.87
C PRO B 76 -8.73 6.38 34.94
N GLU B 77 -9.15 6.16 36.17
CA GLU B 77 -8.49 6.75 37.32
C GLU B 77 -7.07 6.23 37.41
N PHE B 78 -6.12 7.14 37.58
CA PHE B 78 -4.78 6.75 37.98
C PHE B 78 -4.78 6.29 39.43
N PRO B 79 -4.52 5.02 39.72
CA PRO B 79 -4.64 4.53 41.09
C PRO B 79 -3.37 4.79 41.89
N ILE B 80 -3.56 5.18 43.15
CA ILE B 80 -2.45 5.34 44.08
C ILE B 80 -2.85 4.67 45.39
N ALA B 81 -2.10 3.65 45.78
CA ALA B 81 -2.31 3.06 47.10
C ALA B 81 -2.02 4.08 48.20
N PRO B 82 -2.88 4.15 49.23
CA PRO B 82 -2.60 5.01 50.40
C PRO B 82 -1.19 4.91 50.96
N GLU B 83 -0.62 3.69 51.02
CA GLU B 83 0.62 3.47 51.75
C GLU B 83 1.76 4.26 51.14
N ILE B 84 1.68 4.53 49.84
CA ILE B 84 2.75 5.17 49.09
C ILE B 84 2.40 6.58 48.70
N ALA B 85 1.18 7.04 49.02
CA ALA B 85 0.68 8.30 48.50
C ALA B 85 1.58 9.44 48.92
N LEU B 86 1.98 9.42 50.19
CA LEU B 86 2.75 10.51 50.78
C LEU B 86 4.11 10.64 50.09
N GLU B 87 4.82 9.52 49.92
CA GLU B 87 6.13 9.56 49.28
C GLU B 87 6.02 9.92 47.81
N LEU B 88 4.97 9.44 47.14
CA LEU B 88 4.77 9.77 45.73
C LEU B 88 4.50 11.26 45.56
N LEU B 89 3.78 11.87 46.50
CA LEU B 89 3.54 13.31 46.44
C LEU B 89 4.87 14.05 46.49
N MET B 90 5.75 13.65 47.41
CA MET B 90 7.03 14.34 47.52
C MET B 90 7.86 14.14 46.26
N ALA B 91 7.80 12.94 45.67
CA ALA B 91 8.57 12.71 44.45
C ALA B 91 7.99 13.55 43.32
N ALA B 92 6.66 13.63 43.25
CA ALA B 92 6.03 14.38 42.15
C ALA B 92 6.41 15.85 42.27
N ASN B 93 6.45 16.37 43.50
CA ASN B 93 6.84 17.76 43.72
C ASN B 93 8.27 18.01 43.25
N PHE B 94 9.20 17.11 43.60
CA PHE B 94 10.59 17.25 43.16
C PHE B 94 10.71 17.13 41.65
N LEU B 95 10.02 16.16 41.06
CA LEU B 95 10.15 15.87 39.63
C LEU B 95 9.30 16.81 38.79
N ASP B 96 8.37 17.52 39.45
CA ASP B 96 7.41 18.44 38.84
C ASP B 96 6.63 17.71 37.75
N CYS B 97 6.07 16.57 38.14
CA CYS B 97 5.43 15.58 37.25
C CYS B 97 3.90 15.66 37.30
N PRO C 51 -19.91 40.45 35.63
CA PRO C 51 -18.81 39.52 35.35
C PRO C 51 -18.66 39.22 33.86
N VAL C 52 -17.52 38.67 33.47
CA VAL C 52 -17.26 38.37 32.07
C VAL C 52 -17.83 37.01 31.69
N LEU C 53 -17.57 35.99 32.51
CA LEU C 53 -18.13 34.66 32.31
C LEU C 53 -19.51 34.51 32.94
N ARG C 54 -20.54 34.60 32.10
CA ARG C 54 -21.92 34.49 32.54
C ARG C 54 -22.74 33.95 31.38
N SER C 55 -23.89 33.34 31.70
CA SER C 55 -24.79 32.91 30.64
C SER C 55 -25.43 34.12 29.97
N VAL C 56 -25.63 34.04 28.65
CA VAL C 56 -26.51 34.98 27.96
C VAL C 56 -27.96 34.50 28.09
N ASN C 57 -28.85 35.43 28.42
CA ASN C 57 -30.27 35.11 28.59
C ASN C 57 -30.96 35.05 27.22
N SER C 58 -30.61 34.02 26.46
CA SER C 58 -31.11 33.86 25.10
C SER C 58 -32.59 33.46 25.08
N ARG C 59 -33.03 32.66 26.05
CA ARG C 59 -34.36 32.02 26.02
C ARG C 59 -34.57 31.15 24.78
N GLU C 60 -33.49 30.62 24.19
CA GLU C 60 -33.57 29.71 23.05
C GLU C 60 -33.26 28.29 23.55
N PRO C 61 -34.26 27.45 23.75
CA PRO C 61 -34.05 26.09 24.27
C PRO C 61 -32.97 25.29 23.53
N SER C 62 -32.18 24.56 24.31
CA SER C 62 -31.20 23.63 23.74
C SER C 62 -31.23 22.36 24.58
N GLN C 63 -31.59 21.24 23.96
CA GLN C 63 -31.65 19.97 24.66
C GLN C 63 -30.24 19.39 24.74
N VAL C 64 -29.90 18.86 25.90
CA VAL C 64 -28.54 18.41 26.18
C VAL C 64 -28.62 17.08 26.92
N ILE C 65 -27.68 16.18 26.60
CA ILE C 65 -27.42 14.98 27.39
C ILE C 65 -26.14 15.19 28.20
N PHE C 66 -26.26 15.18 29.51
CA PHE C 66 -25.11 15.09 30.40
C PHE C 66 -24.66 13.65 30.54
N ASN C 68 -21.98 11.18 31.99
CA ASN C 68 -20.90 11.10 32.98
C ASN C 68 -20.03 9.85 32.74
N ARG C 69 -18.96 9.99 31.95
CA ARG C 69 -18.01 8.90 31.71
C ARG C 69 -16.82 8.96 32.64
N SER C 70 -17.06 9.24 33.91
CA SER C 70 -16.03 9.35 34.93
C SER C 70 -16.42 8.45 36.09
N PRO C 71 -15.49 8.09 36.96
CA PRO C 71 -15.84 7.37 38.18
C PRO C 71 -16.25 8.28 39.33
N ARG C 72 -16.38 9.58 39.08
CA ARG C 72 -16.71 10.52 40.11
C ARG C 72 -18.22 10.76 40.11
N VAL C 73 -18.76 11.12 41.27
CA VAL C 73 -20.07 11.77 41.34
C VAL C 73 -19.92 13.16 40.76
N VAL C 74 -20.70 13.49 39.74
CA VAL C 74 -20.53 14.76 39.04
C VAL C 74 -21.56 15.78 39.51
N LEU C 75 -21.07 17.00 39.82
CA LEU C 75 -21.86 18.19 40.09
C LEU C 75 -21.87 19.09 38.86
N PRO C 76 -23.00 19.25 38.17
CA PRO C 76 -23.07 20.27 37.13
C PRO C 76 -23.23 21.63 37.76
N VAL C 77 -22.55 22.62 37.19
CA VAL C 77 -22.60 23.97 37.70
C VAL C 77 -22.94 24.90 36.56
N TRP C 78 -24.05 25.63 36.69
CA TRP C 78 -24.51 26.60 35.73
C TRP C 78 -24.03 27.97 36.17
N LEU C 79 -23.35 28.69 35.28
CA LEU C 79 -23.04 30.10 35.53
C LEU C 79 -24.27 30.94 35.20
N ASN C 80 -24.88 31.55 36.22
CA ASN C 80 -26.16 32.23 36.02
C ASN C 80 -25.90 33.57 35.32
N PHE C 81 -26.95 34.38 35.17
CA PHE C 81 -26.85 35.58 34.33
C PHE C 81 -26.01 36.69 34.97
N ASP C 82 -25.76 36.62 36.28
CA ASP C 82 -24.81 37.51 36.94
C ASP C 82 -23.40 36.92 37.03
N GLY C 83 -23.20 35.70 36.56
CA GLY C 83 -21.92 35.05 36.67
C GLY C 83 -21.70 34.29 37.96
N GLU C 84 -22.72 34.16 38.79
CA GLU C 84 -22.61 33.40 40.03
C GLU C 84 -22.79 31.91 39.74
N PRO C 85 -21.95 31.04 40.28
CA PRO C 85 -22.12 29.60 40.04
C PRO C 85 -23.32 29.05 40.82
N GLN C 86 -24.22 28.37 40.10
CA GLN C 86 -25.37 27.73 40.72
C GLN C 86 -25.27 26.21 40.55
N PRO C 87 -25.22 25.45 41.65
CA PRO C 87 -25.22 23.99 41.56
C PRO C 87 -26.57 23.37 41.21
N TYR C 88 -26.49 22.27 40.45
CA TYR C 88 -27.59 21.46 39.96
C TYR C 88 -27.47 20.05 40.53
N PRO C 89 -28.55 19.25 40.49
CA PRO C 89 -28.47 17.87 41.01
C PRO C 89 -27.36 17.02 40.41
N THR C 90 -26.81 16.13 41.25
CA THR C 90 -25.60 15.38 40.94
C THR C 90 -25.89 14.22 40.01
N LEU C 91 -24.85 13.73 39.34
CA LEU C 91 -24.95 12.56 38.46
C LEU C 91 -24.09 11.44 39.01
N PRO C 92 -24.65 10.27 39.33
CA PRO C 92 -23.83 9.13 39.72
C PRO C 92 -22.87 8.72 38.61
N PRO C 93 -21.78 8.03 38.97
CA PRO C 93 -20.85 7.52 37.94
C PRO C 93 -21.53 6.69 36.86
N GLY C 94 -21.16 6.95 35.62
CA GLY C 94 -21.66 6.16 34.50
C GLY C 94 -23.13 6.31 34.17
N THR C 95 -23.80 7.35 34.65
CA THR C 95 -25.20 7.61 34.36
C THR C 95 -25.34 8.80 33.43
N GLY C 96 -26.50 8.89 32.78
CA GLY C 96 -26.83 9.97 31.87
C GLY C 96 -28.07 10.72 32.29
N ARG C 97 -28.30 11.93 31.77
CA ARG C 97 -29.51 12.68 32.07
C ARG C 97 -29.84 13.60 30.90
N ARG C 98 -31.08 13.53 30.41
CA ARG C 98 -31.58 14.51 29.47
C ARG C 98 -31.94 15.78 30.22
N ILE C 99 -31.41 16.92 29.77
CA ILE C 99 -31.72 18.20 30.41
C ILE C 99 -32.00 19.28 29.38
N HIS C 100 -32.84 20.22 29.80
CA HIS C 100 -33.24 21.38 29.03
C HIS C 100 -32.44 22.60 29.49
N SER C 101 -31.63 23.14 28.57
CA SER C 101 -30.82 24.31 28.83
C SER C 101 -31.10 25.31 27.73
N TYR C 102 -30.16 26.19 27.43
CA TYR C 102 -30.42 27.28 26.49
C TYR C 102 -29.13 27.61 25.77
N ARG C 103 -29.27 28.05 24.53
CA ARG C 103 -28.12 28.53 23.77
C ARG C 103 -27.40 29.63 24.54
N GLY C 104 -26.07 29.55 24.57
CA GLY C 104 -25.26 30.60 25.14
C GLY C 104 -25.07 30.50 26.64
N HIS C 105 -25.61 29.45 27.25
CA HIS C 105 -25.46 29.20 28.68
C HIS C 105 -24.12 28.54 28.96
N LEU C 106 -23.56 28.81 30.12
CA LEU C 106 -22.24 28.30 30.48
C LEU C 106 -22.36 27.26 31.59
N TRP C 107 -21.69 26.12 31.38
CA TRP C 107 -21.65 25.02 32.32
C TRP C 107 -20.20 24.61 32.56
N LEU C 108 -19.93 24.14 33.78
CA LEU C 108 -18.70 23.44 34.08
C LEU C 108 -19.07 22.32 35.04
N PHE C 109 -18.15 21.38 35.23
CA PHE C 109 -18.46 20.13 35.93
C PHE C 109 -17.36 19.80 36.91
N ARG C 110 -17.77 19.40 38.12
CA ARG C 110 -16.84 19.06 39.19
C ARG C 110 -17.20 17.72 39.82
N ASP C 111 -16.22 17.15 40.51
CA ASP C 111 -16.48 16.09 41.47
C ASP C 111 -17.34 16.64 42.60
N ALA C 112 -18.48 15.98 42.85
CA ALA C 112 -19.44 16.50 43.82
C ALA C 112 -18.84 16.51 45.23
N GLY C 113 -17.98 15.55 45.54
CA GLY C 113 -17.45 15.40 46.89
C GLY C 113 -16.29 16.33 47.19
N THR C 114 -15.40 16.53 46.21
CA THR C 114 -14.11 17.16 46.43
C THR C 114 -13.94 18.43 45.61
N HIS C 115 -14.79 18.65 44.60
CA HIS C 115 -14.72 19.74 43.63
C HIS C 115 -13.52 19.69 42.71
N ASP C 116 -12.81 18.56 42.65
CA ASP C 116 -11.83 18.34 41.58
C ASP C 116 -12.42 18.71 40.23
N GLY C 117 -11.60 19.36 39.40
CA GLY C 117 -12.05 19.72 38.07
C GLY C 117 -12.21 18.49 37.19
N LEU C 118 -13.27 18.48 36.40
CA LEU C 118 -13.52 17.48 35.37
C LEU C 118 -13.57 18.15 34.01
N LEU C 119 -13.38 17.38 32.96
CA LEU C 119 -13.53 17.89 31.60
C LEU C 119 -14.90 17.56 31.02
N VAL C 120 -15.33 18.41 30.09
CA VAL C 120 -16.53 18.20 29.29
C VAL C 120 -16.17 18.45 27.83
N ASN C 121 -16.36 17.44 26.99
CA ASN C 121 -15.90 17.49 25.60
C ASN C 121 -14.45 18.00 25.54
N GLN C 122 -13.61 17.44 26.41
CA GLN C 122 -12.16 17.66 26.45
C GLN C 122 -11.80 19.11 26.78
N THR C 123 -12.74 19.85 27.36
CA THR C 123 -12.47 21.20 27.83
C THR C 123 -13.24 21.46 29.12
N GLU C 124 -13.08 22.65 29.67
CA GLU C 124 -13.60 22.98 31.00
C GLU C 124 -15.02 23.50 30.94
N LEU C 125 -15.33 24.33 29.96
CA LEU C 125 -16.64 24.95 29.86
C LEU C 125 -17.41 24.32 28.71
N PHE C 126 -18.72 24.14 28.92
CA PHE C 126 -19.64 23.66 27.91
C PHE C 126 -20.74 24.70 27.68
N VAL C 127 -20.91 25.07 26.43
CA VAL C 127 -21.92 26.03 26.00
C VAL C 127 -22.88 25.28 25.08
N PRO C 128 -24.13 25.01 25.48
CA PRO C 128 -25.10 24.43 24.53
C PRO C 128 -25.24 25.28 23.27
N SER C 129 -25.29 24.58 22.13
CA SER C 129 -25.46 25.18 20.81
C SER C 129 -26.78 24.77 20.13
N LEU C 130 -26.92 25.21 18.87
CA LEU C 130 -28.08 24.88 18.03
C LEU C 130 -28.28 23.37 17.92
N ASN C 131 -29.51 22.94 18.17
CA ASN C 131 -29.94 21.56 17.94
C ASN C 131 -30.25 21.26 16.46
N VAL C 132 -29.54 20.31 15.86
CA VAL C 132 -29.81 19.89 14.47
C VAL C 132 -30.73 18.68 14.44
N ASP C 133 -31.84 18.80 13.71
CA ASP C 133 -32.84 17.72 13.60
C ASP C 133 -33.31 17.25 14.96
N GLY C 134 -33.55 18.21 15.86
CA GLY C 134 -34.01 17.89 17.21
C GLY C 134 -33.06 17.04 18.02
N GLN C 135 -31.81 16.91 17.58
CA GLN C 135 -30.84 16.09 18.29
C GLN C 135 -30.28 16.83 19.50
N PRO C 136 -30.37 16.25 20.70
CA PRO C 136 -29.74 16.87 21.88
C PRO C 136 -28.23 16.91 21.72
N ILE C 137 -27.61 17.90 22.35
CA ILE C 137 -26.16 18.01 22.33
C ILE C 137 -25.60 17.12 23.42
N PHE C 138 -24.63 16.27 23.06
CA PHE C 138 -23.92 15.41 23.99
C PHE C 138 -22.85 16.22 24.71
N ALA C 139 -22.93 16.22 26.04
CA ALA C 139 -21.90 16.65 26.99
C ALA C 139 -21.20 15.46 27.62
N ASN C 140 -20.04 15.12 27.06
CA ASN C 140 -19.19 14.04 27.54
C ASN C 140 -18.33 14.51 28.71
N ILE C 141 -18.60 13.99 29.91
CA ILE C 141 -17.90 14.38 31.13
C ILE C 141 -16.82 13.35 31.39
N THR C 142 -15.55 13.79 31.46
CA THR C 142 -14.42 12.87 31.57
C THR C 142 -13.43 13.33 32.63
N LEU C 143 -12.66 12.38 33.19
CA LEU C 143 -11.48 12.74 33.96
C LEU C 143 -10.48 13.48 33.07
N PRO C 144 -9.85 14.54 33.56
CA PRO C 144 -8.61 14.98 32.93
C PRO C 144 -7.47 14.03 33.24
N VAL C 145 -6.36 14.19 32.53
CA VAL C 145 -5.09 13.63 32.99
C VAL C 145 -4.56 14.57 34.07
N TYR C 146 -4.87 14.28 35.33
CA TYR C 146 -4.29 15.09 36.40
C TYR C 146 -2.76 14.94 36.39
N THR C 147 -2.07 16.01 36.80
CA THR C 147 -0.66 15.87 37.13
C THR C 147 -0.51 14.81 38.20
N LEU C 148 0.65 14.16 38.22
CA LEU C 148 0.93 13.21 39.30
C LEU C 148 0.85 13.91 40.65
N LYS C 149 1.33 15.16 40.74
CA LYS C 149 1.25 15.90 42.00
C LYS C 149 -0.20 16.11 42.43
N GLU C 150 -1.06 16.61 41.52
CA GLU C 150 -2.45 16.90 41.91
C GLU C 150 -3.15 15.61 42.30
N ARG C 151 -2.88 14.51 41.58
CA ARG C 151 -3.49 13.23 41.90
C ARG C 151 -3.08 12.77 43.29
N CYS C 152 -1.80 12.91 43.65
CA CYS C 152 -1.37 12.61 45.02
C CYS C 152 -2.09 13.50 46.03
N LEU C 153 -2.16 14.81 45.74
CA LEU C 153 -2.87 15.72 46.64
C LEU C 153 -4.30 15.28 46.85
N GLN C 154 -4.97 14.83 45.79
CA GLN C 154 -6.36 14.36 45.94
C GLN C 154 -6.43 13.22 46.93
N VAL C 155 -5.54 12.23 46.78
CA VAL C 155 -5.59 11.02 47.58
C VAL C 155 -5.26 11.34 49.03
N VAL C 156 -4.28 12.22 49.25
CA VAL C 156 -3.91 12.58 50.62
C VAL C 156 -5.04 13.34 51.30
N ARG C 157 -5.66 14.31 50.60
CA ARG C 157 -6.82 15.02 51.14
C ARG C 157 -7.96 14.07 51.47
N SER C 158 -8.13 13.01 50.69
CA SER C 158 -9.21 12.06 50.90
C SER C 158 -9.00 11.22 52.16
N LEU C 159 -7.76 11.14 52.64
CA LEU C 159 -7.38 10.25 53.74
C LEU C 159 -7.15 10.99 55.05
N VAL C 160 -6.90 12.31 55.01
CA VAL C 160 -6.43 13.09 56.15
C VAL C 160 -7.40 14.25 56.39
N LYS C 161 -7.92 14.32 57.61
CA LYS C 161 -8.75 15.46 58.00
C LYS C 161 -7.93 16.76 57.91
N PRO C 162 -8.50 17.83 57.34
CA PRO C 162 -7.73 19.07 57.14
C PRO C 162 -7.09 19.65 58.39
N GLU C 163 -7.62 19.34 59.57
CA GLU C 163 -6.96 19.73 60.82
C GLU C 163 -5.61 19.08 61.00
N ASN C 164 -5.35 17.95 60.32
CA ASN C 164 -4.17 17.14 60.54
C ASN C 164 -3.12 17.32 59.45
N TYR C 165 -3.42 18.10 58.41
CA TYR C 165 -2.45 18.34 57.35
C TYR C 165 -1.13 18.80 57.92
N ARG C 166 -1.19 19.75 58.84
CA ARG C 166 0.00 20.32 59.50
C ARG C 166 0.82 19.27 60.22
N ARG C 167 0.25 18.11 60.54
CA ARG C 167 0.96 17.06 61.25
C ARG C 167 1.69 16.11 60.30
N LEU C 168 1.47 16.22 59.00
CA LEU C 168 2.15 15.32 58.07
C LEU C 168 3.62 15.74 57.94
N ASP C 169 4.49 14.75 57.73
CA ASP C 169 5.93 14.99 57.63
C ASP C 169 6.30 15.29 56.18
N ILE C 170 6.08 16.53 55.77
CA ILE C 170 6.38 17.02 54.43
C ILE C 170 6.87 18.45 54.53
N VAL C 171 7.55 18.89 53.48
CA VAL C 171 7.94 20.30 53.38
C VAL C 171 6.70 21.18 53.50
N ARG C 172 6.89 22.35 54.09
CA ARG C 172 5.79 23.28 54.33
C ARG C 172 5.08 23.69 53.05
N SER C 173 5.82 23.90 51.95
CA SER C 173 5.18 24.25 50.68
C SER C 173 4.13 23.24 50.26
N LEU C 174 4.35 21.95 50.54
CA LEU C 174 3.36 20.94 50.15
C LEU C 174 2.15 21.00 51.06
N TYR C 175 2.37 21.38 52.33
CA TYR C 175 1.27 21.62 53.26
C TYR C 175 0.36 22.72 52.73
N GLU C 176 0.92 23.81 52.19
CA GLU C 176 0.06 24.89 51.69
C GLU C 176 -0.74 24.39 50.50
N ASP C 177 -0.16 23.52 49.69
CA ASP C 177 -0.82 22.93 48.52
C ASP C 177 -2.01 22.05 48.89
N LEU C 178 -1.90 21.24 49.97
CA LEU C 178 -3.04 20.43 50.38
C LEU C 178 -4.24 21.29 50.76
N GLU C 179 -4.02 22.35 51.54
CA GLU C 179 -5.14 23.17 52.00
C GLU C 179 -5.80 23.93 50.87
N ASP C 180 -5.05 24.29 49.82
CA ASP C 180 -5.61 25.05 48.71
C ASP C 180 -6.39 24.08 47.82
N HIS C 181 -7.62 23.77 48.26
CA HIS C 181 -8.48 22.82 47.59
C HIS C 181 -8.94 23.36 46.25
N PRO C 182 -9.36 22.47 45.34
CA PRO C 182 -10.05 22.94 44.14
C PRO C 182 -11.31 23.69 44.54
N ASN C 183 -11.65 24.71 43.75
CA ASN C 183 -12.72 25.62 44.11
C ASN C 183 -13.23 26.30 42.85
N VAL C 184 -14.56 26.28 42.66
CA VAL C 184 -15.12 26.94 41.49
C VAL C 184 -14.77 28.42 41.48
N GLN C 185 -14.89 29.10 42.63
CA GLN C 185 -14.66 30.53 42.68
C GLN C 185 -13.24 30.86 42.22
N LYS C 186 -12.26 30.09 42.71
CA LYS C 186 -10.88 30.22 42.26
C LYS C 186 -10.75 30.06 40.75
N ASP C 187 -11.36 28.99 40.20
CA ASP C 187 -11.19 28.67 38.79
C ASP C 187 -11.80 29.71 37.85
N LEU C 188 -12.96 30.26 38.18
CA LEU C 188 -13.50 31.35 37.35
C LEU C 188 -12.58 32.55 37.30
N GLU C 189 -11.91 32.90 38.41
CA GLU C 189 -10.95 34.01 38.30
C GLU C 189 -9.89 33.67 37.28
N ARG C 190 -9.32 32.47 37.37
CA ARG C 190 -8.28 32.08 36.41
C ARG C 190 -8.85 32.13 35.00
N LEU C 191 -10.02 31.49 34.80
CA LEU C 191 -10.58 31.39 33.45
C LEU C 191 -10.94 32.76 32.90
N THR C 192 -11.43 33.67 33.76
CA THR C 192 -11.81 35.01 33.31
C THR C 192 -10.59 35.81 32.86
N GLN C 193 -9.47 35.68 33.57
CA GLN C 193 -8.26 36.41 33.19
C GLN C 193 -7.66 35.88 31.89
N GLU C 194 -7.65 34.55 31.71
CA GLU C 194 -7.14 33.98 30.46
C GLU C 194 -7.97 34.39 29.25
N ARG C 195 -9.09 35.08 29.44
CA ARG C 195 -9.85 35.67 28.34
C ARG C 195 -9.39 37.11 28.13
N MET D 26 13.08 2.17 -23.28
CA MET D 26 12.95 2.59 -21.89
C MET D 26 14.30 2.54 -21.18
N ASP D 27 14.73 3.68 -20.65
CA ASP D 27 15.97 3.75 -19.88
C ASP D 27 15.80 3.14 -18.50
N VAL D 28 16.82 2.40 -18.06
CA VAL D 28 17.00 1.97 -16.68
C VAL D 28 18.28 2.57 -16.11
N PHE D 29 18.24 2.87 -14.81
CA PHE D 29 19.28 3.62 -14.10
C PHE D 29 19.94 2.72 -13.06
N LEU D 30 21.26 2.55 -13.20
CA LEU D 30 22.02 1.54 -12.47
C LEU D 30 23.11 2.13 -11.60
N MET D 31 23.41 1.41 -10.51
CA MET D 31 24.66 1.51 -9.77
C MET D 31 25.42 0.21 -9.99
N ILE D 32 26.57 0.30 -10.64
CA ILE D 32 27.47 -0.83 -10.79
C ILE D 32 28.49 -0.78 -9.66
N ARG D 33 28.50 -1.80 -8.80
CA ARG D 33 29.15 -1.71 -7.49
C ARG D 33 30.14 -2.85 -7.26
N ARG D 34 31.33 -2.49 -6.79
CA ARG D 34 32.36 -3.43 -6.37
C ARG D 34 33.16 -2.85 -5.21
N HIS D 35 33.20 -3.57 -4.08
CA HIS D 35 34.01 -3.12 -2.94
C HIS D 35 33.59 -1.70 -2.61
N LYS D 36 34.50 -0.75 -2.83
CA LYS D 36 34.28 0.66 -2.56
C LYS D 36 34.20 1.47 -3.85
N THR D 37 33.94 0.81 -4.96
CA THR D 37 33.71 1.47 -6.24
C THR D 37 32.21 1.43 -6.55
N THR D 38 31.66 2.57 -6.96
CA THR D 38 30.27 2.61 -7.41
C THR D 38 30.20 3.42 -8.70
N ILE D 39 29.75 2.82 -9.79
CA ILE D 39 29.48 3.56 -11.03
C ILE D 39 27.99 3.88 -11.14
N PHE D 40 27.68 5.16 -11.29
CA PHE D 40 26.33 5.58 -11.69
C PHE D 40 26.27 5.68 -13.20
N THR D 41 25.40 4.87 -13.80
CA THR D 41 25.15 4.94 -15.23
C THR D 41 23.72 4.49 -15.49
N ASP D 42 23.28 4.73 -16.71
CA ASP D 42 22.04 4.19 -17.23
C ASP D 42 22.29 3.35 -18.47
N ALA D 43 21.29 2.53 -18.85
CA ALA D 43 21.31 1.77 -20.09
C ALA D 43 19.88 1.52 -20.54
N LYS D 44 19.75 1.01 -21.75
CA LYS D 44 18.43 0.61 -22.22
C LYS D 44 17.98 -0.72 -21.63
N GLU D 45 16.67 -0.81 -21.40
CA GLU D 45 16.05 -2.07 -20.98
C GLU D 45 16.36 -3.19 -21.96
N SER D 46 16.43 -2.88 -23.25
CA SER D 46 16.66 -3.86 -24.30
C SER D 46 18.14 -4.17 -24.51
N SER D 47 19.05 -3.44 -23.87
CA SER D 47 20.47 -3.69 -24.04
C SER D 47 20.88 -4.93 -23.25
N THR D 48 22.03 -5.51 -23.61
CA THR D 48 22.43 -6.81 -23.10
C THR D 48 23.50 -6.68 -22.01
N VAL D 49 23.66 -7.76 -21.24
CA VAL D 49 24.72 -7.83 -20.23
C VAL D 49 26.08 -7.53 -20.87
N PHE D 50 26.32 -8.03 -22.08
CA PHE D 50 27.60 -7.75 -22.73
C PHE D 50 27.79 -6.26 -22.94
N GLU D 51 26.78 -5.57 -23.43
CA GLU D 51 26.90 -4.14 -23.70
C GLU D 51 27.12 -3.37 -22.41
N LEU D 52 26.58 -3.87 -21.31
CA LEU D 52 26.87 -3.27 -20.01
C LEU D 52 28.34 -3.48 -19.61
N LYS D 53 28.94 -4.64 -19.91
CA LYS D 53 30.37 -4.86 -19.74
C LYS D 53 31.18 -3.91 -20.60
N ARG D 54 30.69 -3.56 -21.80
CA ARG D 54 31.41 -2.61 -22.64
C ARG D 54 31.53 -1.25 -21.98
N ILE D 55 30.46 -0.76 -21.35
CA ILE D 55 30.56 0.47 -20.56
C ILE D 55 31.62 0.33 -19.46
N VAL D 56 31.57 -0.77 -18.70
CA VAL D 56 32.49 -0.90 -17.58
C VAL D 56 33.94 -0.90 -18.09
N GLU D 57 34.16 -1.51 -19.26
CA GLU D 57 35.49 -1.56 -19.87
C GLU D 57 36.00 -0.15 -20.15
N GLY D 58 35.17 0.70 -20.78
CA GLY D 58 35.54 2.09 -21.03
C GLY D 58 36.02 2.83 -19.80
N ILE D 59 35.44 2.51 -18.65
CA ILE D 59 35.70 3.22 -17.41
C ILE D 59 36.78 2.51 -16.61
N LEU D 60 36.64 1.20 -16.39
CA LEU D 60 37.56 0.54 -15.49
C LEU D 60 38.65 -0.26 -16.21
N LYS D 61 38.62 -0.31 -17.55
CA LYS D 61 39.71 -0.90 -18.35
C LYS D 61 39.96 -2.38 -18.05
N ARG D 62 38.87 -3.13 -17.92
CA ARG D 62 38.92 -4.58 -17.73
C ARG D 62 38.01 -5.13 -18.82
N PRO D 63 38.47 -6.06 -19.64
CA PRO D 63 37.63 -6.52 -20.78
C PRO D 63 36.41 -7.26 -20.30
N PRO D 64 35.36 -7.33 -21.14
CA PRO D 64 34.15 -8.10 -20.77
C PRO D 64 34.46 -9.48 -20.24
N ASP D 65 35.42 -10.18 -20.85
CA ASP D 65 35.71 -11.57 -20.51
C ASP D 65 36.39 -11.70 -19.16
N GLU D 66 36.84 -10.59 -18.57
CA GLU D 66 37.43 -10.56 -17.24
C GLU D 66 36.45 -10.02 -16.20
N GLN D 67 35.16 -9.95 -16.55
CA GLN D 67 34.10 -9.40 -15.72
C GLN D 67 33.02 -10.44 -15.50
N ARG D 68 32.53 -10.53 -14.26
CA ARG D 68 31.25 -11.14 -14.00
C ARG D 68 30.31 -10.10 -13.38
N LEU D 69 29.08 -10.09 -13.86
CA LEU D 69 28.04 -9.20 -13.35
C LEU D 69 26.93 -10.01 -12.68
N TYR D 70 26.45 -9.49 -11.56
CA TYR D 70 25.48 -10.14 -10.71
C TYR D 70 24.31 -9.20 -10.49
N LYS D 71 23.09 -9.76 -10.39
CA LYS D 71 21.99 -9.11 -9.69
C LYS D 71 21.78 -9.88 -8.41
N ASP D 72 21.99 -9.21 -7.28
CA ASP D 72 22.09 -9.93 -6.01
C ASP D 72 23.07 -11.07 -6.18
N ASP D 73 22.64 -12.30 -5.89
CA ASP D 73 23.60 -13.40 -5.90
C ASP D 73 23.69 -14.13 -7.23
N GLN D 74 22.91 -13.73 -8.25
CA GLN D 74 22.80 -14.51 -9.48
C GLN D 74 23.72 -13.93 -10.56
N LEU D 75 24.64 -14.75 -11.07
CA LEU D 75 25.50 -14.34 -12.18
C LEU D 75 24.67 -14.20 -13.45
N LEU D 76 24.89 -13.12 -14.21
CA LEU D 76 24.14 -12.85 -15.44
C LEU D 76 24.89 -13.29 -16.68
N ASP D 77 24.12 -13.84 -17.63
CA ASP D 77 24.61 -14.33 -18.91
C ASP D 77 24.76 -13.18 -19.90
N ASP D 78 25.91 -13.18 -20.59
CA ASP D 78 26.27 -12.14 -21.55
C ASP D 78 25.12 -11.80 -22.49
N GLY D 79 24.40 -12.81 -22.99
CA GLY D 79 23.47 -12.59 -24.08
C GLY D 79 22.10 -12.06 -23.68
N LYS D 80 21.79 -12.02 -22.39
CA LYS D 80 20.47 -11.64 -21.92
C LYS D 80 20.32 -10.12 -21.90
N THR D 81 19.09 -9.65 -22.15
CA THR D 81 18.76 -8.24 -21.97
C THR D 81 18.61 -7.86 -20.50
N LEU D 82 18.77 -6.56 -20.23
CA LEU D 82 18.62 -6.03 -18.88
C LEU D 82 17.22 -6.26 -18.38
N GLY D 83 16.22 -6.04 -19.25
CA GLY D 83 14.84 -6.31 -18.91
C GLY D 83 14.63 -7.72 -18.40
N GLU D 84 15.15 -8.70 -19.15
CA GLU D 84 15.01 -10.11 -18.80
C GLU D 84 15.67 -10.44 -17.47
N CYS D 85 16.74 -9.71 -17.14
CA CYS D 85 17.44 -9.89 -15.88
C CYS D 85 16.79 -9.14 -14.73
N GLY D 86 15.70 -8.42 -14.96
CA GLY D 86 14.92 -7.85 -13.89
C GLY D 86 15.18 -6.38 -13.63
N PHE D 87 15.92 -5.71 -14.50
CA PHE D 87 16.11 -4.26 -14.43
C PHE D 87 15.06 -3.60 -15.33
N THR D 88 14.00 -3.11 -14.72
CA THR D 88 12.91 -2.44 -15.41
C THR D 88 12.84 -0.99 -14.92
N SER D 89 12.24 -0.13 -15.75
CA SER D 89 12.05 1.26 -15.36
C SER D 89 11.31 1.43 -14.03
N GLN D 90 10.42 0.50 -13.68
CA GLN D 90 9.70 0.69 -12.42
C GLN D 90 10.67 0.55 -11.24
N THR D 91 11.67 -0.33 -11.36
CA THR D 91 12.50 -0.71 -10.23
C THR D 91 13.93 -0.19 -10.33
N ALA D 92 14.28 0.52 -11.41
CA ALA D 92 15.65 1.00 -11.66
C ALA D 92 15.54 2.46 -12.10
N ARG D 93 15.24 3.39 -11.11
CA ARG D 93 14.85 4.80 -11.26
C ARG D 93 16.04 5.73 -11.01
N PRO D 94 16.01 6.91 -11.62
CA PRO D 94 17.12 7.86 -11.43
C PRO D 94 17.41 8.12 -9.97
N GLN D 95 16.36 8.28 -9.16
CA GLN D 95 16.47 8.65 -7.76
C GLN D 95 16.60 7.43 -6.84
N ALA D 96 16.56 6.22 -7.41
CA ALA D 96 16.62 4.96 -6.67
C ALA D 96 17.15 3.87 -7.59
N PRO D 97 18.41 3.96 -8.01
CA PRO D 97 18.92 3.08 -9.06
C PRO D 97 19.09 1.65 -8.55
N ALA D 98 19.06 0.71 -9.49
CA ALA D 98 19.24 -0.70 -9.18
C ALA D 98 20.72 -1.04 -9.14
N THR D 99 21.09 -1.97 -8.26
CA THR D 99 22.48 -2.37 -8.07
C THR D 99 22.85 -3.53 -8.99
N VAL D 100 23.93 -3.33 -9.74
CA VAL D 100 24.64 -4.40 -10.45
C VAL D 100 25.93 -4.75 -9.73
N GLY D 101 26.09 -6.02 -9.37
CA GLY D 101 27.35 -6.52 -8.84
C GLY D 101 28.41 -6.68 -9.92
N LEU D 102 29.66 -6.42 -9.55
CA LEU D 102 30.79 -6.54 -10.47
C LEU D 102 31.90 -7.38 -9.85
N ALA D 103 32.41 -8.36 -10.64
CA ALA D 103 33.56 -9.20 -10.28
C ALA D 103 34.64 -9.17 -11.35
N PHE D 104 35.87 -9.10 -10.89
CA PHE D 104 37.07 -9.08 -11.71
C PHE D 104 37.79 -10.43 -11.77
N ARG D 105 38.43 -10.69 -12.90
CA ARG D 105 39.24 -11.87 -13.11
C ARG D 105 40.44 -11.86 -12.16
N ASP D 108 43.55 -14.76 -13.35
CA ASP D 108 43.73 -16.02 -12.63
C ASP D 108 42.39 -16.75 -12.50
N THR D 109 41.38 -16.01 -12.02
CA THR D 109 40.23 -16.54 -11.30
C THR D 109 39.28 -15.39 -11.03
N PHE D 110 37.98 -15.65 -10.91
CA PHE D 110 37.08 -14.60 -10.49
C PHE D 110 37.12 -14.50 -8.98
N GLU D 111 37.23 -13.28 -8.48
CA GLU D 111 37.06 -12.97 -7.07
C GLU D 111 35.64 -13.27 -6.61
N ALA D 112 35.48 -13.52 -5.31
CA ALA D 112 34.13 -13.50 -4.74
C ALA D 112 33.58 -12.08 -4.80
N LEU D 113 32.32 -11.95 -5.15
CA LEU D 113 31.62 -10.67 -5.06
C LEU D 113 31.50 -10.03 -3.65
N ILE D 115 30.87 -6.12 -1.29
CA ILE D 115 30.37 -4.72 -1.39
C ILE D 115 30.43 -4.00 -0.04
N GLU D 116 31.27 -2.93 -0.03
CA GLU D 116 31.44 -2.10 1.16
C GLU D 116 30.17 -1.29 1.45
N PRO D 117 29.65 -1.32 2.67
CA PRO D 117 28.52 -0.45 2.99
C PRO D 117 28.72 1.06 2.88
N PHE D 118 27.60 1.71 2.57
CA PHE D 118 27.59 3.13 2.75
C PHE D 118 27.71 3.32 4.26
N SER D 119 28.14 4.50 4.67
CA SER D 119 28.16 4.83 6.09
C SER D 119 26.83 4.62 6.80
N SER D 120 26.91 4.51 8.11
CA SER D 120 25.77 4.40 9.01
C SER D 120 25.24 5.78 9.36
N PRO D 121 23.92 5.98 9.31
CA PRO D 121 23.37 7.24 9.81
C PRO D 121 23.63 7.39 11.29
N PRO D 122 23.74 8.63 11.78
CA PRO D 122 23.78 8.85 13.22
C PRO D 122 22.42 8.53 13.81
N GLU D 123 22.37 8.50 15.14
CA GLU D 123 21.10 8.43 15.83
C GLU D 123 20.27 9.65 15.41
N LEU D 124 18.96 9.46 15.21
CA LEU D 124 18.08 10.61 15.04
C LEU D 124 18.27 11.60 16.18
N PRO D 125 18.42 12.89 15.88
CA PRO D 125 18.32 13.91 16.93
C PRO D 125 16.98 13.88 17.65
N ASP D 126 17.01 14.42 18.87
CA ASP D 126 15.82 14.43 19.70
C ASP D 126 14.68 15.11 18.94
N VAL D 127 14.97 16.24 18.33
CA VAL D 127 13.95 17.09 17.69
C VAL D 127 13.39 16.54 16.38
N MET D 128 13.94 15.41 15.93
CA MET D 128 13.49 14.68 14.78
C MET D 128 12.75 13.37 15.16
N MET E 1 31.40 9.12 -22.98
CA MET E 1 31.32 10.25 -22.05
C MET E 1 32.58 10.34 -21.18
N MET E 2 32.97 11.57 -20.87
CA MET E 2 33.79 11.86 -19.69
C MET E 2 33.07 11.45 -18.41
N TYR E 3 33.78 10.73 -17.56
CA TYR E 3 33.36 10.43 -16.19
C TYR E 3 34.26 11.15 -15.18
N VAL E 4 33.76 11.32 -13.95
CA VAL E 4 34.58 11.86 -12.87
C VAL E 4 34.40 10.97 -11.65
N LYS E 5 35.38 11.05 -10.76
CA LYS E 5 35.41 10.20 -9.58
C LYS E 5 35.24 11.11 -8.37
N LEU E 6 34.24 10.81 -7.55
CA LEU E 6 33.99 11.54 -6.31
C LEU E 6 34.22 10.60 -5.14
N ILE E 7 35.11 10.97 -4.24
CA ILE E 7 35.51 10.07 -3.15
C ILE E 7 35.00 10.64 -1.83
N SER E 8 34.23 9.83 -1.12
CA SER E 8 33.65 10.20 0.17
C SER E 8 34.73 10.21 1.25
N SER E 9 34.32 10.68 2.44
CA SER E 9 35.25 10.76 3.57
C SER E 9 35.74 9.39 4.02
N ASP E 10 34.88 8.36 3.93
CA ASP E 10 35.24 7.00 4.31
C ASP E 10 35.81 6.18 3.14
N GLY E 11 36.28 6.86 2.08
CA GLY E 11 36.96 6.21 0.98
C GLY E 11 36.11 5.54 -0.08
N HIS E 12 34.78 5.63 -0.05
CA HIS E 12 34.01 5.09 -1.15
C HIS E 12 34.21 5.97 -2.39
N GLU E 13 34.46 5.36 -3.53
CA GLU E 13 34.67 6.12 -4.77
C GLU E 13 33.44 5.96 -5.68
N PHE E 14 32.80 7.09 -5.95
CA PHE E 14 31.61 7.18 -6.81
C PHE E 14 32.02 7.76 -8.16
N ILE E 15 31.75 7.02 -9.23
CA ILE E 15 32.08 7.42 -10.58
C ILE E 15 30.78 7.85 -11.27
N VAL E 16 30.71 9.12 -11.67
CA VAL E 16 29.54 9.70 -12.30
C VAL E 16 29.98 10.39 -13.58
N LYS E 17 29.04 10.54 -14.52
CA LYS E 17 29.28 11.38 -15.69
C LYS E 17 29.68 12.78 -15.22
N ARG E 18 30.73 13.34 -15.85
CA ARG E 18 31.13 14.72 -15.55
C ARG E 18 29.96 15.71 -15.65
N GLU E 19 29.22 15.66 -16.77
CA GLU E 19 28.09 16.57 -16.96
C GLU E 19 27.16 16.55 -15.74
N HIS E 20 26.95 15.36 -15.15
CA HIS E 20 26.08 15.29 -13.98
C HIS E 20 26.72 16.03 -12.81
N ALA E 21 28.00 15.77 -12.57
CA ALA E 21 28.66 16.40 -11.43
C ALA E 21 28.75 17.91 -11.59
N LEU E 22 28.89 18.38 -12.83
CA LEU E 22 29.06 19.81 -13.08
C LEU E 22 27.80 20.65 -12.81
N THR E 23 26.64 20.02 -12.59
CA THR E 23 25.51 20.74 -12.01
C THR E 23 25.92 21.56 -10.79
N SER E 24 26.89 21.07 -10.03
CA SER E 24 27.36 21.73 -8.83
C SER E 24 28.54 22.64 -9.20
N GLY E 25 28.36 23.95 -8.97
CA GLY E 25 29.45 24.90 -9.13
C GLY E 25 30.66 24.60 -8.26
N THR E 26 30.42 24.12 -7.04
CA THR E 26 31.55 23.80 -6.16
C THR E 26 32.42 22.70 -6.76
N ILE E 27 31.80 21.64 -7.27
CA ILE E 27 32.56 20.55 -7.88
C ILE E 27 33.31 21.05 -9.12
N LYS E 28 32.65 21.88 -9.96
CA LYS E 28 33.31 22.43 -11.14
C LYS E 28 34.60 23.14 -10.78
N ALA E 29 34.58 23.91 -9.68
CA ALA E 29 35.78 24.64 -9.26
C ALA E 29 36.86 23.68 -8.80
N MET E 30 36.48 22.61 -8.11
CA MET E 30 37.45 21.64 -7.63
C MET E 30 38.11 20.87 -8.76
N LEU E 31 37.42 20.70 -9.88
CA LEU E 31 38.02 19.96 -11.00
C LEU E 31 38.89 20.84 -11.88
N SER E 32 38.60 22.14 -11.96
CA SER E 32 39.41 23.08 -12.70
C SER E 32 40.63 23.52 -11.88
N ASN E 43 41.03 13.95 -12.70
CA ASN E 43 39.57 13.99 -12.77
C ASN E 43 38.96 13.37 -11.53
N GLU E 44 39.47 13.76 -10.36
CA GLU E 44 39.17 13.12 -9.09
C GLU E 44 38.90 14.24 -8.10
N VAL E 45 37.93 14.04 -7.20
CA VAL E 45 37.64 15.04 -6.18
C VAL E 45 37.47 14.31 -4.86
N ASN E 46 38.14 14.78 -3.80
CA ASN E 46 37.96 14.24 -2.46
C ASN E 46 37.06 15.13 -1.61
N PHE E 47 36.18 14.51 -0.82
CA PHE E 47 35.30 15.22 0.10
C PHE E 47 35.56 14.73 1.52
N ARG E 48 36.44 15.43 2.27
CA ARG E 48 36.74 15.00 3.63
C ARG E 48 35.53 15.02 4.57
N GLU E 49 34.44 15.71 4.22
CA GLU E 49 33.34 15.93 5.16
C GLU E 49 32.05 15.22 4.78
N ILE E 50 32.00 14.54 3.65
CA ILE E 50 30.76 13.90 3.19
C ILE E 50 30.95 12.38 3.17
N PRO E 51 30.28 11.66 4.07
CA PRO E 51 30.37 10.21 4.09
C PRO E 51 29.57 9.57 2.96
N SER E 52 29.81 8.27 2.76
CA SER E 52 29.29 7.56 1.59
C SER E 52 27.77 7.51 1.59
N HIS E 53 27.14 7.40 2.77
CA HIS E 53 25.68 7.35 2.81
C HIS E 53 25.08 8.69 2.38
N VAL E 54 25.85 9.76 2.40
CA VAL E 54 25.38 11.06 1.93
C VAL E 54 25.75 11.25 0.46
N LEU E 55 26.99 10.94 0.09
CA LEU E 55 27.42 11.23 -1.28
C LEU E 55 26.69 10.35 -2.29
N SER E 56 26.36 9.10 -1.91
CA SER E 56 25.58 8.25 -2.81
C SER E 56 24.26 8.94 -3.15
N LYS E 57 23.58 9.50 -2.15
CA LYS E 57 22.33 10.19 -2.39
C LYS E 57 22.53 11.41 -3.28
N VAL E 58 23.61 12.17 -3.06
CA VAL E 58 23.94 13.29 -3.93
C VAL E 58 24.05 12.82 -5.37
N CYS E 59 24.75 11.69 -5.60
CA CYS E 59 24.91 11.20 -6.97
C CYS E 59 23.57 10.78 -7.56
N MET E 60 22.69 10.22 -6.74
CA MET E 60 21.37 9.86 -7.24
C MET E 60 20.63 11.12 -7.64
N TYR E 61 20.83 12.20 -6.87
CA TYR E 61 20.19 13.48 -7.16
C TYR E 61 20.63 13.99 -8.53
N PHE E 62 21.93 13.92 -8.82
CA PHE E 62 22.41 14.36 -10.13
C PHE E 62 21.64 13.65 -11.23
N THR E 63 21.49 12.32 -11.11
CA THR E 63 20.77 11.55 -12.12
C THR E 63 19.35 12.07 -12.24
N TYR E 64 18.67 12.21 -11.10
CA TYR E 64 17.29 12.63 -11.06
C TYR E 64 17.11 13.99 -11.73
N LYS E 65 17.97 14.95 -11.36
CA LYS E 65 17.87 16.30 -11.89
C LYS E 65 18.06 16.31 -13.40
N VAL E 66 19.10 15.62 -13.90
CA VAL E 66 19.37 15.61 -15.34
C VAL E 66 18.23 14.90 -16.05
N ARG E 67 17.67 13.85 -15.45
CA ARG E 67 16.57 13.13 -16.08
C ARG E 67 15.32 13.99 -16.20
N TYR E 68 14.97 14.70 -15.13
CA TYR E 68 13.65 15.30 -15.07
C TYR E 68 13.63 16.81 -15.29
N THR E 69 14.78 17.47 -15.41
CA THR E 69 14.77 18.90 -15.65
C THR E 69 14.23 19.18 -17.05
N ASN E 70 13.27 20.08 -17.13
CA ASN E 70 12.59 20.46 -18.38
C ASN E 70 12.02 19.22 -19.06
N SER E 71 11.16 18.52 -18.32
CA SER E 71 10.52 17.30 -18.79
C SER E 71 9.01 17.45 -18.59
N SER E 72 8.23 17.11 -19.61
CA SER E 72 6.78 17.10 -19.46
C SER E 72 6.29 15.85 -18.74
N THR E 73 7.01 14.72 -18.89
CA THR E 73 6.72 13.53 -18.12
C THR E 73 6.69 13.88 -16.64
N GLU E 74 5.61 13.47 -15.97
CA GLU E 74 5.45 13.61 -14.52
C GLU E 74 6.69 13.27 -13.70
N ILE E 75 7.00 14.15 -12.77
CA ILE E 75 8.21 14.09 -11.96
C ILE E 75 7.88 13.47 -10.60
N PRO E 76 8.60 12.45 -10.16
CA PRO E 76 8.41 11.91 -8.81
C PRO E 76 9.20 12.64 -7.73
N GLU E 77 8.75 12.45 -6.49
CA GLU E 77 9.40 13.05 -5.34
C GLU E 77 10.82 12.51 -5.22
N PHE E 78 11.78 13.42 -5.04
CA PHE E 78 13.10 12.97 -4.61
C PHE E 78 13.07 12.55 -3.15
N PRO E 79 13.30 11.27 -2.83
CA PRO E 79 13.13 10.80 -1.46
C PRO E 79 14.38 11.06 -0.63
N ILE E 80 14.17 11.48 0.62
CA ILE E 80 15.24 11.65 1.58
C ILE E 80 14.80 11.01 2.89
N ALA E 81 15.54 9.98 3.31
CA ALA E 81 15.31 9.37 4.60
C ALA E 81 15.53 10.37 5.73
N PRO E 82 14.65 10.43 6.73
CA PRO E 82 14.87 11.33 7.88
C PRO E 82 16.29 11.29 8.43
N GLU E 83 16.89 10.10 8.49
CA GLU E 83 18.17 9.90 9.17
C GLU E 83 19.28 10.72 8.53
N ILE E 84 19.20 11.00 7.24
CA ILE E 84 20.29 11.64 6.51
C ILE E 84 19.97 13.09 6.18
N ALA E 85 18.76 13.55 6.53
CA ALA E 85 18.31 14.87 6.13
C ALA E 85 19.31 15.94 6.56
N LEU E 86 19.77 15.88 7.81
CA LEU E 86 20.60 16.95 8.35
C LEU E 86 21.93 17.02 7.60
N GLU E 87 22.58 15.88 7.39
CA GLU E 87 23.88 15.89 6.73
C GLU E 87 23.74 16.30 5.27
N LEU E 88 22.66 15.82 4.61
CA LEU E 88 22.47 16.15 3.21
C LEU E 88 22.20 17.64 3.04
N LEU E 89 21.48 18.24 3.98
CA LEU E 89 21.25 19.68 3.94
C LEU E 89 22.60 20.37 3.93
N MET E 90 23.47 19.95 4.85
CA MET E 90 24.80 20.55 4.98
C MET E 90 25.63 20.27 3.73
N ALA E 91 25.52 19.05 3.16
CA ALA E 91 26.26 18.73 1.95
C ALA E 91 25.74 19.58 0.79
N ALA E 92 24.41 19.72 0.68
CA ALA E 92 23.82 20.46 -0.43
C ALA E 92 24.25 21.91 -0.34
N ASN E 93 24.30 22.44 0.88
CA ASN E 93 24.70 23.81 1.12
C ASN E 93 26.12 24.05 0.66
N PHE E 94 27.03 23.13 0.97
CA PHE E 94 28.42 23.28 0.53
C PHE E 94 28.51 23.20 -0.99
N LEU E 95 27.79 22.25 -1.60
CA LEU E 95 27.92 21.98 -3.03
C LEU E 95 27.10 22.94 -3.88
N ASP E 96 26.16 23.67 -3.28
CA ASP E 96 25.25 24.61 -3.97
C ASP E 96 24.53 23.93 -5.13
N CYS E 97 23.89 22.80 -4.84
CA CYS E 97 23.14 22.05 -5.85
C CYS E 97 21.74 21.71 -5.35
N VAL F 52 0.65 45.07 -9.38
CA VAL F 52 0.96 44.74 -10.77
C VAL F 52 0.31 43.41 -11.16
N LEU F 53 0.48 42.39 -10.32
CA LEU F 53 0.07 41.02 -10.64
C LEU F 53 -1.36 40.84 -10.15
N ARG F 54 -2.33 40.93 -11.05
CA ARG F 54 -3.73 40.79 -10.70
C ARG F 54 -4.48 40.29 -11.93
N SER F 55 -5.60 39.61 -11.67
CA SER F 55 -6.47 39.19 -12.75
C SER F 55 -7.10 40.40 -13.44
N VAL F 56 -7.22 40.31 -14.76
CA VAL F 56 -8.02 41.23 -15.57
C VAL F 56 -9.50 40.85 -15.51
N ASN F 57 -10.35 41.84 -15.28
CA ASN F 57 -11.80 41.59 -15.17
C ASN F 57 -12.40 41.53 -16.57
N SER F 58 -12.05 40.42 -17.27
CA SER F 58 -12.40 40.22 -18.67
C SER F 58 -13.86 39.84 -18.89
N ARG F 59 -14.45 39.10 -17.94
CA ARG F 59 -15.76 38.46 -18.10
C ARG F 59 -15.83 37.51 -19.31
N GLU F 60 -14.69 36.92 -19.73
CA GLU F 60 -14.74 35.92 -20.80
C GLU F 60 -14.52 34.54 -20.21
N PRO F 61 -15.57 33.73 -20.04
CA PRO F 61 -15.41 32.40 -19.44
C PRO F 61 -14.36 31.54 -20.13
N SER F 62 -13.59 30.80 -19.34
CA SER F 62 -12.63 29.85 -19.88
C SER F 62 -12.60 28.61 -19.00
N GLN F 63 -12.99 27.45 -19.56
CA GLN F 63 -12.96 26.19 -18.79
C GLN F 63 -11.57 25.58 -18.81
N VAL F 64 -11.16 25.12 -17.63
CA VAL F 64 -9.83 24.62 -17.35
C VAL F 64 -9.94 23.31 -16.58
N ILE F 65 -9.04 22.37 -16.86
CA ILE F 65 -8.84 21.18 -16.03
C ILE F 65 -7.58 21.40 -15.23
N PHE F 66 -7.73 21.47 -13.90
CA PHE F 66 -6.60 21.45 -13.01
C PHE F 66 -6.16 20.02 -12.81
N ASN F 68 -3.81 17.49 -11.34
CA ASN F 68 -2.79 17.42 -10.30
C ASN F 68 -1.96 16.14 -10.45
N ARG F 69 -0.86 16.22 -11.20
CA ARG F 69 0.07 15.10 -11.39
C ARG F 69 1.25 15.18 -10.42
N SER F 70 0.96 15.46 -9.17
CA SER F 70 1.99 15.58 -8.15
C SER F 70 1.55 14.73 -6.98
N PRO F 71 2.47 14.36 -6.09
CA PRO F 71 2.08 13.68 -4.86
C PRO F 71 1.66 14.59 -3.72
N ARG F 72 1.55 15.90 -3.96
CA ARG F 72 1.14 16.84 -2.93
C ARG F 72 -0.35 17.11 -3.03
N VAL F 73 -0.96 17.46 -1.89
CA VAL F 73 -2.25 18.15 -1.90
C VAL F 73 -2.04 19.55 -2.44
N VAL F 74 -2.76 19.91 -3.50
CA VAL F 74 -2.53 21.18 -4.17
C VAL F 74 -3.59 22.17 -3.71
N LEU F 75 -3.13 23.38 -3.36
CA LEU F 75 -3.95 24.56 -3.13
C LEU F 75 -3.86 25.45 -4.35
N PRO F 76 -4.91 25.56 -5.16
CA PRO F 76 -4.92 26.59 -6.21
C PRO F 76 -5.14 27.96 -5.59
N VAL F 77 -4.43 28.96 -6.12
CA VAL F 77 -4.56 30.32 -5.61
C VAL F 77 -4.84 31.26 -6.78
N TRP F 78 -5.97 31.95 -6.72
CA TRP F 78 -6.36 32.95 -7.69
C TRP F 78 -5.90 34.33 -7.21
N LEU F 79 -5.19 35.06 -8.06
CA LEU F 79 -4.90 36.46 -7.77
C LEU F 79 -6.11 37.31 -8.17
N ASN F 80 -6.78 37.90 -7.17
CA ASN F 80 -8.04 38.60 -7.42
C ASN F 80 -7.77 39.94 -8.09
N PHE F 81 -8.82 40.75 -8.24
CA PHE F 81 -8.74 41.97 -9.04
C PHE F 81 -7.93 43.06 -8.35
N ASP F 82 -7.73 42.94 -7.03
CA ASP F 82 -6.83 43.80 -6.27
C ASP F 82 -5.42 43.23 -6.18
N GLY F 83 -5.19 42.02 -6.69
CA GLY F 83 -3.92 41.35 -6.55
C GLY F 83 -3.75 40.56 -5.28
N GLU F 84 -4.80 40.42 -4.49
CA GLU F 84 -4.76 39.60 -3.29
C GLU F 84 -4.90 38.12 -3.64
N PRO F 85 -4.04 37.26 -3.07
CA PRO F 85 -4.18 35.81 -3.29
C PRO F 85 -5.47 35.30 -2.67
N GLN F 86 -6.24 34.56 -3.47
CA GLN F 86 -7.46 33.91 -3.03
C GLN F 86 -7.30 32.40 -3.08
N PRO F 87 -7.32 31.72 -1.93
CA PRO F 87 -7.24 30.25 -1.95
C PRO F 87 -8.55 29.62 -2.39
N TYR F 88 -8.43 28.54 -3.16
CA TYR F 88 -9.53 27.76 -3.70
C TYR F 88 -9.49 26.34 -3.12
N PRO F 89 -10.58 25.58 -3.24
CA PRO F 89 -10.61 24.23 -2.64
C PRO F 89 -9.51 23.31 -3.16
N THR F 90 -9.04 22.43 -2.29
CA THR F 90 -7.83 21.65 -2.51
C THR F 90 -8.10 20.49 -3.48
N LEU F 91 -7.02 19.99 -4.07
CA LEU F 91 -7.02 18.82 -4.95
C LEU F 91 -6.17 17.71 -4.35
N PRO F 92 -6.71 16.53 -4.07
CA PRO F 92 -5.87 15.41 -3.63
C PRO F 92 -4.86 15.03 -4.70
N PRO F 93 -3.78 14.34 -4.31
CA PRO F 93 -2.81 13.87 -5.29
C PRO F 93 -3.47 13.05 -6.39
N GLY F 94 -3.09 13.30 -7.63
CA GLY F 94 -3.59 12.48 -8.72
C GLY F 94 -5.06 12.66 -9.08
N THR F 95 -5.70 13.73 -8.63
CA THR F 95 -7.09 13.97 -8.96
C THR F 95 -7.23 15.16 -9.90
N GLY F 96 -8.37 15.23 -10.57
CA GLY F 96 -8.66 16.31 -11.48
C GLY F 96 -9.98 16.96 -11.16
N ARG F 97 -10.17 18.18 -11.68
CA ARG F 97 -11.41 18.92 -11.48
C ARG F 97 -11.64 19.85 -12.67
N ARG F 98 -12.84 19.81 -13.23
CA ARG F 98 -13.22 20.75 -14.27
C ARG F 98 -13.66 22.03 -13.56
N ILE F 99 -13.07 23.17 -13.94
CA ILE F 99 -13.41 24.43 -13.30
C ILE F 99 -13.67 25.54 -14.31
N HIS F 100 -14.56 26.46 -13.93
CA HIS F 100 -14.92 27.65 -14.69
C HIS F 100 -14.08 28.85 -14.24
N SER F 101 -13.26 29.37 -15.15
CA SER F 101 -12.42 30.53 -14.89
C SER F 101 -12.65 31.53 -16.02
N TYR F 102 -11.69 32.43 -16.24
CA TYR F 102 -11.89 33.54 -17.17
C TYR F 102 -10.56 33.92 -17.81
N ARG F 103 -10.65 34.39 -19.06
CA ARG F 103 -9.46 34.86 -19.76
C ARG F 103 -8.78 35.95 -18.95
N GLY F 104 -7.46 35.85 -18.82
CA GLY F 104 -6.67 36.90 -18.22
C GLY F 104 -6.62 36.84 -16.72
N HIS F 105 -7.27 35.85 -16.10
CA HIS F 105 -7.17 35.58 -14.68
C HIS F 105 -5.84 34.89 -14.37
N LEU F 106 -5.29 35.19 -13.21
CA LEU F 106 -3.97 34.68 -12.86
C LEU F 106 -4.10 33.64 -11.76
N TRP F 107 -3.45 32.48 -11.97
CA TRP F 107 -3.44 31.39 -11.02
C TRP F 107 -2.02 30.94 -10.72
N LEU F 108 -1.82 30.50 -9.48
CA LEU F 108 -0.63 29.78 -9.08
C LEU F 108 -1.04 28.66 -8.13
N PHE F 109 -0.13 27.72 -7.88
CA PHE F 109 -0.45 26.48 -7.19
C PHE F 109 0.63 26.16 -6.16
N ARG F 110 0.19 25.76 -4.97
CA ARG F 110 1.07 25.47 -3.86
C ARG F 110 0.71 24.14 -3.23
N ASP F 111 1.67 23.58 -2.51
CA ASP F 111 1.36 22.53 -1.56
C ASP F 111 0.44 23.10 -0.48
N ALA F 112 -0.72 22.48 -0.31
CA ALA F 112 -1.71 23.02 0.63
C ALA F 112 -1.18 23.00 2.06
N GLY F 113 -0.35 22.02 2.41
CA GLY F 113 0.13 21.90 3.77
C GLY F 113 1.33 22.77 4.10
N THR F 114 2.28 22.90 3.17
CA THR F 114 3.57 23.51 3.43
C THR F 114 3.79 24.78 2.64
N HIS F 115 3.00 25.03 1.59
CA HIS F 115 3.14 26.13 0.66
C HIS F 115 4.35 26.04 -0.24
N ASP F 116 5.04 24.89 -0.27
CA ASP F 116 6.03 24.66 -1.33
C ASP F 116 5.46 25.04 -2.69
N GLY F 117 6.29 25.71 -3.49
CA GLY F 117 5.88 26.10 -4.83
C GLY F 117 5.73 24.88 -5.75
N LEU F 118 4.69 24.91 -6.58
CA LEU F 118 4.47 23.90 -7.61
C LEU F 118 4.47 24.56 -8.98
N LEU F 119 4.70 23.76 -10.02
CA LEU F 119 4.65 24.26 -11.38
C LEU F 119 3.30 23.94 -12.01
N VAL F 120 2.93 24.73 -13.01
CA VAL F 120 1.75 24.48 -13.81
C VAL F 120 2.15 24.71 -15.26
N ASN F 121 2.00 23.68 -16.09
CA ASN F 121 2.53 23.70 -17.47
C ASN F 121 3.96 24.22 -17.48
N GLN F 122 4.79 23.67 -16.59
CA GLN F 122 6.23 23.92 -16.52
C GLN F 122 6.60 25.35 -16.11
N THR F 123 5.67 26.14 -15.60
CA THR F 123 5.98 27.49 -15.13
C THR F 123 5.18 27.81 -13.88
N GLU F 124 5.40 29.01 -13.35
CA GLU F 124 4.88 29.39 -12.04
C GLU F 124 3.42 29.84 -12.12
N LEU F 125 3.09 30.66 -13.12
CA LEU F 125 1.77 31.28 -13.26
C LEU F 125 0.99 30.64 -14.41
N PHE F 126 -0.31 30.48 -14.20
CA PHE F 126 -1.23 30.02 -15.24
C PHE F 126 -2.31 31.06 -15.56
N VAL F 127 -2.42 31.41 -16.83
CA VAL F 127 -3.45 32.30 -17.37
C VAL F 127 -4.34 31.54 -18.34
N PRO F 128 -5.61 31.28 -18.00
CA PRO F 128 -6.52 30.65 -18.97
C PRO F 128 -6.58 31.47 -20.27
N SER F 129 -6.57 30.76 -21.40
CA SER F 129 -6.66 31.45 -22.68
C SER F 129 -7.94 31.01 -23.42
N LEU F 130 -8.06 31.45 -24.67
CA LEU F 130 -9.21 31.10 -25.51
C LEU F 130 -9.36 29.58 -25.59
N ASN F 131 -10.58 29.07 -25.31
CA ASN F 131 -10.95 27.68 -25.61
C ASN F 131 -11.28 27.48 -27.08
N VAL F 132 -10.39 26.85 -27.84
CA VAL F 132 -10.65 26.62 -29.26
C VAL F 132 -11.55 25.39 -29.39
N ASP F 133 -12.65 25.54 -30.15
CA ASP F 133 -13.66 24.49 -30.32
C ASP F 133 -14.21 24.01 -28.97
N GLY F 134 -14.39 24.95 -28.04
CA GLY F 134 -14.89 24.65 -26.71
C GLY F 134 -14.06 23.66 -25.92
N GLN F 135 -12.83 23.40 -26.32
CA GLN F 135 -11.96 22.48 -25.58
C GLN F 135 -11.41 23.16 -24.33
N PRO F 136 -11.61 22.58 -23.14
CA PRO F 136 -11.01 23.14 -21.93
C PRO F 136 -9.49 23.08 -21.95
N ILE F 137 -8.87 24.04 -21.27
CA ILE F 137 -7.40 24.14 -21.22
C ILE F 137 -6.87 23.27 -20.09
N PHE F 138 -5.88 22.45 -20.42
CA PHE F 138 -5.17 21.65 -19.43
C PHE F 138 -4.13 22.53 -18.72
N ALA F 139 -4.26 22.58 -17.40
CA ALA F 139 -3.26 23.04 -16.45
C ALA F 139 -2.64 21.83 -15.76
N ASN F 140 -1.47 21.39 -16.25
CA ASN F 140 -0.78 20.25 -15.65
C ASN F 140 0.07 20.72 -14.49
N ILE F 141 -0.32 20.33 -13.28
CA ILE F 141 0.36 20.74 -12.06
C ILE F 141 1.32 19.64 -11.63
N THR F 142 2.61 19.97 -11.51
CA THR F 142 3.66 19.00 -11.24
C THR F 142 4.62 19.54 -10.19
N LEU F 143 5.36 18.63 -9.55
CA LEU F 143 6.53 19.04 -8.78
C LEU F 143 7.54 19.73 -9.69
N PRO F 144 8.19 20.80 -9.22
CA PRO F 144 9.47 21.18 -9.81
C PRO F 144 10.55 20.18 -9.46
N VAL F 145 11.69 20.32 -10.16
CA VAL F 145 12.93 19.77 -9.64
C VAL F 145 13.45 20.75 -8.60
N TYR F 146 13.09 20.53 -7.33
CA TYR F 146 13.69 21.32 -6.27
C TYR F 146 15.21 21.16 -6.27
N THR F 147 15.91 22.22 -5.88
CA THR F 147 17.30 22.05 -5.51
C THR F 147 17.37 21.00 -4.41
N LEU F 148 18.52 20.33 -4.33
CA LEU F 148 18.75 19.38 -3.25
C LEU F 148 18.65 20.10 -1.91
N LYS F 149 19.18 21.32 -1.83
CA LYS F 149 19.09 22.11 -0.60
C LYS F 149 17.63 22.33 -0.21
N GLU F 150 16.80 22.81 -1.15
CA GLU F 150 15.41 23.10 -0.80
C GLU F 150 14.68 21.84 -0.38
N ARG F 151 14.93 20.72 -1.08
CA ARG F 151 14.29 19.47 -0.72
C ARG F 151 14.68 19.03 0.69
N CYS F 152 15.96 19.19 1.04
CA CYS F 152 16.40 18.91 2.40
C CYS F 152 15.67 19.82 3.39
N LEU F 153 15.60 21.11 3.08
CA LEU F 153 14.90 22.03 3.97
C LEU F 153 13.45 21.60 4.16
N GLN F 154 12.80 21.14 3.08
CA GLN F 154 11.41 20.71 3.20
C GLN F 154 11.27 19.57 4.19
N VAL F 155 12.16 18.57 4.09
CA VAL F 155 12.03 17.39 4.94
C VAL F 155 12.30 17.76 6.39
N VAL F 156 13.31 18.61 6.63
CA VAL F 156 13.65 18.99 7.99
C VAL F 156 12.53 19.82 8.61
N ARG F 157 11.99 20.80 7.86
CA ARG F 157 10.83 21.56 8.34
C ARG F 157 9.68 20.64 8.70
N SER F 158 9.48 19.58 7.92
CA SER F 158 8.38 18.66 8.15
C SER F 158 8.56 17.87 9.42
N LEU F 159 9.79 17.70 9.93
CA LEU F 159 9.94 16.79 11.07
C LEU F 159 10.13 17.52 12.39
N VAL F 160 10.55 18.80 12.38
CA VAL F 160 11.00 19.52 13.56
C VAL F 160 10.12 20.76 13.70
N LYS F 161 9.51 20.92 14.87
CA LYS F 161 8.71 22.11 15.13
C LYS F 161 9.56 23.38 15.05
N PRO F 162 9.05 24.43 14.40
CA PRO F 162 9.85 25.65 14.17
C PRO F 162 10.39 26.32 15.42
N GLU F 163 9.80 26.10 16.59
CA GLU F 163 10.41 26.61 17.82
C GLU F 163 11.78 26.01 18.08
N ASN F 164 12.08 24.85 17.51
CA ASN F 164 13.30 24.12 17.85
C ASN F 164 14.37 24.24 16.77
N TYR F 165 14.07 24.93 15.65
CA TYR F 165 15.05 25.06 14.56
C TYR F 165 16.39 25.53 15.09
N ARG F 166 16.38 26.54 15.96
CA ARG F 166 17.60 27.09 16.55
C ARG F 166 18.43 26.05 17.28
N ARG F 167 17.83 24.92 17.69
CA ARG F 167 18.49 23.87 18.47
C ARG F 167 19.19 22.81 17.61
N LEU F 168 19.00 22.83 16.30
CA LEU F 168 19.61 21.84 15.42
C LEU F 168 21.12 22.09 15.27
N ASP F 169 21.89 21.01 15.13
CA ASP F 169 23.35 21.12 14.99
C ASP F 169 23.68 21.27 13.51
N ILE F 170 23.55 22.50 13.04
CA ILE F 170 23.81 22.89 11.66
C ILE F 170 24.40 24.30 11.69
N VAL F 171 25.01 24.69 10.57
CA VAL F 171 25.52 26.06 10.45
C VAL F 171 24.41 27.06 10.73
N ARG F 172 24.81 28.19 11.31
CA ARG F 172 23.88 29.26 11.68
C ARG F 172 23.05 29.74 10.47
N SER F 173 23.70 29.85 9.30
CA SER F 173 23.02 30.28 8.08
C SER F 173 21.85 29.36 7.73
N LEU F 174 21.96 28.08 8.05
CA LEU F 174 20.90 27.11 7.77
C LEU F 174 19.67 27.31 8.66
N TYR F 175 19.84 27.83 9.89
CA TYR F 175 18.66 28.13 10.71
C TYR F 175 17.78 29.13 10.00
N GLU F 176 18.40 30.15 9.41
CA GLU F 176 17.66 31.23 8.77
C GLU F 176 16.92 30.72 7.53
N ASP F 177 17.53 29.77 6.82
CA ASP F 177 16.90 29.18 5.63
C ASP F 177 15.68 28.35 6.00
N LEU F 178 15.76 27.57 7.07
CA LEU F 178 14.59 26.82 7.53
C LEU F 178 13.45 27.77 7.90
N GLU F 179 13.77 28.83 8.64
CA GLU F 179 12.73 29.74 9.14
C GLU F 179 12.08 30.52 8.01
N ASP F 180 12.79 30.76 6.90
CA ASP F 180 12.22 31.49 5.77
C ASP F 180 11.31 30.55 4.97
N HIS F 181 10.16 30.25 5.57
CA HIS F 181 9.21 29.31 4.99
C HIS F 181 8.78 29.75 3.60
N PRO F 182 8.40 28.81 2.74
CA PRO F 182 7.71 29.20 1.50
C PRO F 182 6.46 30.01 1.81
N ASN F 183 6.15 30.95 0.92
CA ASN F 183 5.18 32.00 1.23
C ASN F 183 4.67 32.57 -0.09
N VAL F 184 3.36 32.55 -0.28
CA VAL F 184 2.76 33.06 -1.51
C VAL F 184 3.12 34.54 -1.69
N GLN F 185 2.96 35.33 -0.63
CA GLN F 185 3.19 36.78 -0.74
C GLN F 185 4.64 37.08 -1.14
N LYS F 186 5.60 36.35 -0.55
CA LYS F 186 7.00 36.45 -0.95
C LYS F 186 7.19 36.21 -2.44
N ASP F 187 6.63 35.13 -2.96
CA ASP F 187 6.87 34.80 -4.38
C ASP F 187 6.26 35.87 -5.28
N LEU F 188 5.07 36.36 -4.97
CA LEU F 188 4.49 37.44 -5.77
C LEU F 188 5.40 38.67 -5.78
N GLU F 189 6.02 39.02 -4.64
CA GLU F 189 6.96 40.14 -4.70
C GLU F 189 8.11 39.81 -5.65
N ARG F 190 8.71 38.61 -5.54
CA ARG F 190 9.81 38.24 -6.45
C ARG F 190 9.33 38.32 -7.90
N LEU F 191 8.16 37.72 -8.15
CA LEU F 191 7.57 37.59 -9.47
C LEU F 191 7.31 38.96 -10.06
N THR F 192 6.98 39.94 -9.21
CA THR F 192 6.67 41.30 -9.62
C THR F 192 7.85 42.00 -10.29
N GLN F 193 9.12 41.75 -9.92
CA GLN F 193 10.16 42.42 -10.70
C GLN F 193 10.12 41.95 -12.14
N GLU F 194 10.11 42.91 -13.06
CA GLU F 194 9.78 42.75 -14.48
C GLU F 194 9.14 41.41 -14.85
N MET G 26 -30.15 -7.08 -34.87
CA MET G 26 -30.35 -6.58 -33.52
C MET G 26 -29.04 -6.53 -32.75
N ASP G 27 -28.67 -5.34 -32.28
CA ASP G 27 -27.46 -5.20 -31.48
C ASP G 27 -27.66 -5.75 -30.08
N VAL G 28 -26.65 -6.45 -29.59
CA VAL G 28 -26.54 -6.79 -28.18
C VAL G 28 -25.30 -6.14 -27.59
N PHE G 29 -25.41 -5.75 -26.32
CA PHE G 29 -24.41 -4.96 -25.62
C PHE G 29 -23.85 -5.82 -24.49
N LEU G 30 -22.53 -6.00 -24.49
CA LEU G 30 -21.88 -7.00 -23.66
C LEU G 30 -20.82 -6.38 -22.75
N MET G 31 -20.61 -7.05 -21.62
CA MET G 31 -19.43 -6.86 -20.75
C MET G 31 -18.64 -8.15 -20.79
N ILE G 32 -17.44 -8.09 -21.35
CA ILE G 32 -16.52 -9.23 -21.36
C ILE G 32 -15.56 -9.06 -20.20
N ARG G 33 -15.58 -10.00 -19.27
CA ARG G 33 -15.00 -9.81 -17.95
C ARG G 33 -14.04 -10.95 -17.59
N ARG G 34 -12.89 -10.55 -17.05
CA ARG G 34 -11.84 -11.45 -16.57
C ARG G 34 -11.11 -10.76 -15.44
N HIS G 35 -11.09 -11.39 -14.25
CA HIS G 35 -10.38 -10.83 -13.09
C HIS G 35 -10.85 -9.41 -12.80
N LYS G 36 -9.97 -8.42 -13.01
CA LYS G 36 -10.31 -7.03 -12.78
C LYS G 36 -10.41 -6.26 -14.09
N THR G 37 -10.65 -6.98 -15.18
CA THR G 37 -10.78 -6.42 -16.52
C THR G 37 -12.22 -6.53 -16.98
N THR G 38 -12.75 -5.45 -17.56
CA THR G 38 -14.07 -5.46 -18.18
C THR G 38 -13.99 -4.72 -19.50
N ILE G 39 -14.32 -5.40 -20.60
CA ILE G 39 -14.46 -4.78 -21.91
C ILE G 39 -15.94 -4.51 -22.19
N PHE G 40 -16.27 -3.25 -22.48
CA PHE G 40 -17.58 -2.88 -23.07
C PHE G 40 -17.50 -2.87 -24.59
N THR G 41 -18.30 -3.71 -25.23
CA THR G 41 -18.43 -3.66 -26.68
C THR G 41 -19.82 -4.16 -27.06
N ASP G 42 -20.19 -3.95 -28.32
CA ASP G 42 -21.43 -4.47 -28.87
C ASP G 42 -21.12 -5.37 -30.06
N ALA G 43 -22.13 -6.17 -30.44
CA ALA G 43 -22.06 -7.00 -31.63
C ALA G 43 -23.48 -7.29 -32.10
N LYS G 44 -23.58 -7.89 -33.28
CA LYS G 44 -24.89 -8.31 -33.76
C LYS G 44 -25.29 -9.62 -33.11
N GLU G 45 -26.59 -9.76 -32.88
CA GLU G 45 -27.17 -11.02 -32.41
C GLU G 45 -26.77 -12.19 -33.30
N SER G 46 -26.62 -11.93 -34.60
CA SER G 46 -26.29 -12.97 -35.58
C SER G 46 -24.80 -13.24 -35.69
N SER G 47 -23.95 -12.43 -35.05
CA SER G 47 -22.52 -12.64 -35.15
C SER G 47 -22.12 -13.82 -34.25
N THR G 48 -20.94 -14.37 -34.49
CA THR G 48 -20.62 -15.63 -33.84
C THR G 48 -19.68 -15.39 -32.67
N VAL G 49 -19.61 -16.41 -31.80
CA VAL G 49 -18.68 -16.46 -30.68
C VAL G 49 -17.26 -16.18 -31.16
N PHE G 50 -16.90 -16.72 -32.33
CA PHE G 50 -15.56 -16.50 -32.88
C PHE G 50 -15.27 -15.02 -33.16
N GLU G 51 -16.20 -14.31 -33.79
CA GLU G 51 -15.92 -12.90 -34.09
C GLU G 51 -15.78 -12.11 -32.80
N LEU G 52 -16.48 -12.53 -31.74
CA LEU G 52 -16.30 -11.88 -30.45
C LEU G 52 -14.90 -12.15 -29.90
N LYS G 53 -14.38 -13.36 -30.09
CA LYS G 53 -12.99 -13.61 -29.71
C LYS G 53 -12.04 -12.75 -30.52
N ARG G 54 -12.34 -12.50 -31.80
CA ARG G 54 -11.52 -11.59 -32.60
C ARG G 54 -11.53 -10.17 -32.02
N ILE G 55 -12.70 -9.68 -31.59
CA ILE G 55 -12.72 -8.39 -30.92
C ILE G 55 -11.78 -8.42 -29.74
N VAL G 56 -11.87 -9.46 -28.92
CA VAL G 56 -11.04 -9.52 -27.72
C VAL G 56 -9.57 -9.54 -28.13
N GLU G 57 -9.24 -10.21 -29.24
CA GLU G 57 -7.86 -10.25 -29.71
C GLU G 57 -7.37 -8.86 -30.06
N GLY G 58 -8.19 -8.10 -30.79
CA GLY G 58 -7.87 -6.71 -31.10
C GLY G 58 -7.44 -5.91 -29.89
N ILE G 59 -8.06 -6.15 -28.75
CA ILE G 59 -7.90 -5.31 -27.57
C ILE G 59 -6.81 -5.86 -26.65
N LEU G 60 -6.90 -7.15 -26.31
CA LEU G 60 -6.04 -7.74 -25.30
C LEU G 60 -4.92 -8.57 -25.90
N LYS G 61 -4.81 -8.59 -27.24
CA LYS G 61 -3.67 -9.14 -27.97
C LYS G 61 -3.50 -10.64 -27.70
N ARG G 62 -4.60 -11.36 -27.65
CA ARG G 62 -4.56 -12.81 -27.46
C ARG G 62 -5.42 -13.48 -28.52
N PRO G 63 -4.88 -14.44 -29.28
CA PRO G 63 -5.65 -15.06 -30.39
C PRO G 63 -6.81 -15.89 -29.86
N PRO G 64 -7.82 -16.11 -30.70
CA PRO G 64 -8.99 -16.92 -30.28
C PRO G 64 -8.68 -18.26 -29.63
N ASP G 65 -7.67 -19.00 -30.13
CA ASP G 65 -7.43 -20.36 -29.61
C ASP G 65 -6.89 -20.36 -28.19
N GLU G 66 -6.47 -19.20 -27.67
CA GLU G 66 -6.00 -19.08 -26.31
C GLU G 66 -7.07 -18.43 -25.41
N GLN G 67 -8.32 -18.39 -25.88
CA GLN G 67 -9.44 -17.76 -25.18
C GLN G 67 -10.55 -18.78 -24.97
N ARG G 68 -11.16 -18.73 -23.78
CA ARG G 68 -12.47 -19.32 -23.55
C ARG G 68 -13.47 -18.25 -23.14
N LEU G 69 -14.67 -18.33 -23.72
CA LEU G 69 -15.77 -17.43 -23.40
C LEU G 69 -16.92 -18.20 -22.75
N TYR G 70 -17.50 -17.60 -21.72
CA TYR G 70 -18.53 -18.25 -20.93
C TYR G 70 -19.74 -17.34 -20.86
N LYS G 71 -20.92 -17.97 -20.83
CA LYS G 71 -22.13 -17.39 -20.28
C LYS G 71 -22.40 -18.09 -18.96
N ASP G 72 -22.29 -17.32 -17.88
CA ASP G 72 -22.26 -17.94 -16.56
C ASP G 72 -21.20 -19.04 -16.61
N ASP G 73 -21.60 -20.28 -16.33
CA ASP G 73 -20.61 -21.35 -16.23
C ASP G 73 -20.43 -22.11 -17.53
N GLN G 74 -21.19 -21.77 -18.57
CA GLN G 74 -21.30 -22.60 -19.77
C GLN G 74 -20.33 -22.10 -20.84
N LEU G 75 -19.40 -22.96 -21.25
CA LEU G 75 -18.51 -22.67 -22.36
C LEU G 75 -19.27 -22.58 -23.68
N LEU G 76 -19.00 -21.53 -24.45
CA LEU G 76 -19.65 -21.31 -25.73
C LEU G 76 -18.81 -21.80 -26.89
N ASP G 77 -19.48 -22.40 -27.88
CA ASP G 77 -18.86 -22.93 -29.07
C ASP G 77 -18.64 -21.83 -30.09
N ASP G 78 -17.42 -21.80 -30.64
CA ASP G 78 -16.99 -20.79 -31.60
C ASP G 78 -18.05 -20.59 -32.70
N GLY G 79 -18.65 -21.67 -33.19
CA GLY G 79 -19.48 -21.49 -34.36
C GLY G 79 -20.87 -20.94 -34.08
N LYS G 80 -21.28 -20.90 -32.81
CA LYS G 80 -22.62 -20.43 -32.48
C LYS G 80 -22.67 -18.90 -32.52
N THR G 81 -23.83 -18.36 -32.91
CA THR G 81 -24.12 -16.94 -32.82
C THR G 81 -24.52 -16.55 -31.40
N LEU G 82 -24.38 -15.24 -31.12
CA LEU G 82 -24.77 -14.70 -29.82
C LEU G 82 -26.25 -14.93 -29.55
N GLY G 83 -27.08 -14.79 -30.58
CA GLY G 83 -28.50 -15.09 -30.43
C GLY G 83 -28.74 -16.48 -29.87
N GLU G 84 -28.08 -17.50 -30.47
CA GLU G 84 -28.28 -18.87 -30.02
C GLU G 84 -27.81 -19.08 -28.60
N CYS G 85 -26.81 -18.33 -28.17
CA CYS G 85 -26.31 -18.41 -26.80
C CYS G 85 -27.17 -17.64 -25.80
N GLY G 86 -28.18 -16.90 -26.25
CA GLY G 86 -29.11 -16.27 -25.34
C GLY G 86 -28.83 -14.82 -25.04
N PHE G 87 -27.97 -14.18 -25.81
CA PHE G 87 -27.77 -12.73 -25.78
C PHE G 87 -28.73 -12.11 -26.79
N THR G 88 -29.79 -11.50 -26.27
CA THR G 88 -30.82 -10.83 -27.07
C THR G 88 -30.91 -9.36 -26.69
N SER G 89 -31.47 -8.56 -27.61
CA SER G 89 -31.69 -7.15 -27.33
C SER G 89 -32.45 -6.92 -26.04
N GLN G 90 -33.34 -7.84 -25.66
CA GLN G 90 -34.10 -7.66 -24.43
C GLN G 90 -33.18 -7.82 -23.22
N THR G 91 -32.18 -8.71 -23.30
CA THR G 91 -31.37 -9.07 -22.14
C THR G 91 -29.97 -8.48 -22.17
N ALA G 92 -29.58 -7.81 -23.26
CA ALA G 92 -28.20 -7.37 -23.46
C ALA G 92 -28.29 -5.94 -23.97
N ARG G 93 -28.71 -5.04 -23.09
CA ARG G 93 -29.10 -3.67 -23.31
C ARG G 93 -27.94 -2.71 -23.04
N PRO G 94 -27.94 -1.56 -23.71
CA PRO G 94 -26.84 -0.59 -23.50
C PRO G 94 -26.65 -0.21 -22.05
N GLN G 95 -27.75 -0.01 -21.33
CA GLN G 95 -27.76 0.45 -19.95
C GLN G 95 -27.72 -0.68 -18.94
N ALA G 96 -27.73 -1.93 -19.42
CA ALA G 96 -27.66 -3.12 -18.57
C ALA G 96 -27.07 -4.27 -19.40
N PRO G 97 -25.79 -4.17 -19.77
CA PRO G 97 -25.21 -5.14 -20.69
C PRO G 97 -25.06 -6.52 -20.07
N ALA G 98 -25.02 -7.54 -20.92
CA ALA G 98 -24.89 -8.91 -20.47
C ALA G 98 -23.41 -9.26 -20.29
N THR G 99 -23.12 -10.12 -19.31
CA THR G 99 -21.75 -10.48 -18.96
C THR G 99 -21.32 -11.74 -19.72
N VAL G 100 -20.22 -11.63 -20.46
CA VAL G 100 -19.47 -12.75 -20.98
C VAL G 100 -18.21 -12.98 -20.13
N GLY G 101 -18.08 -14.18 -19.57
CA GLY G 101 -16.84 -14.56 -18.91
C GLY G 101 -15.74 -14.87 -19.90
N LEU G 102 -14.51 -14.52 -19.52
CA LEU G 102 -13.32 -14.77 -20.34
C LEU G 102 -12.23 -15.44 -19.52
N ALA G 103 -11.67 -16.52 -20.08
CA ALA G 103 -10.50 -17.21 -19.53
C ALA G 103 -9.43 -17.36 -20.61
N PHE G 104 -8.18 -17.14 -20.21
CA PHE G 104 -7.03 -17.25 -21.09
C PHE G 104 -6.35 -18.61 -20.90
N ARG G 105 -5.82 -19.16 -21.99
CA ARG G 105 -4.88 -20.28 -21.86
C ARG G 105 -3.50 -19.74 -21.53
N ALA G 106 -3.00 -20.11 -20.34
CA ALA G 106 -1.72 -19.66 -19.82
C ALA G 106 -0.77 -20.86 -19.77
N ASP G 107 0.22 -20.88 -20.66
CA ASP G 107 1.25 -21.92 -20.71
C ASP G 107 0.63 -23.31 -20.81
N ASP G 108 0.01 -23.54 -21.97
CA ASP G 108 -0.45 -24.86 -22.41
C ASP G 108 -1.75 -25.29 -21.74
N THR G 109 -2.14 -24.71 -20.60
CA THR G 109 -3.47 -24.99 -20.08
C THR G 109 -4.27 -23.72 -19.86
N PHE G 110 -5.58 -23.88 -19.75
CA PHE G 110 -6.50 -22.76 -19.50
C PHE G 110 -6.57 -22.45 -18.01
N GLU G 111 -6.49 -21.17 -17.66
CA GLU G 111 -6.85 -20.77 -16.30
C GLU G 111 -8.33 -21.06 -16.04
N ALA G 112 -8.67 -21.20 -14.76
CA ALA G 112 -10.06 -21.19 -14.34
C ALA G 112 -10.72 -19.85 -14.65
N LEU G 113 -12.00 -19.91 -15.05
CA LEU G 113 -12.87 -18.74 -15.09
C LEU G 113 -12.90 -18.00 -13.76
N ILE G 115 -13.90 -13.94 -12.15
CA ILE G 115 -14.32 -12.54 -12.32
C ILE G 115 -14.32 -11.87 -10.95
N GLU G 116 -13.47 -10.85 -10.78
CA GLU G 116 -13.48 -10.10 -9.52
C GLU G 116 -14.75 -9.26 -9.46
N PRO G 117 -15.54 -9.34 -8.40
CA PRO G 117 -16.67 -8.42 -8.25
C PRO G 117 -16.25 -6.95 -8.11
N PHE G 118 -17.15 -6.08 -8.56
CA PHE G 118 -17.05 -4.65 -8.30
C PHE G 118 -17.17 -4.39 -6.80
N SER G 119 -16.68 -3.24 -6.35
CA SER G 119 -16.85 -2.82 -4.96
C SER G 119 -18.30 -2.88 -4.45
N SER G 120 -18.44 -2.97 -3.14
CA SER G 120 -19.72 -2.94 -2.41
C SER G 120 -20.20 -1.51 -2.13
N PRO G 121 -21.47 -1.20 -2.39
CA PRO G 121 -22.01 0.09 -1.98
C PRO G 121 -21.97 0.22 -0.47
N PRO G 122 -21.85 1.45 0.04
CA PRO G 122 -21.98 1.64 1.49
C PRO G 122 -23.40 1.37 1.92
N GLU G 123 -23.61 1.31 3.23
CA GLU G 123 -24.98 1.32 3.76
C GLU G 123 -25.75 2.51 3.20
N LEU G 124 -27.01 2.30 2.89
CA LEU G 124 -27.91 3.40 2.60
C LEU G 124 -27.86 4.40 3.76
N PRO G 125 -27.69 5.69 3.47
CA PRO G 125 -27.85 6.69 4.54
C PRO G 125 -29.22 6.65 5.19
N ASP G 126 -29.27 7.18 6.41
CA ASP G 126 -30.50 7.23 7.20
C ASP G 126 -31.62 7.89 6.40
N VAL G 127 -31.33 9.02 5.75
CA VAL G 127 -32.32 9.83 5.07
C VAL G 127 -32.90 9.17 3.83
N MET G 128 -32.39 8.02 3.41
CA MET G 128 -32.96 7.28 2.30
C MET G 128 -33.66 6.02 2.79
N MET H 1 -11.01 -0.37 -34.32
CA MET H 1 -11.45 0.46 -33.20
C MET H 1 -10.48 0.84 -32.10
N MET H 2 -10.30 2.14 -31.89
CA MET H 2 -9.51 2.60 -30.77
C MET H 2 -10.28 2.31 -29.48
N TYR H 3 -9.62 1.72 -28.50
CA TYR H 3 -10.16 1.61 -27.17
C TYR H 3 -9.35 2.45 -26.19
N VAL H 4 -9.95 2.74 -25.03
CA VAL H 4 -9.24 3.40 -23.93
C VAL H 4 -9.62 2.72 -22.63
N LYS H 5 -8.73 2.86 -21.65
CA LYS H 5 -8.87 2.21 -20.35
C LYS H 5 -9.15 3.21 -19.24
N LEU H 6 -10.20 2.96 -18.48
CA LEU H 6 -10.56 3.77 -17.33
C LEU H 6 -10.36 2.89 -16.12
N ILE H 7 -9.56 3.34 -15.16
CA ILE H 7 -9.19 2.52 -14.02
C ILE H 7 -9.87 3.07 -12.77
N SER H 8 -10.60 2.20 -12.08
CA SER H 8 -11.28 2.61 -10.87
C SER H 8 -10.28 2.72 -9.72
N SER H 9 -10.77 3.25 -8.59
CA SER H 9 -9.91 3.43 -7.43
C SER H 9 -9.43 2.09 -6.87
N ASP H 10 -10.28 1.06 -6.95
CA ASP H 10 -9.97 -0.29 -6.47
C ASP H 10 -9.33 -1.17 -7.54
N GLY H 11 -8.81 -0.58 -8.60
CA GLY H 11 -8.05 -1.28 -9.62
C GLY H 11 -8.79 -2.03 -10.71
N HIS H 12 -10.10 -1.94 -10.81
CA HIS H 12 -10.77 -2.53 -11.96
C HIS H 12 -10.45 -1.69 -13.21
N GLU H 13 -10.11 -2.35 -14.30
CA GLU H 13 -9.81 -1.68 -15.57
C GLU H 13 -10.98 -1.88 -16.52
N PHE H 14 -11.62 -0.78 -16.90
CA PHE H 14 -12.76 -0.76 -17.81
C PHE H 14 -12.28 -0.27 -19.16
N ILE H 15 -12.41 -1.11 -20.18
CA ILE H 15 -12.02 -0.78 -21.54
C ILE H 15 -13.28 -0.51 -22.35
N VAL H 16 -13.38 0.71 -22.88
CA VAL H 16 -14.54 1.22 -23.61
C VAL H 16 -14.04 1.81 -24.92
N LYS H 17 -14.93 1.85 -25.92
CA LYS H 17 -14.64 2.55 -27.16
C LYS H 17 -14.21 3.99 -26.89
N ARG H 18 -13.15 4.42 -27.59
CA ARG H 18 -12.72 5.82 -27.53
C ARG H 18 -13.87 6.77 -27.80
N GLU H 19 -14.60 6.51 -28.89
CA GLU H 19 -15.75 7.35 -29.28
C GLU H 19 -16.70 7.54 -28.12
N HIS H 20 -16.92 6.48 -27.33
CA HIS H 20 -17.84 6.55 -26.21
C HIS H 20 -17.27 7.41 -25.10
N ALA H 21 -15.98 7.23 -24.80
CA ALA H 21 -15.36 8.01 -23.73
C ALA H 21 -15.35 9.51 -24.05
N LEU H 22 -15.29 9.86 -25.34
CA LEU H 22 -15.28 11.26 -25.75
C LEU H 22 -16.61 11.98 -25.52
N THR H 23 -17.71 11.26 -25.26
CA THR H 23 -18.91 11.91 -24.73
C THR H 23 -18.62 12.79 -23.52
N SER H 24 -17.63 12.42 -22.71
CA SER H 24 -17.26 13.23 -21.55
C SER H 24 -16.23 14.26 -22.00
N GLY H 25 -16.56 15.54 -21.80
CA GLY H 25 -15.62 16.60 -22.11
C GLY H 25 -14.32 16.48 -21.34
N THR H 26 -14.41 16.15 -20.05
CA THR H 26 -13.20 16.06 -19.25
C THR H 26 -12.30 14.96 -19.80
N ILE H 27 -12.87 13.79 -20.09
CA ILE H 27 -12.06 12.69 -20.58
C ILE H 27 -11.49 13.04 -21.95
N LYS H 28 -12.31 13.62 -22.84
CA LYS H 28 -11.79 14.01 -24.16
C LYS H 28 -10.57 14.92 -24.04
N ALA H 29 -10.66 15.94 -23.18
CA ALA H 29 -9.53 16.85 -23.02
C ALA H 29 -8.36 16.17 -22.33
N MET H 30 -8.67 15.42 -21.28
CA MET H 30 -7.65 14.73 -20.48
C MET H 30 -6.92 13.65 -21.28
N LEU H 31 -7.61 13.01 -22.23
CA LEU H 31 -7.00 11.90 -22.96
C LEU H 31 -6.29 12.44 -24.20
N THR H 42 -2.04 9.88 -24.61
CA THR H 42 -2.66 9.25 -23.45
C THR H 42 -3.74 8.24 -23.87
N ASN H 43 -3.58 6.99 -23.44
CA ASN H 43 -4.53 5.92 -23.71
C ASN H 43 -5.12 5.32 -22.45
N GLU H 44 -4.67 5.77 -21.28
CA GLU H 44 -5.12 5.27 -20.00
C GLU H 44 -5.44 6.43 -19.09
N VAL H 45 -6.44 6.27 -18.22
CA VAL H 45 -6.83 7.31 -17.27
C VAL H 45 -7.18 6.68 -15.93
N ASN H 46 -6.62 7.24 -14.85
CA ASN H 46 -6.88 6.79 -13.49
C ASN H 46 -7.85 7.73 -12.78
N PHE H 47 -8.77 7.12 -12.03
CA PHE H 47 -9.75 7.77 -11.18
C PHE H 47 -9.48 7.27 -9.77
N ARG H 48 -8.61 8.01 -9.08
CA ARG H 48 -8.23 7.66 -7.71
C ARG H 48 -9.42 7.69 -6.76
N GLU H 49 -10.49 8.39 -7.13
CA GLU H 49 -11.64 8.65 -6.27
C GLU H 49 -12.94 8.01 -6.71
N ILE H 50 -12.99 7.28 -7.82
CA ILE H 50 -14.23 6.68 -8.30
C ILE H 50 -14.10 5.16 -8.22
N PRO H 51 -14.85 4.51 -7.34
CA PRO H 51 -14.81 3.04 -7.25
C PRO H 51 -15.54 2.34 -8.38
N SER H 52 -15.29 1.01 -8.46
CA SER H 52 -15.69 0.22 -9.64
C SER H 52 -17.20 0.10 -9.77
N HIS H 53 -17.91 -0.02 -8.65
CA HIS H 53 -19.37 -0.10 -8.69
C HIS H 53 -19.99 1.19 -9.21
N VAL H 54 -19.23 2.28 -9.21
CA VAL H 54 -19.67 3.53 -9.81
C VAL H 54 -19.20 3.60 -11.24
N LEU H 55 -17.92 3.32 -11.49
CA LEU H 55 -17.37 3.54 -12.82
C LEU H 55 -18.00 2.58 -13.83
N SER H 56 -18.36 1.37 -13.41
CA SER H 56 -19.03 0.45 -14.33
C SER H 56 -20.30 1.11 -14.88
N LYS H 57 -21.09 1.73 -14.00
CA LYS H 57 -22.32 2.39 -14.42
C LYS H 57 -22.03 3.59 -15.30
N VAL H 58 -20.99 4.34 -14.95
CA VAL H 58 -20.58 5.46 -15.80
C VAL H 58 -20.36 4.94 -17.21
N CYS H 59 -19.65 3.81 -17.32
CA CYS H 59 -19.36 3.23 -18.63
C CYS H 59 -20.63 2.75 -19.32
N MET H 60 -21.58 2.22 -18.55
CA MET H 60 -22.85 1.80 -19.13
C MET H 60 -23.56 3.00 -19.74
N TYR H 61 -23.47 4.16 -19.05
CA TYR H 61 -24.10 5.38 -19.51
C TYR H 61 -23.55 5.80 -20.85
N PHE H 62 -22.22 5.75 -21.02
CA PHE H 62 -21.63 6.06 -22.31
C PHE H 62 -22.30 5.26 -23.41
N THR H 63 -22.45 3.96 -23.18
CA THR H 63 -23.04 3.10 -24.20
C THR H 63 -24.48 3.56 -24.47
N TYR H 64 -25.25 3.79 -23.41
CA TYR H 64 -26.63 4.22 -23.50
C TYR H 64 -26.80 5.53 -24.28
N LYS H 65 -26.02 6.57 -23.94
CA LYS H 65 -26.21 7.88 -24.56
C LYS H 65 -25.91 7.79 -26.05
N VAL H 66 -24.81 7.09 -26.40
CA VAL H 66 -24.39 6.97 -27.80
C VAL H 66 -25.45 6.19 -28.58
N ARG H 67 -26.08 5.19 -27.96
CA ARG H 67 -27.10 4.47 -28.70
C ARG H 67 -28.28 5.35 -29.03
N TYR H 68 -28.74 6.16 -28.07
CA TYR H 68 -30.07 6.76 -28.16
C TYR H 68 -30.06 8.23 -28.62
N THR H 69 -28.90 8.90 -28.69
CA THR H 69 -28.87 10.24 -29.24
C THR H 69 -29.23 10.26 -30.72
N ASN H 70 -30.15 11.16 -31.07
CA ASN H 70 -30.64 11.34 -32.44
C ASN H 70 -31.22 10.03 -33.00
N SER H 71 -32.17 9.50 -32.25
CA SER H 71 -32.85 8.25 -32.57
C SER H 71 -34.35 8.44 -32.42
N SER H 72 -35.09 7.94 -33.40
CA SER H 72 -36.55 7.91 -33.29
C SER H 72 -37.01 6.77 -32.40
N THR H 73 -36.28 5.66 -32.40
CA THR H 73 -36.63 4.52 -31.57
C THR H 73 -36.78 4.93 -30.11
N GLU H 74 -37.95 4.63 -29.54
CA GLU H 74 -38.32 5.01 -28.17
C GLU H 74 -37.24 4.70 -27.15
N ILE H 75 -37.01 5.68 -26.30
CA ILE H 75 -35.95 5.73 -25.32
C ILE H 75 -36.33 5.22 -23.94
N PRO H 76 -35.59 4.26 -23.37
CA PRO H 76 -35.83 3.78 -22.00
C PRO H 76 -35.09 4.54 -20.91
N GLU H 77 -35.57 4.32 -19.69
CA GLU H 77 -35.00 4.97 -18.52
C GLU H 77 -33.56 4.51 -18.29
N PHE H 78 -32.66 5.47 -18.04
CA PHE H 78 -31.38 5.05 -17.48
C PHE H 78 -31.57 4.63 -16.02
N PRO H 79 -31.39 3.37 -15.66
CA PRO H 79 -31.68 2.96 -14.28
C PRO H 79 -30.50 3.23 -13.35
N ILE H 80 -30.83 3.66 -12.12
CA ILE H 80 -29.83 3.90 -11.09
C ILE H 80 -30.37 3.36 -9.76
N ALA H 81 -29.68 2.38 -9.21
CA ALA H 81 -30.00 1.83 -7.90
C ALA H 81 -29.81 2.88 -6.82
N PRO H 82 -30.74 2.98 -5.85
CA PRO H 82 -30.58 3.95 -4.76
C PRO H 82 -29.17 3.96 -4.18
N GLU H 83 -28.58 2.77 -4.03
CA GLU H 83 -27.33 2.59 -3.31
C GLU H 83 -26.18 3.32 -3.99
N ILE H 84 -26.30 3.59 -5.29
CA ILE H 84 -25.19 4.15 -6.07
C ILE H 84 -25.43 5.62 -6.44
N ALA H 85 -26.61 6.16 -6.15
CA ALA H 85 -26.98 7.47 -6.65
C ALA H 85 -26.00 8.54 -6.19
N LEU H 86 -25.63 8.51 -4.91
CA LEU H 86 -24.79 9.56 -4.34
C LEU H 86 -23.44 9.63 -5.02
N GLU H 87 -22.78 8.49 -5.18
CA GLU H 87 -21.43 8.49 -5.74
C GLU H 87 -21.46 8.81 -7.24
N LEU H 88 -22.48 8.31 -7.93
CA LEU H 88 -22.61 8.61 -9.35
C LEU H 88 -22.84 10.10 -9.58
N LEU H 89 -23.63 10.72 -8.70
CA LEU H 89 -23.82 12.17 -8.77
C LEU H 89 -22.47 12.89 -8.66
N MET H 90 -21.64 12.49 -7.68
CA MET H 90 -20.34 13.13 -7.49
C MET H 90 -19.45 12.90 -8.70
N ALA H 91 -19.46 11.66 -9.23
CA ALA H 91 -18.64 11.33 -10.39
C ALA H 91 -19.13 12.06 -11.63
N ALA H 92 -20.45 12.12 -11.81
CA ALA H 92 -21.03 12.75 -13.00
C ALA H 92 -20.64 14.21 -13.03
N ASN H 93 -20.67 14.84 -11.85
CA ASN H 93 -20.25 16.24 -11.72
C ASN H 93 -18.82 16.38 -12.22
N PHE H 94 -17.93 15.50 -11.75
CA PHE H 94 -16.53 15.56 -12.14
C PHE H 94 -16.35 15.25 -13.62
N LEU H 95 -17.06 14.24 -14.13
CA LEU H 95 -16.80 13.80 -15.50
C LEU H 95 -17.48 14.69 -16.53
N ASP H 96 -18.46 15.50 -16.09
CA ASP H 96 -19.20 16.40 -16.97
C ASP H 96 -19.83 15.66 -18.15
N PRO I 51 -45.41 36.98 -23.34
CA PRO I 51 -44.26 37.50 -24.07
C PRO I 51 -44.12 36.89 -25.46
N VAL I 52 -42.95 36.31 -25.72
CA VAL I 52 -42.66 35.84 -27.08
C VAL I 52 -43.34 34.49 -27.31
N LEU I 53 -43.21 33.59 -26.34
CA LEU I 53 -43.77 32.24 -26.36
C LEU I 53 -45.17 32.25 -25.79
N ARG I 54 -46.18 32.25 -26.66
CA ARG I 54 -47.57 32.23 -26.23
C ARG I 54 -48.39 31.65 -27.35
N SER I 55 -49.56 31.10 -27.01
CA SER I 55 -50.46 30.65 -28.06
C SER I 55 -51.03 31.85 -28.82
N VAL I 56 -51.16 31.70 -30.12
CA VAL I 56 -51.96 32.56 -30.99
C VAL I 56 -53.43 32.17 -30.90
N ASN I 57 -54.31 33.16 -30.71
CA ASN I 57 -55.74 32.89 -30.67
C ASN I 57 -56.24 32.80 -32.11
N SER I 58 -55.85 31.70 -32.76
CA SER I 58 -56.19 31.49 -34.17
C SER I 58 -57.67 31.19 -34.33
N ARG I 59 -58.27 30.50 -33.36
CA ARG I 59 -59.61 29.93 -33.48
C ARG I 59 -59.73 28.99 -34.68
N GLU I 60 -58.63 28.32 -35.04
CA GLU I 60 -58.64 27.33 -36.11
C GLU I 60 -58.46 25.96 -35.47
N PRO I 61 -59.52 25.17 -35.29
CA PRO I 61 -59.39 23.84 -34.67
C PRO I 61 -58.32 22.96 -35.31
N SER I 62 -57.61 22.20 -34.48
CA SER I 62 -56.63 21.22 -34.95
C SER I 62 -56.69 19.99 -34.05
N GLN I 63 -57.00 18.83 -34.63
CA GLN I 63 -57.07 17.58 -33.87
C GLN I 63 -55.68 16.96 -33.68
N VAL I 64 -55.39 16.49 -32.46
CA VAL I 64 -54.05 16.00 -32.10
C VAL I 64 -54.16 14.70 -31.31
N ILE I 65 -53.24 13.76 -31.58
CA ILE I 65 -53.01 12.60 -30.70
C ILE I 65 -51.79 12.84 -29.82
N PHE I 66 -52.02 12.92 -28.51
CA PHE I 66 -50.96 12.93 -27.53
C PHE I 66 -50.52 11.47 -27.26
N ASN I 68 -47.93 9.09 -25.48
CA ASN I 68 -46.91 9.08 -24.44
C ASN I 68 -45.98 7.86 -24.59
N ARG I 69 -44.88 8.03 -25.33
CA ARG I 69 -43.87 6.98 -25.51
C ARG I 69 -42.73 7.06 -24.52
N SER I 70 -43.05 7.31 -23.26
CA SER I 70 -42.10 7.45 -22.16
C SER I 70 -42.58 6.58 -21.02
N PRO I 71 -41.70 6.26 -20.07
CA PRO I 71 -42.15 5.56 -18.86
C PRO I 71 -42.68 6.48 -17.79
N ARG I 72 -42.77 7.78 -18.08
CA ARG I 72 -43.25 8.76 -17.11
C ARG I 72 -44.75 8.99 -17.29
N VAL I 73 -45.42 9.33 -16.18
CA VAL I 73 -46.71 10.01 -16.27
C VAL I 73 -46.46 11.41 -16.83
N VAL I 74 -47.11 11.74 -17.94
CA VAL I 74 -46.87 12.99 -18.66
C VAL I 74 -47.95 13.99 -18.28
N LEU I 75 -47.52 15.23 -17.99
CA LEU I 75 -48.36 16.41 -17.82
C LEU I 75 -48.23 17.25 -19.07
N PRO I 76 -49.27 17.34 -19.91
CA PRO I 76 -49.26 18.32 -20.99
C PRO I 76 -49.46 19.72 -20.45
N VAL I 77 -48.73 20.67 -21.01
CA VAL I 77 -48.81 22.06 -20.57
C VAL I 77 -49.07 22.94 -21.78
N TRP I 78 -50.17 23.67 -21.74
CA TRP I 78 -50.56 24.62 -22.78
C TRP I 78 -50.09 26.00 -22.36
N LEU I 79 -49.38 26.69 -23.24
CA LEU I 79 -49.07 28.10 -23.04
C LEU I 79 -50.27 28.94 -23.49
N ASN I 80 -50.95 29.60 -22.56
CA ASN I 80 -52.18 30.33 -22.87
C ASN I 80 -51.86 31.63 -23.63
N PHE I 81 -52.90 32.44 -23.85
CA PHE I 81 -52.76 33.61 -24.73
C PHE I 81 -51.94 34.72 -24.11
N ASP I 82 -51.78 34.71 -22.79
CA ASP I 82 -50.86 35.60 -22.08
C ASP I 82 -49.48 34.98 -21.89
N GLY I 83 -49.29 33.73 -22.31
CA GLY I 83 -48.04 33.05 -22.11
C GLY I 83 -47.93 32.29 -20.80
N GLU I 84 -49.00 32.26 -20.00
CA GLU I 84 -48.99 31.50 -18.75
C GLU I 84 -49.13 29.99 -19.03
N PRO I 85 -48.29 29.16 -18.42
CA PRO I 85 -48.45 27.69 -18.54
C PRO I 85 -49.72 27.20 -17.87
N GLN I 86 -50.50 26.42 -18.61
CA GLN I 86 -51.74 25.83 -18.10
C GLN I 86 -51.66 24.31 -18.12
N PRO I 87 -51.67 23.66 -16.96
CA PRO I 87 -51.65 22.19 -16.95
C PRO I 87 -52.96 21.54 -17.36
N TYR I 88 -52.84 20.43 -18.09
CA TYR I 88 -53.95 19.63 -18.61
C TYR I 88 -53.92 18.23 -18.00
N PRO I 89 -54.99 17.43 -18.14
CA PRO I 89 -55.01 16.10 -17.49
C PRO I 89 -53.84 15.22 -17.92
N THR I 90 -53.39 14.42 -16.97
CA THR I 90 -52.19 13.63 -17.11
C THR I 90 -52.45 12.41 -18.00
N LEU I 91 -51.38 11.91 -18.63
CA LEU I 91 -51.43 10.70 -19.44
C LEU I 91 -50.58 9.63 -18.79
N PRO I 92 -51.13 8.46 -18.45
CA PRO I 92 -50.30 7.33 -17.97
C PRO I 92 -49.25 6.91 -18.99
N PRO I 93 -48.17 6.30 -18.52
CA PRO I 93 -47.13 5.77 -19.42
C PRO I 93 -47.70 4.85 -20.48
N GLY I 94 -47.25 5.04 -21.73
CA GLY I 94 -47.63 4.14 -22.80
C GLY I 94 -49.05 4.27 -23.29
N THR I 95 -49.76 5.34 -22.93
CA THR I 95 -51.11 5.59 -23.36
C THR I 95 -51.20 6.73 -24.37
N GLY I 96 -52.30 6.73 -25.11
CA GLY I 96 -52.52 7.73 -26.13
C GLY I 96 -53.90 8.31 -25.92
N ARG I 97 -54.06 9.58 -26.31
CA ARG I 97 -55.32 10.27 -26.13
C ARG I 97 -55.55 11.19 -27.31
N ARG I 98 -56.74 11.14 -27.91
CA ARG I 98 -57.15 12.12 -28.93
C ARG I 98 -57.62 13.42 -28.27
N ILE I 99 -57.04 14.55 -28.64
CA ILE I 99 -57.40 15.82 -28.02
C ILE I 99 -57.65 16.88 -29.07
N HIS I 100 -58.51 17.84 -28.71
CA HIS I 100 -58.87 18.98 -29.54
C HIS I 100 -58.07 20.23 -29.16
N SER I 101 -57.26 20.72 -30.08
CA SER I 101 -56.49 21.95 -29.91
C SER I 101 -56.73 22.89 -31.09
N TYR I 102 -55.78 23.79 -31.36
CA TYR I 102 -55.95 24.81 -32.38
C TYR I 102 -54.60 25.10 -33.02
N ARG I 103 -54.64 25.50 -34.30
CA ARG I 103 -53.42 25.86 -35.01
C ARG I 103 -52.73 27.01 -34.28
N GLY I 104 -51.42 26.88 -34.10
CA GLY I 104 -50.62 27.95 -33.55
C GLY I 104 -50.59 27.98 -32.03
N HIS I 105 -51.24 27.03 -31.36
CA HIS I 105 -51.15 26.88 -29.92
C HIS I 105 -49.84 26.20 -29.55
N LEU I 106 -49.28 26.58 -28.40
CA LEU I 106 -48.00 26.03 -27.95
C LEU I 106 -48.22 25.04 -26.81
N TRP I 107 -47.54 23.90 -26.90
CA TRP I 107 -47.59 22.86 -25.87
C TRP I 107 -46.19 22.41 -25.49
N LEU I 108 -46.06 22.02 -24.23
CA LEU I 108 -44.88 21.30 -23.78
C LEU I 108 -45.36 20.26 -22.78
N PHE I 109 -44.44 19.34 -22.45
CA PHE I 109 -44.80 18.13 -21.74
C PHE I 109 -43.78 17.86 -20.65
N ARG I 110 -44.26 17.55 -19.46
CA ARG I 110 -43.40 17.31 -18.31
C ARG I 110 -43.78 16.01 -17.61
N ASP I 111 -42.84 15.54 -16.79
CA ASP I 111 -43.18 14.54 -15.78
C ASP I 111 -44.14 15.14 -14.77
N ALA I 112 -45.28 14.48 -14.59
CA ALA I 112 -46.32 15.04 -13.73
C ALA I 112 -45.83 15.19 -12.30
N GLY I 113 -44.97 14.27 -11.83
CA GLY I 113 -44.52 14.28 -10.45
C GLY I 113 -43.33 15.19 -10.20
N THR I 114 -42.37 15.23 -11.14
CA THR I 114 -41.09 15.88 -10.90
C THR I 114 -40.86 17.10 -11.77
N HIS I 115 -41.64 17.28 -12.84
CA HIS I 115 -41.49 18.34 -13.82
C HIS I 115 -40.24 18.22 -14.67
N ASP I 116 -39.52 17.09 -14.60
CA ASP I 116 -38.48 16.81 -15.58
C ASP I 116 -38.98 17.11 -16.99
N GLY I 117 -38.12 17.73 -17.78
CA GLY I 117 -38.49 18.06 -19.15
C GLY I 117 -38.59 16.81 -20.00
N LEU I 118 -39.60 16.80 -20.86
CA LEU I 118 -39.77 15.76 -21.86
C LEU I 118 -39.71 16.36 -23.26
N LEU I 119 -39.49 15.49 -24.25
CA LEU I 119 -39.49 15.91 -25.63
C LEU I 119 -40.83 15.58 -26.29
N VAL I 120 -41.19 16.36 -27.31
CA VAL I 120 -42.35 16.07 -28.14
C VAL I 120 -41.91 16.21 -29.59
N ASN I 121 -42.04 15.14 -30.36
CA ASN I 121 -41.45 15.08 -31.70
C ASN I 121 -40.01 15.58 -31.63
N GLN I 122 -39.28 15.11 -30.62
CA GLN I 122 -37.85 15.32 -30.44
C GLN I 122 -37.47 16.78 -30.14
N THR I 123 -38.42 17.65 -29.76
CA THR I 123 -38.11 19.03 -29.36
C THR I 123 -39.02 19.38 -28.18
N GLU I 124 -38.91 20.62 -27.66
CA GLU I 124 -39.60 21.00 -26.43
C GLU I 124 -41.03 21.43 -26.67
N LEU I 125 -41.28 22.19 -27.73
CA LEU I 125 -42.60 22.76 -27.97
C LEU I 125 -43.23 22.08 -29.16
N PHE I 126 -44.54 21.92 -29.06
CA PHE I 126 -45.40 21.38 -30.09
C PHE I 126 -46.44 22.43 -30.48
N VAL I 127 -46.53 22.69 -31.76
CA VAL I 127 -47.50 23.57 -32.42
C VAL I 127 -48.38 22.70 -33.30
N PRO I 128 -49.66 22.53 -32.96
CA PRO I 128 -50.57 21.86 -33.87
C PRO I 128 -50.57 22.61 -35.19
N SER I 129 -50.56 21.87 -36.28
CA SER I 129 -50.66 22.59 -37.52
C SER I 129 -51.99 22.24 -38.14
N LEU I 130 -52.23 22.79 -39.32
CA LEU I 130 -53.48 22.50 -39.99
C LEU I 130 -53.54 21.01 -40.29
N ASN I 131 -54.69 20.39 -39.96
CA ASN I 131 -55.01 19.02 -40.37
C ASN I 131 -55.37 18.87 -41.83
N VAL I 132 -54.58 18.05 -42.53
CA VAL I 132 -54.82 17.64 -43.90
C VAL I 132 -55.60 16.33 -43.89
N ASP I 133 -56.74 16.31 -44.61
CA ASP I 133 -57.58 15.11 -44.76
C ASP I 133 -58.06 14.60 -43.40
N GLY I 134 -58.40 15.52 -42.50
CA GLY I 134 -58.86 15.15 -41.17
C GLY I 134 -57.91 14.27 -40.39
N GLN I 135 -56.66 14.21 -40.83
CA GLN I 135 -55.62 13.45 -40.13
C GLN I 135 -55.15 14.19 -38.90
N PRO I 136 -55.21 13.58 -37.71
CA PRO I 136 -54.68 14.25 -36.52
C PRO I 136 -53.17 14.39 -36.55
N ILE I 137 -52.67 15.40 -35.83
CA ILE I 137 -51.24 15.66 -35.74
C ILE I 137 -50.72 14.80 -34.62
N PHE I 138 -49.66 14.05 -34.88
CA PHE I 138 -49.04 13.22 -33.84
C PHE I 138 -48.06 14.03 -33.02
N ALA I 139 -48.26 14.01 -31.71
CA ALA I 139 -47.30 14.45 -30.68
C ALA I 139 -46.69 13.24 -29.97
N ASN I 140 -45.53 12.80 -30.44
CA ASN I 140 -44.82 11.70 -29.78
C ASN I 140 -44.01 12.25 -28.61
N ILE I 141 -44.40 11.88 -27.39
CA ILE I 141 -43.74 12.33 -26.17
C ILE I 141 -42.76 11.24 -25.74
N THR I 142 -41.47 11.59 -25.64
CA THR I 142 -40.42 10.64 -25.29
C THR I 142 -39.53 11.21 -24.21
N LEU I 143 -38.90 10.33 -23.44
CA LEU I 143 -37.78 10.75 -22.61
C LEU I 143 -36.65 11.29 -23.48
N PRO I 144 -36.00 12.39 -23.08
CA PRO I 144 -34.70 12.72 -23.65
C PRO I 144 -33.60 11.82 -23.09
N VAL I 145 -32.44 11.87 -23.74
CA VAL I 145 -31.22 11.38 -23.11
C VAL I 145 -30.76 12.41 -22.08
N TYR I 146 -31.19 12.25 -20.84
CA TYR I 146 -30.71 13.14 -19.80
C TYR I 146 -29.21 12.97 -19.65
N THR I 147 -28.51 14.05 -19.28
CA THR I 147 -27.14 13.90 -18.81
C THR I 147 -27.13 12.99 -17.60
N LEU I 148 -26.01 12.30 -17.39
CA LEU I 148 -25.87 11.47 -16.20
C LEU I 148 -26.06 12.31 -14.94
N LYS I 149 -25.50 13.52 -14.94
CA LYS I 149 -25.64 14.40 -13.78
C LYS I 149 -27.12 14.69 -13.53
N GLU I 150 -27.84 15.07 -14.59
CA GLU I 150 -29.24 15.43 -14.45
C GLU I 150 -30.04 14.22 -13.93
N ARG I 151 -29.73 13.02 -14.48
CA ARG I 151 -30.41 11.79 -14.07
C ARG I 151 -30.14 11.44 -12.61
N CYS I 152 -28.89 11.60 -12.17
CA CYS I 152 -28.55 11.40 -10.76
C CYS I 152 -29.38 12.30 -9.86
N LEU I 153 -29.47 13.59 -10.21
CA LEU I 153 -30.25 14.53 -9.42
C LEU I 153 -31.69 14.05 -9.30
N GLN I 154 -32.25 13.53 -10.40
CA GLN I 154 -33.62 13.03 -10.38
C GLN I 154 -33.78 11.92 -9.33
N VAL I 155 -32.83 10.98 -9.31
CA VAL I 155 -32.98 9.84 -8.42
C VAL I 155 -32.86 10.29 -6.97
N VAL I 156 -31.94 11.21 -6.67
CA VAL I 156 -31.82 11.67 -5.28
C VAL I 156 -33.07 12.45 -4.86
N ARG I 157 -33.57 13.34 -5.72
CA ARG I 157 -34.83 14.03 -5.40
C ARG I 157 -35.93 13.01 -5.13
N SER I 158 -35.92 11.88 -5.85
CA SER I 158 -36.92 10.85 -5.67
C SER I 158 -36.81 10.12 -4.33
N LEU I 159 -35.63 10.13 -3.70
CA LEU I 159 -35.41 9.31 -2.51
C LEU I 159 -35.42 10.09 -1.20
N VAL I 160 -35.15 11.39 -1.21
CA VAL I 160 -34.86 12.16 0.00
C VAL I 160 -35.86 13.31 0.07
N LYS I 161 -36.59 13.39 1.18
CA LYS I 161 -37.46 14.54 1.42
C LYS I 161 -36.62 15.82 1.39
N PRO I 162 -37.08 16.87 0.71
CA PRO I 162 -36.24 18.08 0.54
C PRO I 162 -35.77 18.74 1.82
N GLU I 163 -36.43 18.52 2.96
CA GLU I 163 -35.89 19.01 4.22
C GLU I 163 -34.53 18.39 4.53
N ASN I 164 -34.25 17.22 3.95
CA ASN I 164 -33.13 16.36 4.29
C ASN I 164 -31.98 16.44 3.29
N TYR I 165 -32.14 17.18 2.18
CA TYR I 165 -31.08 17.31 1.18
C TYR I 165 -29.74 17.68 1.81
N ARG I 166 -29.76 18.67 2.71
CA ARG I 166 -28.55 19.15 3.38
C ARG I 166 -27.82 18.10 4.22
N ARG I 167 -28.47 17.00 4.61
CA ARG I 167 -27.83 15.98 5.43
C ARG I 167 -27.09 14.90 4.63
N LEU I 168 -27.13 14.95 3.30
CA LEU I 168 -26.41 13.98 2.50
C LEU I 168 -24.91 14.27 2.53
N ASP I 169 -24.11 13.20 2.45
CA ASP I 169 -22.65 13.32 2.49
C ASP I 169 -22.12 13.53 1.07
N ILE I 170 -22.28 14.77 0.60
CA ILE I 170 -21.91 15.21 -0.74
C ILE I 170 -21.39 16.62 -0.64
N VAL I 171 -20.66 17.04 -1.68
CA VAL I 171 -20.17 18.41 -1.72
C VAL I 171 -21.35 19.39 -1.63
N ARG I 172 -21.09 20.53 -0.97
CA ARG I 172 -22.13 21.54 -0.74
C ARG I 172 -22.78 21.98 -2.05
N SER I 173 -21.98 22.12 -3.11
CA SER I 173 -22.49 22.58 -4.40
C SER I 173 -23.64 21.70 -4.87
N LEU I 174 -23.61 20.41 -4.55
CA LEU I 174 -24.65 19.52 -5.00
C LEU I 174 -25.96 19.77 -4.26
N TYR I 175 -25.91 20.30 -3.04
CA TYR I 175 -27.15 20.70 -2.38
C TYR I 175 -27.91 21.73 -3.21
N GLU I 176 -27.19 22.73 -3.75
CA GLU I 176 -27.86 23.77 -4.50
C GLU I 176 -28.41 23.21 -5.80
N ASP I 177 -27.69 22.25 -6.41
CA ASP I 177 -28.15 21.60 -7.62
C ASP I 177 -29.40 20.76 -7.35
N LEU I 178 -29.42 20.04 -6.22
CA LEU I 178 -30.61 19.25 -5.85
C LEU I 178 -31.82 20.14 -5.64
N GLU I 179 -31.65 21.23 -4.90
CA GLU I 179 -32.80 22.08 -4.56
C GLU I 179 -33.39 22.76 -5.78
N ASP I 180 -32.58 23.03 -6.81
CA ASP I 180 -33.04 23.67 -8.04
C ASP I 180 -33.83 22.68 -8.90
N HIS I 181 -35.05 22.38 -8.43
CA HIS I 181 -35.93 21.45 -9.13
C HIS I 181 -36.22 21.91 -10.55
N PRO I 182 -36.56 20.98 -11.44
CA PRO I 182 -37.09 21.38 -12.76
C PRO I 182 -38.38 22.17 -12.59
N ASN I 183 -38.59 23.14 -13.46
CA ASN I 183 -39.58 24.18 -13.21
C ASN I 183 -39.95 24.71 -14.59
N VAL I 184 -41.23 24.59 -14.96
CA VAL I 184 -41.70 25.03 -16.28
C VAL I 184 -41.40 26.51 -16.54
N GLN I 185 -41.70 27.38 -15.57
CA GLN I 185 -41.53 28.81 -15.77
C GLN I 185 -40.09 29.13 -16.14
N LYS I 186 -39.17 28.51 -15.40
CA LYS I 186 -37.73 28.66 -15.62
C LYS I 186 -37.36 28.37 -17.08
N ASP I 187 -37.84 27.24 -17.63
CA ASP I 187 -37.43 26.83 -18.99
C ASP I 187 -37.97 27.78 -20.06
N LEU I 188 -39.21 28.26 -19.91
CA LEU I 188 -39.72 29.29 -20.83
C LEU I 188 -38.83 30.53 -20.81
N GLU I 189 -38.35 30.94 -19.64
CA GLU I 189 -37.40 32.06 -19.63
C GLU I 189 -36.20 31.74 -20.51
N ARG I 190 -35.60 30.55 -20.31
CA ARG I 190 -34.41 30.18 -21.08
C ARG I 190 -34.71 30.15 -22.57
N LEU I 191 -35.79 29.46 -22.96
CA LEU I 191 -36.11 29.33 -24.38
C LEU I 191 -36.36 30.69 -25.01
N THR I 192 -37.04 31.58 -24.28
CA THR I 192 -37.30 32.93 -24.76
C THR I 192 -36.01 33.71 -24.99
N GLN I 193 -35.03 33.54 -24.09
CA GLN I 193 -33.77 34.25 -24.24
C GLN I 193 -33.00 33.75 -25.46
N GLU I 194 -32.95 32.43 -25.67
CA GLU I 194 -32.26 31.90 -26.85
C GLU I 194 -32.91 32.31 -28.17
N ARG I 195 -34.20 32.65 -28.16
CA ARG I 195 -34.83 33.14 -29.39
C ARG I 195 -34.32 34.53 -29.75
N ILE I 196 -33.08 34.61 -30.24
CA ILE I 196 -32.44 35.88 -30.54
C ILE I 196 -31.68 35.80 -31.86
N ALA I 197 -30.78 36.76 -32.09
CA ALA I 197 -29.95 36.79 -33.29
C ALA I 197 -28.94 35.64 -33.26
N MET J 26 5.02 -17.21 -18.69
CA MET J 26 6.16 -17.61 -17.88
C MET J 26 5.79 -17.61 -16.39
N ASP J 27 5.97 -18.76 -15.76
CA ASP J 27 5.88 -18.87 -14.31
C ASP J 27 7.06 -18.17 -13.64
N VAL J 28 6.77 -17.42 -12.56
CA VAL J 28 7.81 -16.93 -11.66
C VAL J 28 7.59 -17.50 -10.25
N PHE J 29 8.71 -17.73 -9.56
CA PHE J 29 8.75 -18.48 -8.30
C PHE J 29 9.24 -17.55 -7.21
N LEU J 30 8.40 -17.36 -6.19
CA LEU J 30 8.59 -16.35 -5.16
C LEU J 30 8.67 -16.93 -3.76
N MET J 31 9.36 -16.19 -2.91
CA MET J 31 9.26 -16.26 -1.46
C MET J 31 8.67 -14.94 -0.98
N ILE J 32 7.48 -14.98 -0.38
CA ILE J 32 6.88 -13.81 0.24
C ILE J 32 7.17 -13.88 1.73
N ARG J 33 7.86 -12.86 2.23
CA ARG J 33 8.52 -12.93 3.54
C ARG J 33 8.09 -11.76 4.41
N ARG J 34 7.72 -12.08 5.65
CA ARG J 34 7.43 -11.12 6.71
C ARG J 34 7.90 -11.71 8.02
N HIS J 35 8.74 -10.95 8.74
CA HIS J 35 9.22 -11.34 10.06
C HIS J 35 9.82 -12.74 9.95
N LYS J 36 9.22 -13.73 10.62
CA LYS J 36 9.72 -15.10 10.61
C LYS J 36 8.84 -16.01 9.76
N THR J 37 8.01 -15.45 8.90
CA THR J 37 7.10 -16.17 8.02
C THR J 37 7.61 -16.06 6.59
N THR J 38 7.64 -17.20 5.89
CA THR J 38 8.02 -17.24 4.47
C THR J 38 7.00 -18.11 3.73
N ILE J 39 6.31 -17.52 2.76
CA ILE J 39 5.43 -18.28 1.86
C ILE J 39 6.17 -18.56 0.54
N PHE J 40 6.20 -19.84 0.16
CA PHE J 40 6.63 -20.27 -1.17
C PHE J 40 5.41 -20.38 -2.07
N THR J 41 5.41 -19.61 -3.16
CA THR J 41 4.36 -19.72 -4.14
C THR J 41 4.92 -19.34 -5.50
N ASP J 42 4.18 -19.69 -6.53
CA ASP J 42 4.49 -19.30 -7.89
C ASP J 42 3.32 -18.49 -8.45
N ALA J 43 3.59 -17.75 -9.52
CA ALA J 43 2.56 -16.95 -10.16
C ALA J 43 3.01 -16.66 -11.58
N LYS J 44 2.08 -16.15 -12.37
CA LYS J 44 2.41 -15.77 -13.73
C LYS J 44 3.15 -14.45 -13.75
N GLU J 45 4.09 -14.33 -14.70
CA GLU J 45 4.75 -13.07 -14.96
C GLU J 45 3.73 -11.96 -15.24
N SER J 46 2.62 -12.31 -15.87
CA SER J 46 1.59 -11.36 -16.27
C SER J 46 0.59 -11.08 -15.16
N SER J 47 0.67 -11.80 -14.05
CA SER J 47 -0.25 -11.61 -12.95
C SER J 47 0.15 -10.35 -12.16
N THR J 48 -0.78 -9.85 -11.34
CA THR J 48 -0.62 -8.54 -10.74
C THR J 48 -0.25 -8.65 -9.26
N VAL J 49 0.27 -7.53 -8.74
CA VAL J 49 0.53 -7.41 -7.31
C VAL J 49 -0.74 -7.68 -6.49
N PHE J 50 -1.89 -7.19 -6.96
CA PHE J 50 -3.14 -7.47 -6.25
C PHE J 50 -3.42 -8.96 -6.18
N GLU J 51 -3.26 -9.66 -7.30
CA GLU J 51 -3.58 -11.08 -7.34
C GLU J 51 -2.66 -11.86 -6.40
N LEU J 52 -1.42 -11.39 -6.25
CA LEU J 52 -0.51 -11.96 -5.28
C LEU J 52 -0.98 -11.67 -3.85
N LYS J 53 -1.55 -10.48 -3.62
CA LYS J 53 -2.11 -10.17 -2.32
C LYS J 53 -3.29 -11.09 -2.02
N ARG J 54 -4.02 -11.49 -3.06
CA ARG J 54 -5.11 -12.44 -2.86
C ARG J 54 -4.57 -13.78 -2.36
N ILE J 55 -3.45 -14.25 -2.94
CA ILE J 55 -2.81 -15.46 -2.43
C ILE J 55 -2.49 -15.30 -0.96
N VAL J 56 -1.86 -14.18 -0.60
CA VAL J 56 -1.46 -14.00 0.80
C VAL J 56 -2.70 -14.00 1.69
N GLU J 57 -3.81 -13.42 1.21
CA GLU J 57 -5.04 -13.36 2.00
C GLU J 57 -5.55 -14.76 2.33
N GLY J 58 -5.60 -15.65 1.32
CA GLY J 58 -6.08 -17.01 1.54
C GLY J 58 -5.35 -17.72 2.66
N ILE J 59 -4.08 -17.42 2.83
CA ILE J 59 -3.20 -18.13 3.76
C ILE J 59 -3.19 -17.44 5.12
N LEU J 60 -2.93 -16.15 5.15
CA LEU J 60 -2.71 -15.47 6.41
C LEU J 60 -3.93 -14.65 6.83
N LYS J 61 -5.03 -14.66 6.06
CA LYS J 61 -6.33 -14.10 6.47
C LYS J 61 -6.24 -12.61 6.77
N ARG J 62 -5.55 -11.87 5.90
CA ARG J 62 -5.50 -10.42 5.99
C ARG J 62 -5.86 -9.93 4.60
N PRO J 63 -6.88 -9.07 4.45
CA PRO J 63 -7.32 -8.66 3.11
C PRO J 63 -6.24 -7.87 2.39
N PRO J 64 -6.32 -7.82 1.05
CA PRO J 64 -5.35 -7.02 0.28
C PRO J 64 -5.10 -5.62 0.80
N ASP J 65 -6.14 -4.90 1.26
CA ASP J 65 -5.96 -3.51 1.64
C ASP J 65 -5.15 -3.35 2.92
N GLU J 66 -4.92 -4.44 3.65
CA GLU J 66 -4.14 -4.44 4.88
C GLU J 66 -2.76 -5.01 4.64
N GLN J 67 -2.33 -5.08 3.37
CA GLN J 67 -1.05 -5.63 2.95
C GLN J 67 -0.28 -4.58 2.16
N ARG J 68 1.02 -4.51 2.41
CA ARG J 68 1.96 -3.89 1.48
C ARG J 68 2.96 -4.95 1.02
N LEU J 69 3.27 -4.94 -0.28
CA LEU J 69 4.25 -5.82 -0.88
C LEU J 69 5.42 -5.01 -1.42
N TYR J 70 6.64 -5.54 -1.23
CA TYR J 70 7.86 -4.84 -1.56
C TYR J 70 8.80 -5.64 -2.46
N LYS J 71 9.52 -4.91 -3.31
CA LYS J 71 10.78 -5.33 -3.90
C LYS J 71 11.88 -4.53 -3.25
N ASP J 72 12.72 -5.20 -2.48
CA ASP J 72 13.67 -4.53 -1.62
C ASP J 72 12.83 -3.54 -0.81
N ASP J 73 13.17 -2.25 -0.81
CA ASP J 73 12.51 -1.23 0.00
C ASP J 73 11.42 -0.51 -0.77
N GLN J 74 11.15 -0.92 -2.01
CA GLN J 74 10.28 -0.16 -2.91
C GLN J 74 8.89 -0.77 -2.82
N LEU J 75 7.92 0.05 -2.43
CA LEU J 75 6.53 -0.35 -2.34
C LEU J 75 6.01 -0.68 -3.75
N LEU J 76 5.27 -1.77 -3.87
CA LEU J 76 4.75 -2.21 -5.15
C LEU J 76 3.29 -1.79 -5.32
N ASP J 77 2.94 -1.42 -6.56
CA ASP J 77 1.60 -0.97 -6.93
C ASP J 77 0.69 -2.13 -7.30
N ASP J 78 -0.53 -2.15 -6.73
CA ASP J 78 -1.47 -3.23 -7.02
C ASP J 78 -1.59 -3.51 -8.51
N GLY J 79 -1.63 -2.47 -9.35
CA GLY J 79 -1.99 -2.71 -10.74
C GLY J 79 -0.85 -3.18 -11.62
N LYS J 80 0.38 -3.13 -11.12
CA LYS J 80 1.54 -3.54 -11.92
C LYS J 80 1.63 -5.06 -12.00
N THR J 81 2.14 -5.54 -13.13
CA THR J 81 2.44 -6.95 -13.27
C THR J 81 3.75 -7.30 -12.57
N LEU J 82 3.90 -8.59 -12.26
CA LEU J 82 5.12 -9.06 -11.64
C LEU J 82 6.31 -8.83 -12.56
N GLY J 83 6.11 -9.05 -13.85
CA GLY J 83 7.15 -8.76 -14.83
C GLY J 83 7.66 -7.33 -14.73
N GLU J 84 6.74 -6.37 -14.66
CA GLU J 84 7.11 -4.96 -14.59
C GLU J 84 7.84 -4.62 -13.30
N CYS J 85 7.58 -5.38 -12.24
CA CYS J 85 8.29 -5.24 -10.97
C CYS J 85 9.65 -5.94 -10.97
N GLY J 86 10.00 -6.64 -12.05
CA GLY J 86 11.31 -7.24 -12.21
C GLY J 86 11.40 -8.68 -11.79
N PHE J 87 10.26 -9.33 -11.61
CA PHE J 87 10.17 -10.77 -11.37
C PHE J 87 10.01 -11.46 -12.72
N THR J 88 11.06 -12.11 -13.19
CA THR J 88 11.06 -12.79 -14.48
C THR J 88 11.52 -14.22 -14.27
N SER J 89 11.30 -15.06 -15.29
CA SER J 89 11.84 -16.42 -15.31
C SER J 89 13.33 -16.49 -15.02
N GLN J 90 14.11 -15.49 -15.43
CA GLN J 90 15.56 -15.58 -15.18
C GLN J 90 15.85 -15.40 -13.70
N THR J 91 15.10 -14.52 -13.02
CA THR J 91 15.45 -14.02 -11.69
C THR J 91 14.64 -14.68 -10.59
N ALA J 92 13.58 -15.40 -10.95
CA ALA J 92 12.60 -15.89 -10.01
C ALA J 92 12.37 -17.35 -10.39
N ARG J 93 13.35 -18.18 -10.10
CA ARG J 93 13.53 -19.56 -10.50
C ARG J 93 13.07 -20.52 -9.40
N PRO J 94 12.59 -21.72 -9.76
CA PRO J 94 12.11 -22.66 -8.74
C PRO J 94 13.14 -22.95 -7.67
N GLN J 95 14.40 -23.12 -8.06
CA GLN J 95 15.48 -23.49 -7.16
C GLN J 95 16.14 -22.28 -6.54
N ALA J 96 15.72 -21.08 -6.94
CA ALA J 96 16.25 -19.83 -6.37
C ALA J 96 15.19 -18.75 -6.50
N PRO J 97 14.12 -18.84 -5.70
CA PRO J 97 12.99 -17.91 -5.86
C PRO J 97 13.31 -16.49 -5.42
N ALA J 98 12.57 -15.55 -5.99
CA ALA J 98 12.73 -14.14 -5.67
C ALA J 98 11.94 -13.81 -4.41
N THR J 99 12.46 -12.84 -3.65
CA THR J 99 11.86 -12.41 -2.40
C THR J 99 10.90 -11.23 -2.60
N VAL J 100 9.66 -11.40 -2.13
CA VAL J 100 8.71 -10.31 -1.96
C VAL J 100 8.58 -9.99 -0.48
N GLY J 101 8.85 -8.73 -0.10
CA GLY J 101 8.58 -8.27 1.26
C GLY J 101 7.09 -8.02 1.50
N LEU J 102 6.64 -8.31 2.72
CA LEU J 102 5.26 -8.09 3.10
C LEU J 102 5.20 -7.36 4.42
N ALA J 103 4.41 -6.28 4.48
CA ALA J 103 4.12 -5.61 5.74
C ALA J 103 2.61 -5.48 5.90
N PHE J 104 2.16 -5.68 7.13
CA PHE J 104 0.77 -5.59 7.53
C PHE J 104 0.43 -4.26 8.21
N ARG J 105 -0.80 -3.83 8.02
CA ARG J 105 -1.37 -2.81 8.88
C ARG J 105 -1.62 -3.36 10.27
N ALA J 106 -1.09 -2.66 11.28
CA ALA J 106 -1.29 -2.99 12.69
C ALA J 106 -2.09 -1.85 13.29
N ASP J 107 -3.41 -2.07 13.41
CA ASP J 107 -4.36 -1.09 13.93
C ASP J 107 -4.42 0.14 13.02
N ASP J 108 -3.89 1.27 13.49
CA ASP J 108 -4.00 2.51 12.74
C ASP J 108 -3.14 2.45 11.47
N THR J 109 -1.86 2.17 11.62
CA THR J 109 -0.86 2.47 10.60
C THR J 109 -0.16 1.16 10.22
N PHE J 110 0.61 1.22 9.13
CA PHE J 110 1.35 0.04 8.67
C PHE J 110 2.63 -0.11 9.47
N GLU J 111 2.90 -1.34 9.88
CA GLU J 111 4.21 -1.66 10.44
C GLU J 111 5.31 -1.44 9.40
N ALA J 112 6.51 -1.15 9.90
CA ALA J 112 7.69 -1.16 9.05
C ALA J 112 7.92 -2.55 8.48
N LEU J 113 8.37 -2.59 7.23
CA LEU J 113 8.88 -3.81 6.61
C LEU J 113 9.99 -4.44 7.45
N ILE J 115 12.13 -8.26 7.92
CA ILE J 115 12.32 -9.63 7.47
C ILE J 115 13.44 -10.27 8.28
N GLU J 116 13.11 -11.30 9.06
CA GLU J 116 14.15 -11.94 9.85
C GLU J 116 15.05 -12.78 8.95
N PRO J 117 16.36 -12.61 9.03
CA PRO J 117 17.27 -13.50 8.27
C PRO J 117 17.15 -14.94 8.73
N PHE J 118 17.41 -15.85 7.80
CA PHE J 118 17.57 -17.25 8.16
C PHE J 118 18.79 -17.42 9.06
N SER J 119 18.83 -18.53 9.78
CA SER J 119 20.03 -18.92 10.53
C SER J 119 21.27 -18.94 9.64
N SER J 120 22.42 -18.77 10.26
CA SER J 120 23.74 -18.83 9.63
C SER J 120 24.27 -20.26 9.61
N PRO J 121 24.77 -20.75 8.48
CA PRO J 121 25.42 -22.06 8.50
C PRO J 121 26.67 -22.00 9.36
N PRO J 122 27.11 -23.13 9.92
CA PRO J 122 28.42 -23.13 10.57
C PRO J 122 29.51 -22.94 9.53
N GLU J 123 30.71 -22.70 10.04
CA GLU J 123 31.89 -22.70 9.20
C GLU J 123 32.07 -24.01 8.46
N LEU J 124 32.52 -23.88 7.23
CA LEU J 124 33.01 -25.02 6.46
C LEU J 124 34.06 -25.77 7.27
N PRO J 125 33.93 -27.09 7.42
CA PRO J 125 35.04 -27.88 7.98
C PRO J 125 36.31 -27.79 7.14
N ASP J 126 37.44 -28.11 7.78
CA ASP J 126 38.73 -28.02 7.11
C ASP J 126 38.74 -28.90 5.85
N VAL J 127 38.24 -30.12 5.98
CA VAL J 127 38.27 -31.18 4.98
C VAL J 127 37.38 -30.84 3.79
N MET J 128 36.65 -29.73 3.89
CA MET J 128 35.83 -29.24 2.79
C MET J 128 36.43 -28.01 2.12
N LYS J 129 37.63 -27.60 2.52
CA LYS J 129 38.33 -26.50 1.87
C LYS J 129 38.70 -26.86 0.43
N MET K 1 -6.07 -23.97 -3.27
CA MET K 1 -4.81 -24.65 -3.05
C MET K 1 -4.59 -24.79 -1.51
N MET K 2 -4.43 -26.04 -1.05
CA MET K 2 -4.05 -26.38 0.32
C MET K 2 -2.59 -25.99 0.56
N TYR K 3 -2.34 -25.31 1.67
CA TYR K 3 -1.00 -25.04 2.16
C TYR K 3 -0.75 -25.79 3.46
N VAL K 4 0.53 -25.96 3.78
CA VAL K 4 0.98 -26.53 5.05
C VAL K 4 2.17 -25.72 5.56
N LYS K 5 2.35 -25.76 6.87
CA LYS K 5 3.39 -24.98 7.53
C LYS K 5 4.50 -25.91 8.05
N LEU K 6 5.74 -25.61 7.68
CA LEU K 6 6.90 -26.33 8.20
C LEU K 6 7.72 -25.35 9.02
N ILE K 7 7.98 -25.69 10.28
CA ILE K 7 8.64 -24.78 11.20
C ILE K 7 10.05 -25.28 11.48
N SER K 8 11.04 -24.42 11.24
CA SER K 8 12.42 -24.76 11.46
C SER K 8 12.72 -24.76 12.97
N SER K 9 13.92 -25.25 13.31
CA SER K 9 14.32 -25.32 14.71
C SER K 9 14.41 -23.93 15.34
N ASP K 10 14.80 -22.92 14.57
CA ASP K 10 14.94 -21.55 15.05
C ASP K 10 13.65 -20.75 14.90
N GLY K 11 12.53 -21.44 14.68
CA GLY K 11 11.20 -20.86 14.65
C GLY K 11 10.76 -20.17 13.38
N HIS K 12 11.51 -20.26 12.29
CA HIS K 12 11.01 -19.73 11.03
C HIS K 12 9.88 -20.62 10.54
N GLU K 13 8.80 -20.02 10.08
CA GLU K 13 7.67 -20.75 9.55
C GLU K 13 7.65 -20.65 8.03
N PHE K 14 7.75 -21.80 7.37
CA PHE K 14 7.70 -21.92 5.91
C PHE K 14 6.36 -22.50 5.50
N ILE K 15 5.63 -21.75 4.66
CA ILE K 15 4.33 -22.17 4.14
C ILE K 15 4.49 -22.52 2.67
N VAL K 16 4.20 -23.78 2.32
CA VAL K 16 4.40 -24.33 0.99
C VAL K 16 3.10 -24.99 0.57
N LYS K 17 2.89 -25.09 -0.74
CA LYS K 17 1.75 -25.87 -1.20
C LYS K 17 1.84 -27.26 -0.56
N ARG K 18 0.71 -27.75 -0.07
CA ARG K 18 0.71 -29.08 0.51
C ARG K 18 1.26 -30.10 -0.49
N GLU K 19 0.74 -30.06 -1.73
CA GLU K 19 1.15 -30.99 -2.78
C GLU K 19 2.67 -31.00 -2.95
N HIS K 20 3.31 -29.83 -2.79
CA HIS K 20 4.77 -29.81 -2.90
C HIS K 20 5.39 -30.53 -1.72
N ALA K 21 4.85 -30.32 -0.52
CA ALA K 21 5.40 -30.95 0.69
C ALA K 21 5.27 -32.46 0.62
N LEU K 22 4.24 -32.97 -0.06
CA LEU K 22 4.04 -34.41 -0.17
C LEU K 22 5.12 -35.11 -0.99
N THR K 23 5.98 -34.38 -1.68
CA THR K 23 7.22 -34.97 -2.19
C THR K 23 7.96 -35.76 -1.12
N SER K 24 7.89 -35.33 0.13
CA SER K 24 8.57 -36.02 1.21
C SER K 24 7.65 -37.11 1.74
N GLY K 25 8.12 -38.37 1.67
CA GLY K 25 7.37 -39.46 2.25
C GLY K 25 7.17 -39.27 3.74
N THR K 26 8.20 -38.78 4.42
CA THR K 26 8.12 -38.55 5.86
C THR K 26 7.01 -37.55 6.19
N ILE K 27 6.97 -36.42 5.47
CA ILE K 27 5.98 -35.38 5.77
C ILE K 27 4.58 -35.89 5.48
N LYS K 28 4.39 -36.62 4.37
CA LYS K 28 3.08 -37.19 4.06
C LYS K 28 2.56 -38.01 5.26
N ALA K 29 3.46 -38.78 5.87
CA ALA K 29 3.11 -39.60 7.04
C ALA K 29 2.77 -38.72 8.25
N MET K 30 3.56 -37.67 8.47
CA MET K 30 3.35 -36.80 9.63
C MET K 30 2.01 -36.08 9.56
N LEU K 31 1.54 -35.82 8.34
CA LEU K 31 0.30 -35.09 8.15
C LEU K 31 -0.91 -36.01 8.11
N SER K 32 -0.70 -37.32 8.05
CA SER K 32 -1.78 -38.30 8.05
C SER K 32 -1.72 -39.16 9.30
N THR K 42 -3.60 -32.93 10.34
CA THR K 42 -2.81 -31.78 10.77
C THR K 42 -2.27 -30.97 9.58
N ASN K 43 -2.03 -29.67 9.78
CA ASN K 43 -1.45 -28.82 8.74
C ASN K 43 -0.12 -28.19 9.14
N GLU K 44 0.51 -28.65 10.21
CA GLU K 44 1.69 -28.03 10.77
C GLU K 44 2.65 -29.14 11.14
N VAL K 45 3.94 -28.94 10.91
CA VAL K 45 4.96 -29.92 11.28
C VAL K 45 6.14 -29.16 11.88
N ASN K 46 6.65 -29.63 13.03
CA ASN K 46 7.83 -29.04 13.63
C ASN K 46 9.07 -29.88 13.37
N PHE K 47 10.18 -29.21 13.07
CA PHE K 47 11.47 -29.87 12.88
C PHE K 47 12.47 -29.30 13.88
N ARG K 48 12.58 -29.94 15.04
CA ARG K 48 13.44 -29.42 16.09
C ARG K 48 14.92 -29.49 15.73
N GLU K 49 15.28 -30.23 14.70
CA GLU K 49 16.66 -30.47 14.32
C GLU K 49 17.08 -29.87 12.97
N ILE K 50 16.18 -29.17 12.28
CA ILE K 50 16.51 -28.58 10.97
C ILE K 50 16.44 -27.07 11.12
N PRO K 51 17.57 -26.36 11.03
CA PRO K 51 17.55 -24.90 11.04
C PRO K 51 17.03 -24.29 9.75
N SER K 52 16.71 -22.99 9.82
CA SER K 52 15.99 -22.30 8.74
C SER K 52 16.81 -22.23 7.46
N HIS K 53 18.13 -22.04 7.57
CA HIS K 53 18.98 -22.01 6.38
C HIS K 53 19.00 -23.34 5.65
N VAL K 54 18.59 -24.42 6.31
CA VAL K 54 18.48 -25.74 5.67
C VAL K 54 17.06 -25.97 5.19
N LEU K 55 16.06 -25.65 6.02
CA LEU K 55 14.68 -25.97 5.67
C LEU K 55 14.23 -25.14 4.48
N SER K 56 14.73 -23.89 4.37
CA SER K 56 14.40 -23.07 3.20
C SER K 56 14.82 -23.78 1.92
N LYS K 57 16.01 -24.39 1.93
CA LYS K 57 16.51 -25.09 0.74
C LYS K 57 15.68 -26.31 0.44
N VAL K 58 15.25 -27.03 1.48
CA VAL K 58 14.33 -28.16 1.29
C VAL K 58 13.09 -27.69 0.54
N CYS K 59 12.52 -26.54 0.96
CA CYS K 59 11.32 -26.03 0.29
C CYS K 59 11.62 -25.66 -1.15
N MET K 60 12.80 -25.09 -1.40
CA MET K 60 13.19 -24.79 -2.79
C MET K 60 13.24 -26.08 -3.59
N TYR K 61 13.71 -27.17 -2.96
CA TYR K 61 13.82 -28.43 -3.66
C TYR K 61 12.43 -28.92 -4.07
N PHE K 62 11.46 -28.84 -3.14
CA PHE K 62 10.10 -29.22 -3.50
C PHE K 62 9.65 -28.47 -4.76
N THR K 63 9.86 -27.15 -4.81
CA THR K 63 9.41 -26.40 -5.97
C THR K 63 10.12 -26.91 -7.22
N TYR K 64 11.44 -27.05 -7.13
CA TYR K 64 12.27 -27.58 -8.24
C TYR K 64 11.76 -28.94 -8.73
N LYS K 65 11.54 -29.88 -7.79
CA LYS K 65 11.10 -31.24 -8.12
C LYS K 65 9.74 -31.25 -8.80
N VAL K 66 8.79 -30.48 -8.26
CA VAL K 66 7.45 -30.44 -8.85
C VAL K 66 7.52 -29.79 -10.23
N ARG K 67 8.35 -28.75 -10.38
CA ARG K 67 8.42 -28.04 -11.66
C ARG K 67 8.99 -28.92 -12.78
N TYR K 68 10.04 -29.68 -12.50
CA TYR K 68 10.80 -30.35 -13.56
C TYR K 68 10.48 -31.82 -13.77
N THR K 69 9.70 -32.45 -12.89
CA THR K 69 9.27 -33.83 -13.12
C THR K 69 8.38 -33.94 -14.35
N ASN K 70 8.71 -34.88 -15.22
CA ASN K 70 7.98 -35.14 -16.47
C ASN K 70 7.88 -33.85 -17.30
N SER K 71 9.06 -33.30 -17.59
CA SER K 71 9.17 -32.06 -18.33
C SER K 71 10.24 -32.22 -19.41
N SER K 72 9.89 -31.84 -20.64
CA SER K 72 10.88 -31.83 -21.72
C SER K 72 11.79 -30.61 -21.65
N THR K 73 11.28 -29.47 -21.16
CA THR K 73 12.11 -28.29 -20.96
C THR K 73 13.35 -28.62 -20.13
N GLU K 74 14.51 -28.29 -20.70
CA GLU K 74 15.79 -28.76 -20.18
C GLU K 74 15.92 -28.38 -18.70
N ILE K 75 16.41 -29.33 -17.92
CA ILE K 75 16.46 -29.27 -16.46
C ILE K 75 17.78 -28.66 -16.02
N PRO K 76 17.74 -27.63 -15.18
CA PRO K 76 18.96 -27.06 -14.61
C PRO K 76 19.42 -27.77 -13.34
N GLU K 77 20.65 -27.44 -12.94
CA GLU K 77 21.28 -28.06 -11.79
C GLU K 77 20.57 -27.54 -10.54
N PHE K 78 20.23 -28.43 -9.63
CA PHE K 78 19.89 -27.93 -8.29
C PHE K 78 21.14 -27.50 -7.53
N PRO K 79 21.32 -26.22 -7.22
CA PRO K 79 22.57 -25.80 -6.57
C PRO K 79 22.51 -25.98 -5.05
N ILE K 80 23.64 -26.39 -4.47
CA ILE K 80 23.77 -26.52 -3.03
C ILE K 80 25.12 -25.91 -2.64
N ALA K 81 25.08 -24.85 -1.84
CA ALA K 81 26.30 -24.23 -1.31
C ALA K 81 27.05 -25.20 -0.40
N PRO K 82 28.38 -25.27 -0.52
CA PRO K 82 29.19 -26.14 0.37
C PRO K 82 28.84 -26.04 1.85
N GLU K 83 28.59 -24.82 2.34
CA GLU K 83 28.43 -24.54 3.77
C GLU K 83 27.22 -25.25 4.36
N ILE K 84 26.24 -25.59 3.54
CA ILE K 84 24.99 -26.20 4.00
C ILE K 84 24.90 -27.66 3.59
N ALA K 85 25.88 -28.16 2.83
CA ALA K 85 25.77 -29.49 2.22
C ALA K 85 25.54 -30.58 3.26
N LEU K 86 26.30 -30.56 4.36
CA LEU K 86 26.21 -31.66 5.33
C LEU K 86 24.84 -31.67 6.00
N GLU K 87 24.35 -30.48 6.40
CA GLU K 87 23.07 -30.39 7.10
C GLU K 87 21.93 -30.68 6.15
N LEU K 88 22.07 -30.27 4.90
CA LEU K 88 21.03 -30.61 3.93
C LEU K 88 20.98 -32.12 3.74
N LEU K 89 22.15 -32.76 3.67
CA LEU K 89 22.19 -34.22 3.58
C LEU K 89 21.49 -34.87 4.76
N MET K 90 21.77 -34.40 5.99
CA MET K 90 21.09 -35.00 7.15
C MET K 90 19.58 -34.75 7.04
N ALA K 91 19.17 -33.54 6.63
CA ALA K 91 17.74 -33.28 6.52
C ALA K 91 17.12 -34.13 5.43
N ALA K 92 17.81 -34.25 4.29
CA ALA K 92 17.27 -35.00 3.17
C ALA K 92 17.09 -36.47 3.55
N ASN K 93 18.05 -37.02 4.30
CA ASN K 93 17.96 -38.39 4.77
C ASN K 93 16.68 -38.60 5.60
N PHE K 94 16.42 -37.66 6.53
CA PHE K 94 15.23 -37.76 7.36
C PHE K 94 13.96 -37.66 6.53
N LEU K 95 13.94 -36.73 5.58
CA LEU K 95 12.71 -36.41 4.85
C LEU K 95 12.44 -37.38 3.71
N ASP K 96 13.44 -38.18 3.32
CA ASP K 96 13.30 -39.13 2.22
C ASP K 96 12.81 -38.39 0.98
N CYS K 97 13.51 -37.29 0.67
CA CYS K 97 13.18 -36.44 -0.47
C CYS K 97 14.41 -36.31 -1.37
N VAL L 52 21.82 -61.33 -20.96
CA VAL L 52 22.78 -60.28 -20.70
C VAL L 52 22.34 -59.02 -21.43
N LEU L 53 22.71 -57.86 -20.88
CA LEU L 53 22.55 -56.56 -21.52
C LEU L 53 23.72 -56.29 -22.44
N ARG L 54 23.51 -56.46 -23.75
CA ARG L 54 24.59 -56.29 -24.70
C ARG L 54 24.04 -55.88 -26.05
N SER L 55 24.90 -55.25 -26.85
CA SER L 55 24.55 -54.91 -28.22
C SER L 55 24.40 -56.15 -29.10
N VAL L 56 23.43 -56.09 -30.02
CA VAL L 56 23.34 -57.04 -31.12
C VAL L 56 24.26 -56.59 -32.25
N ASN L 57 25.02 -57.54 -32.79
CA ASN L 57 25.93 -57.25 -33.90
C ASN L 57 25.13 -57.31 -35.21
N SER L 58 24.28 -56.29 -35.39
CA SER L 58 23.40 -56.22 -36.55
C SER L 58 24.19 -55.87 -37.80
N ARG L 59 25.24 -55.08 -37.62
CA ARG L 59 25.99 -54.45 -38.70
C ARG L 59 25.12 -53.56 -39.60
N GLU L 60 24.02 -53.04 -39.06
CA GLU L 60 23.15 -52.18 -39.85
C GLU L 60 23.35 -50.76 -39.36
N PRO L 61 24.11 -49.94 -40.09
CA PRO L 61 24.42 -48.58 -39.62
C PRO L 61 23.17 -47.78 -39.26
N SER L 62 23.32 -46.95 -38.21
CA SER L 62 22.29 -46.00 -37.82
C SER L 62 22.98 -44.70 -37.41
N GLN L 63 22.60 -43.59 -38.06
CA GLN L 63 23.16 -42.28 -37.73
C GLN L 63 22.39 -41.67 -36.56
N VAL L 64 23.13 -41.09 -35.62
CA VAL L 64 22.60 -40.60 -34.35
C VAL L 64 23.24 -39.25 -34.04
N ILE L 65 22.46 -38.34 -33.47
CA ILE L 65 23.01 -37.13 -32.85
C ILE L 65 23.02 -37.34 -31.34
N PHE L 66 24.22 -37.35 -30.76
CA PHE L 66 24.37 -37.27 -29.31
C PHE L 66 24.27 -35.81 -28.91
N ASN L 68 23.90 -33.14 -25.95
CA ASN L 68 24.06 -32.98 -24.51
C ASN L 68 23.28 -31.78 -23.94
N ARG L 69 22.04 -32.00 -23.50
CA ARG L 69 21.23 -30.95 -22.88
C ARG L 69 21.31 -30.98 -21.36
N SER L 70 22.49 -31.15 -20.83
CA SER L 70 22.78 -31.17 -19.40
C SER L 70 23.92 -30.20 -19.14
N PRO L 71 24.13 -29.80 -17.90
CA PRO L 71 25.32 -29.00 -17.56
C PRO L 71 26.57 -29.81 -17.25
N ARG L 72 26.54 -31.12 -17.44
CA ARG L 72 27.67 -31.99 -17.12
C ARG L 72 28.49 -32.31 -18.38
N VAL L 73 29.78 -32.58 -18.18
CA VAL L 73 30.58 -33.29 -19.18
C VAL L 73 30.06 -34.72 -19.27
N VAL L 74 29.64 -35.13 -20.45
CA VAL L 74 28.97 -36.40 -20.66
C VAL L 74 29.95 -37.41 -21.22
N LEU L 75 29.96 -38.61 -20.62
CA LEU L 75 30.67 -39.79 -21.10
C LEU L 75 29.67 -40.73 -21.73
N PRO L 76 29.71 -40.93 -23.05
CA PRO L 76 28.92 -42.01 -23.64
C PRO L 76 29.56 -43.35 -23.36
N VAL L 77 28.72 -44.34 -23.08
CA VAL L 77 29.20 -45.69 -22.79
C VAL L 77 28.42 -46.63 -23.69
N TRP L 78 29.14 -47.36 -24.53
CA TRP L 78 28.56 -48.39 -25.39
C TRP L 78 28.71 -49.73 -24.68
N LEU L 79 27.61 -50.48 -24.58
CA LEU L 79 27.67 -51.87 -24.14
C LEU L 79 28.11 -52.73 -25.32
N ASN L 80 29.31 -53.32 -25.23
CA ASN L 80 29.88 -54.07 -26.34
C ASN L 80 29.16 -55.41 -26.46
N PHE L 81 29.67 -56.25 -27.37
CA PHE L 81 28.98 -57.49 -27.74
C PHE L 81 29.05 -58.54 -26.64
N ASP L 82 29.97 -58.41 -25.69
CA ASP L 82 30.00 -59.24 -24.49
C ASP L 82 29.26 -58.63 -23.31
N GLY L 83 28.75 -57.40 -23.45
CA GLY L 83 28.12 -56.70 -22.36
C GLY L 83 29.06 -55.85 -21.53
N GLU L 84 30.31 -55.73 -21.93
CA GLU L 84 31.25 -54.88 -21.21
C GLU L 84 31.08 -53.42 -21.61
N PRO L 85 31.01 -52.51 -20.64
CA PRO L 85 30.92 -51.08 -20.95
C PRO L 85 32.20 -50.54 -21.58
N GLN L 86 32.04 -49.86 -22.72
CA GLN L 86 33.15 -49.21 -23.44
C GLN L 86 32.94 -47.71 -23.48
N PRO L 87 33.81 -46.94 -22.82
CA PRO L 87 33.69 -45.48 -22.87
C PRO L 87 34.11 -44.93 -24.22
N TYR L 88 33.42 -43.87 -24.63
CA TYR L 88 33.63 -43.16 -25.90
C TYR L 88 33.99 -41.71 -25.60
N PRO L 89 34.45 -40.95 -26.59
CA PRO L 89 34.89 -39.58 -26.31
C PRO L 89 33.78 -38.72 -25.71
N THR L 90 34.18 -37.80 -24.84
CA THR L 90 33.26 -37.06 -23.98
C THR L 90 32.64 -35.90 -24.75
N LEU L 91 31.49 -35.43 -24.27
CA LEU L 91 30.80 -34.27 -24.85
C LEU L 91 30.76 -33.13 -23.84
N PRO L 92 31.28 -31.94 -24.15
CA PRO L 92 31.07 -30.77 -23.29
C PRO L 92 29.60 -30.42 -23.13
N PRO L 93 29.27 -29.70 -22.06
CA PRO L 93 27.88 -29.22 -21.86
C PRO L 93 27.34 -28.44 -23.04
N GLY L 94 26.11 -28.77 -23.44
CA GLY L 94 25.43 -28.03 -24.48
C GLY L 94 25.94 -28.24 -25.89
N THR L 95 26.72 -29.29 -26.13
CA THR L 95 27.22 -29.61 -27.46
C THR L 95 26.53 -30.85 -28.01
N GLY L 96 26.59 -31.00 -29.33
CA GLY L 96 26.06 -32.16 -30.00
C GLY L 96 27.08 -32.70 -30.98
N ARG L 97 26.89 -33.96 -31.36
CA ARG L 97 27.80 -34.65 -32.28
C ARG L 97 27.03 -35.65 -33.11
N ARG L 98 27.23 -35.63 -34.43
CA ARG L 98 26.71 -36.69 -35.28
C ARG L 98 27.65 -37.88 -35.19
N ILE L 99 27.12 -39.05 -34.87
CA ILE L 99 27.98 -40.23 -34.68
C ILE L 99 27.35 -41.41 -35.40
N HIS L 100 28.19 -42.36 -35.78
CA HIS L 100 27.79 -43.56 -36.50
C HIS L 100 27.67 -44.76 -35.55
N SER L 101 26.46 -45.28 -35.41
CA SER L 101 26.21 -46.47 -34.62
C SER L 101 25.45 -47.48 -35.47
N TYR L 102 24.72 -48.38 -34.82
CA TYR L 102 24.11 -49.53 -35.50
C TYR L 102 22.81 -49.90 -34.82
N ARG L 103 21.87 -50.42 -35.60
CA ARG L 103 20.61 -50.89 -35.02
C ARG L 103 20.90 -51.92 -33.95
N GLY L 104 20.26 -51.78 -32.80
CA GLY L 104 20.37 -52.81 -31.78
C GLY L 104 21.55 -52.68 -30.88
N HIS L 105 22.34 -51.61 -31.02
CA HIS L 105 23.45 -51.33 -30.12
C HIS L 105 22.89 -50.67 -28.87
N LEU L 106 23.55 -50.92 -27.74
CA LEU L 106 23.06 -50.40 -26.48
C LEU L 106 23.97 -49.27 -25.98
N TRP L 107 23.36 -48.16 -25.56
CA TRP L 107 24.10 -47.01 -25.03
C TRP L 107 23.53 -46.55 -23.70
N LEU L 108 24.41 -46.04 -22.83
CA LEU L 108 24.00 -45.28 -21.67
C LEU L 108 24.97 -44.13 -21.51
N PHE L 109 24.61 -43.15 -20.67
CA PHE L 109 25.33 -41.89 -20.58
C PHE L 109 25.52 -41.52 -19.13
N ARG L 110 26.73 -41.08 -18.79
CA ARG L 110 27.11 -40.72 -17.43
C ARG L 110 27.85 -39.40 -17.42
N ASP L 111 27.92 -38.79 -16.24
CA ASP L 111 28.86 -37.71 -15.98
C ASP L 111 30.29 -38.22 -16.06
N ALA L 112 31.10 -37.58 -16.90
CA ALA L 112 32.47 -38.05 -17.16
C ALA L 112 33.33 -37.98 -15.91
N GLY L 113 33.08 -37.03 -15.02
CA GLY L 113 33.93 -36.88 -13.84
C GLY L 113 33.52 -37.78 -12.69
N THR L 114 32.21 -37.96 -12.48
CA THR L 114 31.69 -38.57 -11.27
C THR L 114 30.93 -39.87 -11.52
N HIS L 115 30.54 -40.14 -12.76
CA HIS L 115 29.74 -41.29 -13.17
C HIS L 115 28.29 -41.23 -12.70
N ASP L 116 27.82 -40.09 -12.18
CA ASP L 116 26.39 -39.91 -11.98
C ASP L 116 25.59 -40.36 -13.20
N GLY L 117 24.49 -41.05 -12.94
CA GLY L 117 23.59 -41.47 -14.01
C GLY L 117 22.92 -40.27 -14.64
N LEU L 118 22.82 -40.29 -15.97
CA LEU L 118 22.12 -39.30 -16.77
C LEU L 118 21.04 -40.00 -17.60
N LEU L 119 20.05 -39.23 -18.04
CA LEU L 119 18.99 -39.75 -18.89
C LEU L 119 19.27 -39.47 -20.35
N VAL L 120 18.77 -40.36 -21.21
CA VAL L 120 18.83 -40.18 -22.66
C VAL L 120 17.44 -40.45 -23.20
N ASN L 121 16.84 -39.45 -23.87
CA ASN L 121 15.42 -39.51 -24.25
C ASN L 121 14.58 -39.96 -23.06
N GLN L 122 14.86 -39.37 -21.91
CA GLN L 122 14.12 -39.52 -20.65
C GLN L 122 14.20 -40.93 -20.07
N THR L 123 15.18 -41.73 -20.50
CA THR L 123 15.43 -43.06 -19.97
C THR L 123 16.95 -43.34 -19.91
N GLU L 124 17.30 -44.54 -19.43
CA GLU L 124 18.69 -44.94 -19.17
C GLU L 124 19.37 -45.45 -20.43
N LEU L 125 18.66 -46.21 -21.24
CA LEU L 125 19.27 -46.91 -22.34
C LEU L 125 18.79 -46.30 -23.64
N PHE L 126 19.70 -46.17 -24.60
CA PHE L 126 19.40 -45.73 -25.95
C PHE L 126 19.77 -46.80 -26.96
N VAL L 127 18.81 -47.18 -27.80
CA VAL L 127 19.02 -48.15 -28.88
C VAL L 127 18.80 -47.41 -30.20
N PRO L 128 19.85 -47.21 -31.00
CA PRO L 128 19.65 -46.66 -32.35
C PRO L 128 18.69 -47.53 -33.15
N SER L 129 17.78 -46.88 -33.88
CA SER L 129 16.85 -47.55 -34.76
C SER L 129 17.11 -47.19 -36.23
N LEU L 130 16.27 -47.75 -37.10
CA LEU L 130 16.36 -47.50 -38.53
C LEU L 130 16.11 -46.01 -38.80
N ASN L 131 16.97 -45.37 -39.61
CA ASN L 131 16.77 -43.96 -39.95
C ASN L 131 15.70 -43.80 -41.02
N VAL L 132 14.66 -43.04 -40.68
CA VAL L 132 13.56 -42.72 -41.59
C VAL L 132 13.82 -41.40 -42.33
N ASP L 133 13.77 -41.45 -43.66
CA ASP L 133 13.95 -40.28 -44.53
C ASP L 133 15.27 -39.57 -44.26
N GLY L 134 16.33 -40.36 -44.08
CA GLY L 134 17.66 -39.80 -43.87
C GLY L 134 17.75 -38.93 -42.63
N GLN L 135 16.75 -39.00 -41.76
CA GLN L 135 16.80 -38.25 -40.53
C GLN L 135 17.65 -39.00 -39.50
N PRO L 136 18.66 -38.37 -38.92
CA PRO L 136 19.37 -39.02 -37.82
C PRO L 136 18.48 -39.07 -36.59
N ILE L 137 18.72 -40.06 -35.73
CA ILE L 137 17.98 -40.19 -34.48
C ILE L 137 18.67 -39.37 -33.39
N PHE L 138 17.88 -38.56 -32.71
CA PHE L 138 18.35 -37.72 -31.62
C PHE L 138 18.41 -38.52 -30.33
N ALA L 139 19.57 -38.48 -29.69
CA ALA L 139 19.79 -38.91 -28.31
C ALA L 139 19.94 -37.70 -27.41
N ASN L 140 18.85 -37.30 -26.77
CA ASN L 140 18.83 -36.12 -25.91
C ASN L 140 19.27 -36.55 -24.51
N ILE L 141 20.44 -36.07 -24.10
CA ILE L 141 21.03 -36.40 -22.81
C ILE L 141 20.70 -35.26 -21.84
N THR L 142 20.01 -35.56 -20.74
CA THR L 142 19.60 -34.54 -19.76
C THR L 142 19.98 -34.96 -18.36
N LEU L 143 20.09 -33.97 -17.46
CA LEU L 143 20.02 -34.26 -16.04
C LEU L 143 18.69 -34.91 -15.69
N PRO L 144 18.69 -35.96 -14.87
CA PRO L 144 17.48 -36.32 -14.13
C PRO L 144 17.19 -35.31 -13.02
N VAL L 145 15.97 -35.36 -12.54
CA VAL L 145 15.63 -34.80 -11.24
C VAL L 145 16.17 -35.72 -10.16
N TYR L 146 17.39 -35.46 -9.70
CA TYR L 146 17.94 -36.26 -8.61
C TYR L 146 17.12 -36.06 -7.34
N THR L 147 17.05 -37.12 -6.52
CA THR L 147 16.54 -36.91 -5.18
C THR L 147 17.41 -35.88 -4.47
N LEU L 148 16.82 -35.18 -3.50
CA LEU L 148 17.60 -34.26 -2.70
C LEU L 148 18.78 -34.97 -2.04
N LYS L 149 18.55 -36.19 -1.53
CA LYS L 149 19.62 -36.95 -0.88
C LYS L 149 20.76 -37.24 -1.85
N GLU L 150 20.45 -37.73 -3.05
CA GLU L 150 21.51 -38.05 -4.01
C GLU L 150 22.29 -36.80 -4.37
N ARG L 151 21.59 -35.67 -4.57
CA ARG L 151 22.24 -34.42 -4.93
C ARG L 151 23.20 -33.98 -3.83
N CYS L 152 22.77 -34.07 -2.57
CA CYS L 152 23.66 -33.73 -1.46
C CYS L 152 24.89 -34.64 -1.46
N LEU L 153 24.71 -35.95 -1.66
CA LEU L 153 25.85 -36.86 -1.72
C LEU L 153 26.83 -36.40 -2.79
N GLN L 154 26.31 -35.97 -3.95
CA GLN L 154 27.17 -35.52 -5.04
C GLN L 154 28.03 -34.35 -4.57
N VAL L 155 27.41 -33.38 -3.90
CA VAL L 155 28.14 -32.16 -3.55
C VAL L 155 29.18 -32.45 -2.48
N VAL L 156 28.82 -33.29 -1.50
CA VAL L 156 29.78 -33.62 -0.46
C VAL L 156 30.95 -34.42 -1.04
N ARG L 157 30.68 -35.39 -1.92
CA ARG L 157 31.77 -36.09 -2.59
C ARG L 157 32.68 -35.13 -3.34
N SER L 158 32.12 -34.05 -3.91
CA SER L 158 32.93 -33.10 -4.66
C SER L 158 33.87 -32.29 -3.78
N LEU L 159 33.60 -32.20 -2.48
CA LEU L 159 34.36 -31.31 -1.59
C LEU L 159 35.36 -32.03 -0.70
N VAL L 160 35.16 -33.32 -0.44
CA VAL L 160 35.86 -34.05 0.60
C VAL L 160 36.55 -35.24 -0.06
N LYS L 161 37.86 -35.33 0.12
CA LYS L 161 38.63 -36.47 -0.35
C LYS L 161 38.13 -37.75 0.32
N PRO L 162 37.96 -38.84 -0.44
CA PRO L 162 37.36 -40.07 0.13
C PRO L 162 38.07 -40.62 1.36
N GLU L 163 39.35 -40.29 1.57
CA GLU L 163 40.01 -40.65 2.81
C GLU L 163 39.33 -40.01 4.03
N ASN L 164 38.61 -38.91 3.81
CA ASN L 164 38.08 -38.00 4.82
C ASN L 164 36.60 -38.21 5.13
N TYR L 165 35.90 -39.07 4.38
CA TYR L 165 34.46 -39.23 4.60
C TYR L 165 34.17 -39.46 6.07
N ARG L 166 34.92 -40.37 6.71
CA ARG L 166 34.68 -40.69 8.12
C ARG L 166 35.06 -39.53 9.06
N ARG L 167 35.78 -38.53 8.57
CA ARG L 167 36.11 -37.33 9.35
C ARG L 167 35.03 -36.28 9.21
N LEU L 168 33.77 -36.69 9.40
CA LEU L 168 32.63 -35.80 9.29
C LEU L 168 31.64 -36.10 10.41
N ASP L 169 30.95 -35.05 10.87
CA ASP L 169 29.97 -35.15 11.95
C ASP L 169 28.62 -35.50 11.36
N ILE L 170 28.43 -36.79 11.08
CA ILE L 170 27.19 -37.27 10.50
C ILE L 170 26.81 -38.62 11.08
N VAL L 171 25.54 -38.93 10.90
CA VAL L 171 24.91 -40.20 11.23
C VAL L 171 25.67 -41.30 10.49
N ARG L 172 26.50 -42.06 11.21
CA ARG L 172 27.35 -43.05 10.56
C ARG L 172 26.41 -44.05 9.88
N SER L 173 26.11 -43.76 8.62
CA SER L 173 25.28 -44.51 7.69
C SER L 173 25.52 -43.76 6.41
N LEU L 174 25.64 -42.43 6.56
CA LEU L 174 25.83 -41.55 5.43
C LEU L 174 27.25 -41.69 4.93
N TYR L 175 28.16 -42.11 5.82
CA TYR L 175 29.50 -42.48 5.38
C TYR L 175 29.41 -43.60 4.36
N GLU L 176 28.53 -44.60 4.61
CA GLU L 176 28.41 -45.73 3.69
C GLU L 176 27.77 -45.27 2.38
N ASP L 177 26.82 -44.32 2.48
CA ASP L 177 26.19 -43.76 1.29
C ASP L 177 27.18 -42.91 0.49
N LEU L 178 28.03 -42.15 1.17
CA LEU L 178 29.05 -41.37 0.46
C LEU L 178 30.01 -42.28 -0.31
N GLU L 179 30.47 -43.35 0.34
CA GLU L 179 31.49 -44.22 -0.26
C GLU L 179 30.92 -45.01 -1.44
N ASP L 180 29.62 -45.27 -1.44
CA ASP L 180 28.94 -46.03 -2.50
C ASP L 180 28.74 -45.14 -3.73
N HIS L 181 29.86 -44.82 -4.38
CA HIS L 181 29.88 -43.97 -5.56
C HIS L 181 29.02 -44.56 -6.69
N PRO L 182 28.51 -43.71 -7.58
CA PRO L 182 27.83 -44.21 -8.78
C PRO L 182 28.79 -45.00 -9.65
N ASN L 183 28.27 -46.03 -10.31
CA ASN L 183 29.11 -47.11 -10.84
C ASN L 183 28.32 -47.80 -11.93
N VAL L 184 28.83 -47.76 -13.16
CA VAL L 184 28.16 -48.37 -14.31
C VAL L 184 27.90 -49.85 -14.08
N GLN L 185 28.91 -50.58 -13.59
CA GLN L 185 28.79 -52.03 -13.44
C GLN L 185 27.63 -52.38 -12.51
N LYS L 186 27.54 -51.67 -11.37
CA LYS L 186 26.41 -51.85 -10.45
C LYS L 186 25.08 -51.61 -11.15
N ASP L 187 24.99 -50.52 -11.94
CA ASP L 187 23.72 -50.16 -12.56
C ASP L 187 23.33 -51.18 -13.64
N LEU L 188 24.32 -51.66 -14.41
CA LEU L 188 24.05 -52.74 -15.37
C LEU L 188 23.52 -53.97 -14.63
N GLU L 189 24.06 -54.26 -13.45
CA GLU L 189 23.54 -55.38 -12.66
C GLU L 189 22.07 -55.14 -12.35
N ARG L 190 21.72 -53.95 -11.86
CA ARG L 190 20.33 -53.66 -11.51
C ARG L 190 19.42 -53.77 -12.72
N LEU L 191 19.83 -53.14 -13.84
CA LEU L 191 19.00 -53.11 -15.04
C LEU L 191 18.77 -54.52 -15.56
N THR L 192 19.81 -55.37 -15.51
CA THR L 192 19.66 -56.75 -15.96
C THR L 192 18.65 -57.51 -15.12
N GLN L 193 18.62 -57.26 -13.81
CA GLN L 193 17.65 -57.95 -12.97
C GLN L 193 16.23 -57.48 -13.28
N GLU L 194 16.05 -56.17 -13.45
CA GLU L 194 14.75 -55.63 -13.78
C GLU L 194 14.27 -56.09 -15.14
N ARG L 195 15.19 -56.31 -16.09
CA ARG L 195 14.82 -56.82 -17.40
C ARG L 195 14.33 -58.26 -17.37
N ILE L 196 14.38 -58.92 -16.21
CA ILE L 196 13.80 -60.25 -16.04
C ILE L 196 12.44 -60.12 -15.38
N ALA L 197 11.64 -59.15 -15.85
CA ALA L 197 10.31 -58.91 -15.33
C ALA L 197 9.47 -58.16 -16.37
#